data_2JIX
#
_entry.id   2JIX
#
_cell.length_a   117.954
_cell.length_b   156.171
_cell.length_c   164.205
_cell.angle_alpha   90.00
_cell.angle_beta   90.00
_cell.angle_gamma   90.00
#
_symmetry.space_group_name_H-M   'P 21 21 21'
#
loop_
_entity.id
_entity.type
_entity.pdbx_description
1 polymer 'ABT-007 FAB FRAGMENT'
2 polymer 'ERYTHROPOIETIN RECEPTOR'
3 polymer 'ABT-007 FAB FRAGMENT'
#
loop_
_entity_poly.entity_id
_entity_poly.type
_entity_poly.pdbx_seq_one_letter_code
_entity_poly.pdbx_strand_id
1 'polypeptide(L)'
;DIQLTQSPSSLSASVGDRVTITCRASQGIRNDLGWYQQKPGKAPKRLIYAASSLQSGVPSRFSGSGSGTEFTLTISSLQP
EDFATYYCLQHNTYPPTFGQGTKVEIKRTVAAPSVFIFPPSDEQLKSGTASVVCLLNNFYPREAKVQWKVDNALQSGNSQ
ESVTEQDSKDSTYSLSSTLTLSKADYEKHKVYACEVTHQGLSSPVTKSFNRGEC
;
A,G,L
2 'polypeptide(L)'
;APPPNLPDPKFESKAALLAARGPEELLCFTERLEDLVCFWEEAASAGVGPGNYSFSYQLEDEPWKLCRLHQAPTARGAVR
FWCSLPTADTSSFVPLELRVTAASGAPRYHRVIHINEVVLLDAPVGLVARLADESGHVVLRWLPPPETPMTSHIRYEVDV
SAGNGAGSVQRVEILEGRTECVLSNLRGRTRYTFAVRARMAEPSFGGFWSAWSEPVSLLTPSDLD
;
B,C,E
3 'polypeptide(L)'
;QVQLQESGPGLVKPSETLSLTCTVSGASISSYYWSWIRQPPGKGLEWIGYIGGEGSTNYNPSLKSRVTISVDTSKNQFSL
KLRSVTAADTAVYYCARERLGIGDYWGQGTLVTVSSASTKGPSVFPLAPSSKSTSGGTAALGCLVKDYFPEPVTVSWNSG
ALTSGVHTFPAVLQSSGLYSLSSVVTVPSSSLGTQTYICNVNHKPSNTKVDKKVEPK
;
D,F,H
#
# COMPACT_ATOMS: atom_id res chain seq x y z
N ASP A 1 -19.81 13.15 11.91
CA ASP A 1 -19.08 14.21 12.68
C ASP A 1 -17.68 13.73 13.03
N ILE A 2 -16.69 14.62 12.90
CA ILE A 2 -15.28 14.27 13.14
C ILE A 2 -14.80 14.81 14.51
N GLN A 3 -13.93 14.04 15.19
CA GLN A 3 -13.57 14.36 16.57
C GLN A 3 -12.19 15.01 16.69
N LEU A 4 -12.18 16.20 17.29
CA LEU A 4 -10.95 16.99 17.49
C LEU A 4 -10.54 17.03 18.97
N THR A 5 -9.58 16.18 19.32
CA THR A 5 -9.17 16.03 20.72
C THR A 5 -7.88 16.81 21.06
N GLN A 6 -8.07 17.97 21.69
CA GLN A 6 -6.97 18.90 22.02
C GLN A 6 -6.24 18.50 23.27
N SER A 7 -5.08 19.10 23.49
CA SER A 7 -4.29 18.84 24.69
C SER A 7 -3.11 19.78 24.74
N PRO A 8 -2.61 20.08 25.97
CA PRO A 8 -3.21 19.70 27.25
C PRO A 8 -4.59 20.33 27.44
N SER A 9 -5.41 19.73 28.29
CA SER A 9 -6.79 20.19 28.56
C SER A 9 -6.88 21.68 28.91
N SER A 10 -6.01 22.09 29.85
CA SER A 10 -5.73 23.51 30.11
C SER A 10 -4.22 23.71 30.34
N LEU A 11 -3.82 24.93 30.74
CA LEU A 11 -2.41 25.28 30.86
C LEU A 11 -2.15 26.46 31.81
N SER A 12 -0.89 26.68 32.14
CA SER A 12 -0.48 27.76 33.05
C SER A 12 0.93 28.28 32.75
N ALA A 13 1.03 29.35 31.98
CA ALA A 13 2.34 29.88 31.56
C ALA A 13 2.61 31.31 32.01
N SER A 14 3.90 31.65 32.16
CA SER A 14 4.34 32.99 32.56
C SER A 14 4.21 33.95 31.40
N VAL A 15 4.25 35.24 31.67
CA VAL A 15 4.42 36.20 30.59
C VAL A 15 5.75 35.87 29.90
N GLY A 16 5.80 36.01 28.58
CA GLY A 16 7.03 35.81 27.84
C GLY A 16 7.09 34.49 27.08
N ASP A 17 7.29 33.39 27.80
CA ASP A 17 7.61 32.06 27.23
C ASP A 17 6.65 31.48 26.13
N ARG A 18 7.07 30.37 25.51
CA ARG A 18 6.43 29.84 24.29
C ARG A 18 5.42 28.69 24.48
N VAL A 19 4.15 29.05 24.64
CA VAL A 19 3.04 28.09 24.76
C VAL A 19 2.78 27.40 23.43
N THR A 20 2.46 26.12 23.48
CA THR A 20 2.10 25.38 22.26
C THR A 20 0.91 24.47 22.54
N ILE A 21 -0.06 24.45 21.62
CA ILE A 21 -1.24 23.59 21.76
C ILE A 21 -1.39 22.66 20.55
N THR A 22 -1.75 21.39 20.83
CA THR A 22 -1.94 20.38 19.79
C THR A 22 -3.44 20.14 19.64
N CYS A 23 -3.80 19.47 18.54
CA CYS A 23 -5.17 19.16 18.20
C CYS A 23 -5.18 17.97 17.23
N ARG A 24 -5.56 16.80 17.74
CA ARG A 24 -5.67 15.56 16.95
C ARG A 24 -7.06 15.22 16.43
N ALA A 25 -7.11 14.79 15.16
CA ALA A 25 -8.38 14.50 14.48
C ALA A 25 -8.57 13.02 14.19
N SER A 26 -9.81 12.56 14.40
CA SER A 26 -10.21 11.16 14.23
C SER A 26 -10.04 10.65 12.79
N GLN A 27 -9.57 11.55 11.92
CA GLN A 27 -9.46 11.32 10.49
C GLN A 27 -8.77 12.55 9.88
N GLY A 28 -7.60 12.35 9.27
CA GLY A 28 -6.84 13.45 8.64
C GLY A 28 -7.68 14.40 7.80
N ILE A 29 -7.62 15.69 8.11
CA ILE A 29 -8.37 16.70 7.36
C ILE A 29 -7.48 17.57 6.46
N ARG A 30 -6.21 17.66 6.83
CA ARG A 30 -5.14 18.25 6.02
C ARG A 30 -5.46 19.62 5.43
N ASN A 31 -4.83 20.65 5.99
CA ASN A 31 -5.09 22.07 5.65
C ASN A 31 -6.41 22.66 6.19
N ASP A 32 -7.46 21.85 6.34
CA ASP A 32 -8.82 22.37 6.57
C ASP A 32 -9.20 22.85 7.98
N LEU A 33 -8.25 23.45 8.70
CA LEU A 33 -8.53 23.80 10.09
C LEU A 33 -8.41 25.27 10.41
N GLY A 34 -9.14 25.69 11.44
CA GLY A 34 -9.02 27.02 12.01
C GLY A 34 -8.75 26.98 13.52
N TRP A 35 -7.83 27.81 14.00
CA TRP A 35 -7.72 28.04 15.42
C TRP A 35 -8.55 29.26 15.82
N TYR A 36 -9.07 29.25 17.06
CA TYR A 36 -9.96 30.32 17.55
C TYR A 36 -9.67 30.71 18.99
N GLN A 37 -9.97 31.96 19.33
CA GLN A 37 -9.76 32.44 20.68
C GLN A 37 -11.07 32.91 21.31
N GLN A 38 -11.37 32.40 22.51
CA GLN A 38 -12.54 32.86 23.29
C GLN A 38 -12.16 33.60 24.57
N LYS A 39 -12.28 34.92 24.52
CA LYS A 39 -12.14 35.76 25.71
C LYS A 39 -13.41 35.72 26.57
N PRO A 40 -13.26 35.84 27.91
CA PRO A 40 -14.36 35.71 28.90
C PRO A 40 -15.69 36.37 28.48
N GLY A 41 -15.74 37.70 28.48
CA GLY A 41 -16.96 38.43 28.11
C GLY A 41 -17.24 38.56 26.61
N LYS A 42 -16.33 38.03 25.79
CA LYS A 42 -16.33 38.35 24.35
C LYS A 42 -16.74 37.18 23.42
N ALA A 43 -17.40 37.52 22.31
CA ALA A 43 -17.60 36.58 21.21
C ALA A 43 -16.23 36.22 20.60
N PRO A 44 -15.99 34.93 20.31
CA PRO A 44 -14.72 34.34 19.85
C PRO A 44 -14.17 34.88 18.53
N LYS A 45 -12.84 34.96 18.47
CA LYS A 45 -12.13 35.59 17.35
C LYS A 45 -11.17 34.60 16.68
N ARG A 46 -10.97 34.77 15.38
CA ARG A 46 -10.29 33.76 14.56
C ARG A 46 -8.84 34.13 14.28
N LEU A 47 -7.95 33.49 15.04
CA LEU A 47 -6.50 33.65 14.89
C LEU A 47 -6.01 33.09 13.55
N ILE A 48 -6.17 31.79 13.38
CA ILE A 48 -5.62 31.10 12.24
C ILE A 48 -6.75 30.57 11.37
N TYR A 49 -6.55 30.66 10.06
CA TYR A 49 -7.41 30.02 9.09
C TYR A 49 -6.56 29.19 8.14
N ALA A 50 -7.19 28.23 7.44
CA ALA A 50 -6.47 27.30 6.54
C ALA A 50 -5.22 26.69 7.19
N ALA A 51 -5.41 26.19 8.41
CA ALA A 51 -4.36 25.57 9.23
C ALA A 51 -3.20 26.49 9.65
N SER A 52 -2.69 27.31 8.73
CA SER A 52 -1.48 28.10 8.99
C SER A 52 -1.49 29.58 8.56
N SER A 53 -2.52 29.99 7.83
CA SER A 53 -2.57 31.36 7.39
C SER A 53 -3.13 32.22 8.51
N LEU A 54 -2.34 33.20 8.96
CA LEU A 54 -2.75 34.17 9.97
C LEU A 54 -3.86 35.06 9.45
N GLN A 55 -4.90 35.24 10.26
CA GLN A 55 -5.97 36.17 9.94
C GLN A 55 -5.41 37.58 10.00
N SER A 56 -6.05 38.51 9.29
CA SER A 56 -5.72 39.92 9.43
C SER A 56 -6.12 40.39 10.81
N GLY A 57 -5.26 41.19 11.42
CA GLY A 57 -5.61 41.83 12.66
C GLY A 57 -5.02 41.12 13.87
N VAL A 58 -5.04 39.79 13.85
CA VAL A 58 -4.44 39.06 14.94
C VAL A 58 -2.91 39.29 14.97
N PRO A 59 -2.35 39.49 16.18
CA PRO A 59 -0.92 39.55 16.48
C PRO A 59 -0.13 38.47 15.76
N SER A 60 1.12 38.77 15.42
CA SER A 60 1.99 37.79 14.77
C SER A 60 2.66 36.83 15.77
N ARG A 61 2.40 37.03 17.06
CA ARG A 61 2.83 36.09 18.09
C ARG A 61 2.00 34.79 18.09
N PHE A 62 0.92 34.80 17.31
CA PHE A 62 0.10 33.64 17.10
C PHE A 62 0.44 33.06 15.75
N SER A 63 0.63 31.74 15.69
CA SER A 63 0.83 31.05 14.43
C SER A 63 0.32 29.65 14.60
N GLY A 64 0.09 28.98 13.48
CA GLY A 64 -0.28 27.56 13.51
C GLY A 64 0.40 26.76 12.42
N SER A 65 0.72 25.50 12.71
CA SER A 65 1.16 24.56 11.69
C SER A 65 0.61 23.15 11.91
N GLY A 66 0.99 22.25 11.03
CA GLY A 66 0.46 20.90 11.05
C GLY A 66 -0.31 20.61 9.78
N SER A 67 -0.54 19.32 9.53
CA SER A 67 -1.27 18.87 8.35
C SER A 67 -1.83 17.45 8.51
N GLY A 68 -2.96 17.19 7.87
CA GLY A 68 -3.56 15.89 7.96
C GLY A 68 -4.21 15.62 9.30
N THR A 69 -3.43 15.11 10.24
CA THR A 69 -4.02 14.52 11.43
C THR A 69 -3.72 15.23 12.76
N GLU A 70 -2.49 15.69 12.97
CA GLU A 70 -2.16 16.50 14.16
C GLU A 70 -1.99 17.96 13.78
N PHE A 71 -2.36 18.84 14.71
CA PHE A 71 -2.21 20.28 14.50
C PHE A 71 -1.63 21.03 15.69
N THR A 72 -0.85 22.06 15.42
CA THR A 72 -0.30 22.88 16.48
C THR A 72 -0.62 24.38 16.29
N LEU A 73 -1.18 24.97 17.34
CA LEU A 73 -1.14 26.43 17.53
C LEU A 73 -0.15 26.79 18.62
N THR A 74 0.65 27.81 18.34
CA THR A 74 1.75 28.18 19.19
C THR A 74 1.80 29.69 19.31
N ILE A 75 1.68 30.15 20.56
CA ILE A 75 1.78 31.55 20.96
C ILE A 75 3.23 31.85 21.32
N SER A 76 3.95 32.57 20.45
CA SER A 76 5.40 32.69 20.59
C SER A 76 5.80 33.45 21.87
N SER A 77 5.06 34.48 22.24
CA SER A 77 5.32 35.20 23.49
C SER A 77 4.05 35.58 24.27
N LEU A 78 3.89 35.06 25.48
CA LEU A 78 2.62 35.20 26.17
C LEU A 78 2.40 36.61 26.69
N GLN A 79 1.16 37.07 26.60
CA GLN A 79 0.78 38.37 27.11
C GLN A 79 -0.24 38.18 28.22
N PRO A 80 -0.38 39.18 29.11
CA PRO A 80 -1.48 39.06 30.06
C PRO A 80 -2.83 39.00 29.33
N GLU A 81 -3.02 39.80 28.29
CA GLU A 81 -4.28 39.76 27.54
C GLU A 81 -4.52 38.45 26.79
N ASP A 82 -3.45 37.66 26.64
CA ASP A 82 -3.51 36.37 25.96
C ASP A 82 -4.27 35.31 26.76
N PHE A 83 -4.76 35.70 27.93
CA PHE A 83 -5.72 34.90 28.69
C PHE A 83 -6.98 34.66 27.85
N ALA A 84 -7.44 33.41 27.82
CA ALA A 84 -8.57 32.99 27.02
C ALA A 84 -8.58 31.49 26.79
N THR A 85 -9.66 31.02 26.18
CA THR A 85 -9.76 29.62 25.81
C THR A 85 -9.75 29.46 24.30
N TYR A 86 -8.82 28.63 23.83
CA TYR A 86 -8.55 28.44 22.41
C TYR A 86 -9.18 27.14 21.88
N TYR A 87 -9.71 27.19 20.66
CA TYR A 87 -10.34 26.03 20.07
C TYR A 87 -9.92 25.79 18.62
N CYS A 88 -9.67 24.52 18.26
CA CYS A 88 -9.51 24.13 16.85
C CYS A 88 -10.81 23.64 16.22
N LEU A 89 -11.03 24.06 14.98
CA LEU A 89 -12.23 23.73 14.21
C LEU A 89 -11.81 23.08 12.91
N GLN A 90 -12.72 22.32 12.34
CA GLN A 90 -12.46 21.48 11.19
C GLN A 90 -13.63 21.67 10.25
N HIS A 91 -13.34 21.80 8.97
CA HIS A 91 -14.40 21.94 7.99
C HIS A 91 -14.07 21.09 6.76
N ASN A 92 -13.20 20.11 6.94
CA ASN A 92 -12.93 19.12 5.92
C ASN A 92 -14.16 18.30 5.59
N THR A 93 -14.68 17.60 6.59
CA THR A 93 -15.83 16.72 6.43
C THR A 93 -16.99 17.24 7.27
N TYR A 94 -17.99 17.83 6.62
CA TYR A 94 -19.15 18.38 7.33
C TYR A 94 -19.84 17.35 8.24
N PRO A 95 -20.33 17.79 9.40
CA PRO A 95 -20.37 19.18 9.81
C PRO A 95 -19.04 19.69 10.40
N PRO A 96 -18.79 21.01 10.30
CA PRO A 96 -17.71 21.60 11.08
C PRO A 96 -17.79 21.17 12.55
N THR A 97 -16.65 20.85 13.16
CA THR A 97 -16.61 20.49 14.59
C THR A 97 -15.40 21.10 15.32
N PHE A 98 -15.61 21.48 16.58
CA PHE A 98 -14.58 22.13 17.38
C PHE A 98 -13.80 21.14 18.23
N GLY A 99 -12.93 21.67 19.07
CA GLY A 99 -12.18 20.83 20.00
C GLY A 99 -12.80 20.93 21.39
N GLN A 100 -12.34 20.06 22.28
CA GLN A 100 -12.67 20.17 23.69
C GLN A 100 -12.52 21.64 24.10
N GLY A 101 -11.28 22.14 24.12
CA GLY A 101 -11.01 23.57 24.23
C GLY A 101 -10.01 23.99 25.29
N THR A 102 -8.71 23.94 24.95
CA THR A 102 -7.65 24.30 25.89
C THR A 102 -7.81 25.73 26.41
N LYS A 103 -8.09 25.81 27.71
CA LYS A 103 -8.07 27.05 28.45
C LYS A 103 -6.62 27.26 28.88
N VAL A 104 -6.15 28.51 28.84
CA VAL A 104 -4.78 28.82 29.30
C VAL A 104 -4.76 29.96 30.32
N GLU A 105 -3.93 29.81 31.35
CA GLU A 105 -3.87 30.76 32.46
C GLU A 105 -2.46 31.37 32.66
N ILE A 106 -2.43 32.63 33.12
CA ILE A 106 -1.20 33.43 33.19
C ILE A 106 -0.49 33.37 34.55
N LYS A 107 0.59 32.59 34.64
CA LYS A 107 1.43 32.55 35.83
C LYS A 107 2.03 33.94 36.10
N ARG A 108 1.88 34.39 37.34
CA ARG A 108 2.17 35.76 37.70
C ARG A 108 2.52 35.87 39.18
N THR A 109 3.68 36.47 39.46
CA THR A 109 4.17 36.73 40.83
C THR A 109 3.09 36.89 41.89
N VAL A 110 3.22 36.09 42.95
CA VAL A 110 2.24 35.99 44.05
C VAL A 110 1.81 37.37 44.61
N ALA A 111 0.51 37.55 44.82
CA ALA A 111 -0.04 38.87 45.23
C ALA A 111 -1.05 38.79 46.39
N ALA A 112 -1.15 39.88 47.16
CA ALA A 112 -1.93 39.94 48.41
C ALA A 112 -3.34 40.49 48.21
N PRO A 113 -4.33 39.87 48.87
CA PRO A 113 -5.74 40.16 48.60
C PRO A 113 -6.31 41.32 49.41
N SER A 114 -6.36 42.52 48.81
CA SER A 114 -6.87 43.71 49.51
C SER A 114 -8.37 43.57 49.85
N VAL A 115 -8.66 43.37 51.15
CA VAL A 115 -9.99 42.96 51.65
C VAL A 115 -10.96 44.07 52.07
N PHE A 116 -12.25 43.80 51.85
CA PHE A 116 -13.35 44.70 52.21
C PHE A 116 -14.55 43.89 52.76
N ILE A 117 -15.42 44.55 53.53
CA ILE A 117 -16.65 43.93 54.07
C ILE A 117 -17.76 44.99 54.28
N PHE A 118 -18.76 44.97 53.40
CA PHE A 118 -19.70 46.09 53.28
C PHE A 118 -21.07 45.90 53.97
N PRO A 119 -21.68 47.02 54.43
CA PRO A 119 -22.97 46.98 55.14
C PRO A 119 -24.15 46.63 54.23
N PRO A 120 -24.99 45.67 54.66
CA PRO A 120 -26.27 45.42 53.99
C PRO A 120 -27.18 46.65 54.10
N SER A 121 -26.93 47.65 53.25
CA SER A 121 -27.62 48.95 53.27
C SER A 121 -29.13 48.82 53.49
N ASP A 122 -29.66 49.73 54.33
CA ASP A 122 -31.04 49.62 54.84
C ASP A 122 -32.12 49.82 53.77
N GLU A 123 -32.61 48.66 53.30
CA GLU A 123 -33.56 48.51 52.20
C GLU A 123 -33.52 47.02 51.84
N GLN A 124 -32.38 46.39 52.13
CA GLN A 124 -32.15 44.93 52.00
C GLN A 124 -32.66 44.18 53.24
N LEU A 125 -33.02 44.93 54.28
CA LEU A 125 -33.55 44.36 55.52
C LEU A 125 -35.07 44.18 55.51
N LYS A 126 -35.75 44.81 54.56
CA LYS A 126 -37.19 44.57 54.32
C LYS A 126 -37.43 43.34 53.43
N SER A 127 -36.37 42.86 52.77
CA SER A 127 -36.36 41.55 52.12
C SER A 127 -36.45 40.44 53.17
N GLY A 128 -35.88 40.71 54.35
CA GLY A 128 -35.94 39.82 55.50
C GLY A 128 -34.77 38.86 55.61
N THR A 129 -33.63 39.21 55.02
CA THR A 129 -32.50 38.30 54.93
C THR A 129 -31.16 39.02 55.08
N ALA A 130 -30.25 38.37 55.82
CA ALA A 130 -28.87 38.82 56.00
C ALA A 130 -27.96 38.34 54.85
N SER A 131 -27.00 39.18 54.49
CA SER A 131 -26.04 38.92 53.41
C SER A 131 -24.90 39.94 53.48
N VAL A 132 -23.72 39.47 53.87
CA VAL A 132 -22.55 40.35 53.98
C VAL A 132 -21.61 40.17 52.80
N VAL A 133 -21.35 41.26 52.09
CA VAL A 133 -20.52 41.27 50.86
C VAL A 133 -19.03 41.39 51.17
N CYS A 134 -18.36 40.23 51.25
CA CYS A 134 -16.93 40.11 51.56
C CYS A 134 -16.13 39.92 50.27
N LEU A 135 -15.38 40.96 49.90
CA LEU A 135 -14.62 41.01 48.63
C LEU A 135 -13.11 40.99 48.86
N LEU A 136 -12.36 40.44 47.90
CA LEU A 136 -10.90 40.34 48.01
C LEU A 136 -10.19 40.94 46.78
N ASN A 137 -10.26 42.26 46.64
CA ASN A 137 -9.76 42.97 45.46
C ASN A 137 -8.33 42.63 45.05
N ASN A 138 -8.19 42.00 43.89
CA ASN A 138 -6.91 41.70 43.22
C ASN A 138 -5.93 40.81 43.98
N PHE A 139 -5.96 39.51 43.70
CA PHE A 139 -5.09 38.56 44.37
C PHE A 139 -4.52 37.50 43.45
N TYR A 140 -3.61 36.67 43.98
CA TYR A 140 -2.98 35.59 43.24
C TYR A 140 -2.10 34.75 44.18
N PRO A 141 -2.15 33.41 44.05
CA PRO A 141 -2.95 32.58 43.14
C PRO A 141 -4.41 32.47 43.56
N ARG A 142 -5.20 31.74 42.76
CA ARG A 142 -6.64 31.61 42.96
C ARG A 142 -7.00 30.95 44.30
N GLU A 143 -6.14 30.03 44.75
CA GLU A 143 -6.40 29.20 45.92
C GLU A 143 -6.90 30.00 47.13
N ALA A 144 -8.23 30.04 47.26
CA ALA A 144 -8.91 30.83 48.28
C ALA A 144 -9.69 29.98 49.29
N LYS A 145 -9.53 30.32 50.57
CA LYS A 145 -10.27 29.69 51.65
C LYS A 145 -10.90 30.75 52.56
N VAL A 146 -12.11 31.18 52.22
CA VAL A 146 -12.85 32.18 52.99
C VAL A 146 -13.92 31.50 53.86
N GLN A 147 -13.69 31.50 55.17
CA GLN A 147 -14.60 30.94 56.17
C GLN A 147 -15.30 32.02 56.99
N TRP A 148 -16.61 32.15 56.78
CA TRP A 148 -17.46 33.02 57.58
C TRP A 148 -17.70 32.43 58.98
N LYS A 149 -17.85 33.30 59.98
CA LYS A 149 -18.19 32.87 61.35
C LYS A 149 -19.03 33.88 62.14
N VAL A 150 -20.17 33.39 62.65
CA VAL A 150 -21.05 34.18 63.50
C VAL A 150 -20.66 33.98 64.97
N ASP A 151 -20.26 35.07 65.61
CA ASP A 151 -19.78 35.10 67.01
C ASP A 151 -18.70 34.06 67.31
N ASN A 152 -17.62 34.10 66.53
CA ASN A 152 -16.43 33.23 66.69
C ASN A 152 -16.66 31.69 66.67
N ALA A 153 -17.39 31.20 65.67
CA ALA A 153 -17.62 29.76 65.48
C ALA A 153 -17.76 29.37 64.00
N LEU A 154 -16.88 28.47 63.53
CA LEU A 154 -16.84 28.04 62.12
C LEU A 154 -18.12 27.32 61.68
N GLN A 155 -18.64 27.71 60.52
CA GLN A 155 -19.97 27.29 60.04
C GLN A 155 -19.93 26.23 58.94
N SER A 156 -21.05 25.53 58.74
CA SER A 156 -21.20 24.46 57.72
C SER A 156 -22.12 24.86 56.55
N GLY A 157 -21.56 24.88 55.33
CA GLY A 157 -22.31 25.23 54.12
C GLY A 157 -23.22 26.44 54.28
N ASN A 158 -22.64 27.53 54.79
CA ASN A 158 -23.39 28.74 55.14
C ASN A 158 -23.17 29.84 54.10
N SER A 159 -21.93 29.97 53.62
CA SER A 159 -21.54 31.02 52.70
C SER A 159 -22.06 30.81 51.28
N GLN A 160 -21.93 31.85 50.46
CA GLN A 160 -22.33 31.84 49.04
C GLN A 160 -21.17 32.31 48.16
N GLU A 161 -20.68 31.42 47.29
CA GLU A 161 -19.40 31.63 46.59
C GLU A 161 -19.49 32.13 45.14
N SER A 162 -18.59 33.06 44.80
CA SER A 162 -18.39 33.55 43.43
C SER A 162 -16.91 33.92 43.23
N VAL A 163 -16.44 33.97 41.99
CA VAL A 163 -15.01 34.22 41.67
C VAL A 163 -14.80 34.73 40.24
N THR A 164 -14.16 35.90 40.07
CA THR A 164 -13.98 36.51 38.74
C THR A 164 -12.94 35.84 37.84
N GLU A 165 -13.13 36.04 36.54
CA GLU A 165 -12.21 35.56 35.52
C GLU A 165 -10.96 36.42 35.52
N GLN A 166 -9.80 35.76 35.50
CA GLN A 166 -8.48 36.40 35.50
C GLN A 166 -8.43 37.72 34.71
N ASP A 167 -7.79 38.73 35.29
CA ASP A 167 -7.72 40.05 34.69
C ASP A 167 -6.89 40.06 33.41
N SER A 168 -7.38 40.80 32.43
CA SER A 168 -6.71 41.00 31.15
C SER A 168 -5.42 41.83 31.26
N LYS A 169 -5.39 42.73 32.25
CA LYS A 169 -4.31 43.72 32.36
C LYS A 169 -3.17 43.36 33.33
N ASP A 170 -3.51 42.93 34.55
CA ASP A 170 -2.49 42.60 35.54
C ASP A 170 -2.61 41.17 36.05
N SER A 171 -3.53 40.42 35.45
CA SER A 171 -3.74 39.00 35.74
C SER A 171 -3.91 38.68 37.24
N THR A 172 -5.04 39.13 37.79
CA THR A 172 -5.40 38.85 39.18
C THR A 172 -6.88 38.54 39.36
N TYR A 173 -7.14 37.49 40.13
CA TYR A 173 -8.50 37.08 40.48
C TYR A 173 -9.05 37.96 41.58
N SER A 174 -10.38 38.04 41.66
CA SER A 174 -11.09 38.68 42.77
C SER A 174 -12.29 37.82 43.16
N LEU A 175 -12.56 37.71 44.46
CA LEU A 175 -13.58 36.81 45.01
C LEU A 175 -14.81 37.54 45.55
N SER A 176 -15.94 36.83 45.64
CA SER A 176 -17.16 37.37 46.20
C SER A 176 -17.91 36.28 46.99
N SER A 177 -17.97 36.48 48.31
CA SER A 177 -18.65 35.56 49.23
C SER A 177 -19.75 36.29 50.01
N THR A 178 -20.91 35.65 50.13
CA THR A 178 -22.05 36.24 50.82
C THR A 178 -22.66 35.29 51.85
N LEU A 179 -23.05 35.82 53.00
CA LEU A 179 -23.60 35.00 54.09
C LEU A 179 -25.12 34.86 54.01
N THR A 180 -25.61 33.66 54.34
CA THR A 180 -27.05 33.38 54.33
C THR A 180 -27.59 33.20 55.76
N LEU A 181 -28.51 34.09 56.15
CA LEU A 181 -29.23 34.05 57.44
C LEU A 181 -30.52 34.89 57.40
N SER A 182 -31.50 34.50 58.23
CA SER A 182 -32.80 35.17 58.30
C SER A 182 -32.75 36.53 59.03
N LYS A 183 -33.73 37.40 58.76
CA LYS A 183 -33.86 38.71 59.42
C LYS A 183 -33.94 38.55 60.94
N ALA A 184 -34.38 37.38 61.39
CA ALA A 184 -34.40 37.04 62.81
C ALA A 184 -33.00 36.86 63.40
N ASP A 185 -32.11 36.24 62.63
CA ASP A 185 -30.75 35.94 63.07
C ASP A 185 -29.85 37.18 63.10
N TYR A 186 -30.03 38.05 62.12
CA TYR A 186 -29.24 39.28 61.98
C TYR A 186 -29.45 40.24 63.14
N GLU A 187 -30.71 40.42 63.54
CA GLU A 187 -31.07 41.36 64.61
C GLU A 187 -30.70 40.85 66.02
N LYS A 188 -30.43 39.55 66.13
CA LYS A 188 -30.03 38.94 67.40
C LYS A 188 -28.52 38.92 67.61
N HIS A 189 -27.78 38.52 66.57
CA HIS A 189 -26.33 38.37 66.66
C HIS A 189 -25.59 39.63 66.22
N LYS A 190 -24.34 39.76 66.66
CA LYS A 190 -23.54 40.95 66.41
C LYS A 190 -22.19 40.70 65.69
N VAL A 191 -21.54 39.59 66.01
CA VAL A 191 -20.25 39.25 65.40
C VAL A 191 -20.43 38.46 64.08
N TYR A 192 -19.77 38.95 63.03
CA TYR A 192 -19.78 38.36 61.70
C TYR A 192 -18.44 38.67 61.03
N ALA A 193 -17.69 37.64 60.64
CA ALA A 193 -16.34 37.85 60.09
C ALA A 193 -15.94 36.82 59.02
N CYS A 194 -15.27 37.28 57.95
CA CYS A 194 -14.62 36.36 57.01
C CYS A 194 -13.14 36.14 57.35
N GLU A 195 -12.75 34.86 57.41
CA GLU A 195 -11.39 34.45 57.77
C GLU A 195 -10.54 34.11 56.54
N VAL A 196 -10.09 35.16 55.86
CA VAL A 196 -9.24 35.05 54.66
C VAL A 196 -7.89 34.44 55.03
N THR A 197 -7.69 33.17 54.66
CA THR A 197 -6.42 32.47 54.90
C THR A 197 -5.60 32.32 53.59
N HIS A 198 -5.66 33.36 52.77
CA HIS A 198 -4.97 33.44 51.49
C HIS A 198 -3.44 33.46 51.66
N GLN A 199 -2.73 32.99 50.63
CA GLN A 199 -1.26 32.92 50.62
C GLN A 199 -0.58 34.30 50.60
N GLY A 200 -1.36 35.35 50.29
CA GLY A 200 -0.87 36.73 50.11
C GLY A 200 -0.04 37.31 51.24
N LEU A 201 -0.60 37.28 52.45
CA LEU A 201 0.16 37.57 53.67
C LEU A 201 0.66 36.26 54.30
N SER A 202 1.56 36.38 55.26
CA SER A 202 2.05 35.21 56.00
C SER A 202 1.23 34.93 57.28
N SER A 203 0.06 35.57 57.36
CA SER A 203 -0.91 35.37 58.45
C SER A 203 -2.32 35.83 58.02
N PRO A 204 -3.38 35.10 58.47
CA PRO A 204 -4.77 35.47 58.18
C PRO A 204 -5.14 36.95 58.46
N VAL A 205 -6.14 37.47 57.74
CA VAL A 205 -6.61 38.85 57.89
C VAL A 205 -8.14 38.90 57.89
N THR A 206 -8.73 39.66 58.81
CA THR A 206 -10.17 39.64 59.02
C THR A 206 -10.80 41.03 59.26
N LYS A 207 -11.86 41.33 58.51
CA LYS A 207 -12.63 42.57 58.64
C LYS A 207 -14.10 42.26 58.98
N SER A 208 -14.74 43.14 59.75
CA SER A 208 -16.12 42.96 60.23
C SER A 208 -16.94 44.27 60.30
N PHE A 209 -18.23 44.14 60.63
CA PHE A 209 -19.09 45.31 60.91
C PHE A 209 -20.21 45.00 61.93
N ASN A 210 -20.49 45.96 62.80
CA ASN A 210 -21.63 45.89 63.73
C ASN A 210 -22.76 46.84 63.29
N ARG A 211 -23.99 46.45 63.56
CA ARG A 211 -25.17 47.24 63.20
C ARG A 211 -25.30 48.51 64.05
N GLY A 212 -24.88 48.42 65.30
CA GLY A 212 -24.86 49.56 66.23
C GLY A 212 -23.60 50.40 66.11
N GLU A 213 -22.97 50.33 64.94
CA GLU A 213 -21.76 51.09 64.62
C GLU A 213 -21.94 51.87 63.32
N CYS A 214 -23.01 52.67 63.26
CA CYS A 214 -23.32 53.50 62.10
C CYS A 214 -22.60 54.85 62.18
N ASP B 8 16.44 39.82 -3.95
CA ASP B 8 17.19 38.55 -4.23
C ASP B 8 16.42 37.29 -3.74
N PRO B 9 16.20 36.28 -4.64
CA PRO B 9 15.49 35.03 -4.30
C PRO B 9 15.85 34.40 -2.93
N LYS B 10 17.04 34.71 -2.44
CA LYS B 10 17.65 34.09 -1.24
C LYS B 10 17.02 34.50 0.10
N PHE B 11 16.56 35.75 0.19
CA PHE B 11 16.07 36.31 1.46
C PHE B 11 14.94 35.50 2.11
N GLU B 12 13.70 35.67 1.64
CA GLU B 12 12.51 35.10 2.30
C GLU B 12 12.68 33.73 2.99
N SER B 13 13.52 32.88 2.39
CA SER B 13 13.84 31.55 2.95
C SER B 13 14.58 31.69 4.26
N LYS B 14 15.74 32.36 4.19
CA LYS B 14 16.56 32.68 5.35
C LYS B 14 15.77 33.41 6.44
N ALA B 15 14.97 34.39 6.00
CA ALA B 15 14.03 35.11 6.85
C ALA B 15 13.04 34.14 7.49
N ALA B 16 12.58 33.16 6.71
CA ALA B 16 11.65 32.14 7.20
C ALA B 16 12.36 31.13 8.10
N LEU B 17 13.58 30.77 7.72
CA LEU B 17 14.42 29.85 8.49
C LEU B 17 14.56 30.40 9.90
N LEU B 18 15.21 31.56 10.03
CA LEU B 18 15.45 32.15 11.33
C LEU B 18 14.15 32.32 12.13
N ALA B 19 13.17 32.99 11.51
CA ALA B 19 11.84 33.21 12.09
C ALA B 19 11.35 32.12 13.07
N ALA B 20 11.56 30.84 12.71
CA ALA B 20 11.14 29.69 13.51
C ALA B 20 11.77 29.61 14.93
N ARG B 21 12.46 30.68 15.34
CA ARG B 21 12.99 30.84 16.70
C ARG B 21 12.09 31.74 17.56
N GLY B 22 10.77 31.72 17.28
CA GLY B 22 9.85 32.70 17.86
C GLY B 22 10.05 34.07 17.20
N PRO B 23 9.27 34.34 16.13
CA PRO B 23 9.60 35.36 15.10
C PRO B 23 9.62 36.81 15.63
N GLU B 24 9.22 36.99 16.90
CA GLU B 24 9.09 38.32 17.52
C GLU B 24 10.41 39.08 17.77
N GLU B 25 11.52 38.34 17.82
CA GLU B 25 12.83 38.93 17.99
C GLU B 25 13.26 39.68 16.70
N LEU B 26 14.08 40.72 16.87
CA LEU B 26 14.71 41.39 15.74
C LEU B 26 15.86 40.51 15.38
N LEU B 27 15.89 40.05 14.14
CA LEU B 27 16.92 39.12 13.71
C LEU B 27 17.83 39.73 12.68
N CYS B 28 19.13 39.45 12.78
CA CYS B 28 20.13 39.96 11.86
C CYS B 28 21.08 38.86 11.39
N PHE B 29 21.38 38.80 10.10
CA PHE B 29 22.37 37.84 9.60
C PHE B 29 23.13 38.42 8.44
N THR B 30 24.24 37.80 8.07
CA THR B 30 25.02 38.23 6.92
C THR B 30 25.21 37.09 5.94
N GLU B 31 24.95 37.34 4.67
CA GLU B 31 24.96 36.29 3.64
C GLU B 31 26.36 36.02 3.06
N ARG B 32 27.21 37.06 3.00
CA ARG B 32 28.52 36.97 2.34
C ARG B 32 29.64 37.72 3.05
N LEU B 33 29.65 37.60 4.37
CA LEU B 33 30.65 38.22 5.26
C LEU B 33 30.82 39.73 5.03
N GLU B 34 29.72 40.39 4.72
CA GLU B 34 29.75 41.79 4.38
C GLU B 34 28.48 42.52 4.84
N ASP B 35 27.36 42.34 4.11
CA ASP B 35 26.08 42.95 4.47
C ASP B 35 25.41 42.20 5.57
N LEU B 36 25.09 42.95 6.61
CA LEU B 36 24.17 42.52 7.63
C LEU B 36 22.80 42.82 7.07
N VAL B 37 21.84 41.95 7.34
CA VAL B 37 20.46 42.28 7.07
C VAL B 37 19.59 41.97 8.29
N CYS B 38 18.98 43.02 8.83
CA CYS B 38 18.15 42.91 10.02
C CYS B 38 16.70 43.05 9.62
N PHE B 39 15.84 42.26 10.26
CA PHE B 39 14.43 42.23 9.89
C PHE B 39 13.60 41.76 11.08
N TRP B 40 12.28 41.94 10.98
CA TRP B 40 11.36 41.44 12.00
C TRP B 40 9.95 41.33 11.43
N GLU B 41 9.15 40.43 11.99
CA GLU B 41 7.78 40.17 11.55
C GLU B 41 6.84 40.97 12.43
N GLU B 42 5.63 41.17 11.95
CA GLU B 42 4.58 41.76 12.77
C GLU B 42 3.32 41.79 11.94
N ALA B 43 2.19 41.68 12.62
CA ALA B 43 0.89 41.67 11.99
C ALA B 43 0.75 42.83 11.04
N ALA B 44 0.07 42.60 9.93
CA ALA B 44 -0.14 43.62 8.92
C ALA B 44 -1.25 44.57 9.36
N SER B 45 -1.13 45.86 9.04
CA SER B 45 -2.24 46.82 9.21
C SER B 45 -2.26 48.03 8.25
N ALA B 46 -3.33 48.82 8.31
CA ALA B 46 -3.49 49.97 7.42
C ALA B 46 -2.38 50.96 7.70
N GLY B 47 -2.17 51.22 8.98
CA GLY B 47 -1.16 52.21 9.41
C GLY B 47 0.23 51.88 8.90
N VAL B 48 0.73 50.74 9.38
CA VAL B 48 2.04 50.20 8.99
C VAL B 48 2.48 50.43 7.54
N GLY B 49 3.73 50.83 7.42
CA GLY B 49 4.40 51.08 6.17
C GLY B 49 5.80 51.29 6.69
N PRO B 50 6.81 51.25 5.82
CA PRO B 50 8.13 51.49 6.37
C PRO B 50 8.22 52.96 6.74
N GLY B 51 9.31 53.38 7.38
CA GLY B 51 9.39 54.77 7.84
C GLY B 51 8.44 55.02 9.00
N ASN B 52 7.32 54.29 9.01
CA ASN B 52 6.45 54.13 10.17
C ASN B 52 7.27 53.79 11.42
N TYR B 53 8.20 52.85 11.29
CA TYR B 53 9.19 52.58 12.31
C TYR B 53 10.49 53.21 11.84
N SER B 54 11.43 53.45 12.74
CA SER B 54 12.71 54.01 12.31
C SER B 54 13.94 53.31 12.90
N PHE B 55 14.89 53.00 12.02
CA PHE B 55 15.95 52.07 12.29
C PHE B 55 17.25 52.85 12.24
N SER B 56 17.94 52.97 13.36
CA SER B 56 19.24 53.66 13.40
C SER B 56 20.35 52.70 13.77
N TYR B 57 21.56 52.97 13.28
CA TYR B 57 22.71 52.13 13.57
C TYR B 57 24.00 52.92 13.63
N GLN B 58 24.92 52.49 14.47
CA GLN B 58 26.21 53.15 14.59
C GLN B 58 27.32 52.16 14.40
N LEU B 59 28.14 52.36 13.37
CA LEU B 59 29.27 51.46 13.12
C LEU B 59 30.42 51.73 14.05
N GLU B 60 30.10 52.45 15.14
CA GLU B 60 30.98 52.63 16.31
C GLU B 60 31.99 53.78 16.20
N ASP B 61 31.92 54.71 17.18
CA ASP B 61 32.68 55.98 17.21
C ASP B 61 32.40 56.84 15.99
N GLU B 62 31.13 57.23 15.82
CA GLU B 62 30.67 57.94 14.62
C GLU B 62 29.41 58.75 14.91
N PRO B 63 28.88 59.46 13.89
CA PRO B 63 27.47 59.82 13.99
C PRO B 63 26.68 58.59 13.56
N TRP B 64 25.41 58.53 13.95
CA TRP B 64 24.60 57.36 13.64
C TRP B 64 24.23 57.35 12.17
N LYS B 65 23.23 56.55 11.81
CA LYS B 65 22.70 56.55 10.44
C LYS B 65 21.31 55.96 10.42
N LEU B 66 20.50 56.39 9.47
CA LEU B 66 19.22 55.74 9.22
C LEU B 66 19.41 54.69 8.15
N CYS B 67 18.58 53.67 8.17
CA CYS B 67 18.65 52.59 7.21
C CYS B 67 17.32 52.68 6.48
N ARG B 68 17.31 52.48 5.16
CA ARG B 68 16.06 52.45 4.39
C ARG B 68 15.31 51.19 4.77
N LEU B 69 14.09 51.36 5.25
CA LEU B 69 13.36 50.26 5.81
C LEU B 69 12.39 49.76 4.74
N HIS B 70 12.51 48.49 4.37
CA HIS B 70 11.59 47.92 3.39
C HIS B 70 10.69 46.93 4.07
N GLN B 71 9.61 46.58 3.38
CA GLN B 71 8.55 45.82 3.98
C GLN B 71 7.87 44.96 2.93
N ALA B 72 8.17 43.67 2.96
CA ALA B 72 7.46 42.69 2.13
C ALA B 72 6.57 41.75 2.98
N PRO B 73 5.37 41.37 2.45
CA PRO B 73 4.48 40.37 3.10
C PRO B 73 5.03 38.95 3.16
N THR B 74 4.65 38.19 4.18
CA THR B 74 5.05 36.79 4.31
C THR B 74 3.89 35.90 3.85
N ALA B 75 4.16 34.62 3.59
CA ALA B 75 3.12 33.68 3.18
C ALA B 75 2.13 33.56 4.30
N ARG B 76 2.65 33.44 5.52
CA ARG B 76 1.81 33.24 6.69
C ARG B 76 0.74 34.32 6.73
N GLY B 77 0.98 35.44 6.06
CA GLY B 77 0.08 36.58 6.06
C GLY B 77 0.44 37.64 7.09
N ALA B 78 1.67 37.60 7.59
CA ALA B 78 2.14 38.69 8.40
C ALA B 78 2.90 39.55 7.45
N VAL B 79 3.80 40.37 7.98
CA VAL B 79 4.60 41.21 7.13
C VAL B 79 5.93 41.46 7.81
N ARG B 80 7.00 41.49 7.03
CA ARG B 80 8.30 41.73 7.59
C ARG B 80 8.95 42.98 7.05
N PHE B 81 9.53 43.74 7.99
CA PHE B 81 10.30 44.94 7.74
C PHE B 81 11.75 44.54 7.87
N TRP B 82 12.53 44.86 6.83
CA TRP B 82 13.91 44.42 6.73
C TRP B 82 14.82 45.56 6.29
N CYS B 83 16.11 45.43 6.53
CA CYS B 83 17.03 46.52 6.26
C CYS B 83 18.47 46.00 6.11
N SER B 84 19.22 46.51 5.14
CA SER B 84 20.61 46.08 4.94
C SER B 84 21.61 47.19 5.22
N LEU B 85 22.84 46.79 5.54
CA LEU B 85 23.85 47.77 5.92
C LEU B 85 25.09 47.70 5.04
N PRO B 86 25.90 48.78 5.09
CA PRO B 86 27.26 48.90 4.57
C PRO B 86 28.15 47.64 4.60
N THR B 87 29.06 47.60 3.61
CA THR B 87 30.22 46.70 3.58
C THR B 87 31.51 47.53 3.38
N ALA B 88 31.30 48.78 2.91
CA ALA B 88 32.33 49.83 2.80
C ALA B 88 32.94 50.16 4.15
N ASP B 89 32.27 49.73 5.22
CA ASP B 89 32.79 49.85 6.58
C ASP B 89 32.42 48.63 7.46
N THR B 90 31.85 47.59 6.83
CA THR B 90 31.71 46.32 7.53
C THR B 90 33.04 45.56 7.55
N SER B 91 34.01 46.20 8.20
CA SER B 91 35.17 45.51 8.73
C SER B 91 34.61 44.85 9.98
N SER B 92 34.38 43.54 9.91
CA SER B 92 33.68 42.81 10.98
C SER B 92 34.41 42.86 12.35
N PHE B 93 33.84 42.16 13.35
CA PHE B 93 34.45 42.02 14.69
C PHE B 93 34.18 43.22 15.61
N VAL B 94 34.32 44.43 15.07
CA VAL B 94 33.78 45.62 15.71
C VAL B 94 32.30 45.41 15.92
N PRO B 95 31.80 45.69 17.11
CA PRO B 95 30.37 45.59 17.30
C PRO B 95 29.61 46.71 16.59
N LEU B 96 28.30 46.53 16.48
CA LEU B 96 27.44 47.49 15.81
C LEU B 96 26.16 47.61 16.64
N GLU B 97 25.59 48.81 16.70
CA GLU B 97 24.46 49.09 17.57
C GLU B 97 23.20 49.38 16.78
N LEU B 98 22.08 48.82 17.19
CA LEU B 98 20.81 49.02 16.52
C LEU B 98 19.81 49.73 17.40
N ARG B 99 19.09 50.69 16.82
CA ARG B 99 18.02 51.35 17.53
C ARG B 99 16.78 51.51 16.64
N VAL B 100 15.68 50.86 17.05
CA VAL B 100 14.43 50.92 16.30
C VAL B 100 13.33 51.43 17.18
N THR B 101 12.82 52.60 16.80
CA THR B 101 11.73 53.26 17.51
C THR B 101 10.46 53.06 16.72
N ALA B 102 9.32 52.87 17.39
CA ALA B 102 8.01 52.84 16.72
C ALA B 102 7.52 54.25 16.43
N ALA B 103 6.77 54.46 15.36
CA ALA B 103 6.20 55.78 15.13
C ALA B 103 5.52 56.08 16.44
N SER B 104 5.80 57.26 16.97
CA SER B 104 5.50 57.64 18.36
C SER B 104 6.82 57.84 19.09
N GLY B 105 7.91 57.43 18.43
CA GLY B 105 9.28 57.58 18.93
C GLY B 105 9.61 56.65 20.07
N ALA B 106 8.66 55.81 20.50
CA ALA B 106 8.87 54.89 21.63
C ALA B 106 9.72 53.73 21.15
N PRO B 107 10.84 53.47 21.83
CA PRO B 107 11.80 52.56 21.22
C PRO B 107 11.34 51.12 21.44
N ARG B 108 11.83 50.21 20.59
CA ARG B 108 11.43 48.80 20.71
C ARG B 108 12.51 47.74 20.47
N TYR B 109 13.56 48.09 19.74
CA TYR B 109 14.71 47.21 19.65
C TYR B 109 15.92 48.07 19.84
N HIS B 110 16.60 47.94 20.98
CA HIS B 110 17.90 48.59 21.14
C HIS B 110 18.88 47.50 21.44
N ARG B 111 19.68 47.15 20.43
CA ARG B 111 20.50 45.93 20.43
C ARG B 111 21.95 46.15 19.98
N VAL B 112 22.89 45.37 20.51
CA VAL B 112 24.25 45.34 20.01
C VAL B 112 24.41 44.02 19.32
N ILE B 113 24.97 44.00 18.11
CA ILE B 113 25.20 42.76 17.40
C ILE B 113 26.61 42.72 16.80
N HIS B 114 27.22 41.55 16.73
CA HIS B 114 28.51 41.40 16.05
C HIS B 114 28.31 40.65 14.74
N ILE B 115 28.49 41.35 13.63
CA ILE B 115 28.30 40.81 12.28
C ILE B 115 29.11 39.53 12.20
N ASN B 116 30.36 39.70 12.59
CA ASN B 116 31.29 38.61 12.83
C ASN B 116 30.63 37.23 13.02
N GLU B 117 29.63 37.12 13.90
CA GLU B 117 28.98 35.84 14.15
C GLU B 117 27.48 35.71 13.96
N VAL B 118 26.99 36.25 12.85
CA VAL B 118 25.63 35.96 12.40
C VAL B 118 25.65 35.68 10.88
N VAL B 119 26.55 34.80 10.48
CA VAL B 119 26.69 34.43 9.08
C VAL B 119 25.75 33.28 8.78
N LEU B 120 25.00 33.39 7.70
CA LEU B 120 24.09 32.33 7.26
C LEU B 120 24.35 32.11 5.80
N LEU B 121 24.71 30.88 5.44
CA LEU B 121 25.03 30.60 4.05
C LEU B 121 23.78 30.14 3.36
N ASP B 122 23.82 30.07 2.04
CA ASP B 122 22.74 29.45 1.29
C ASP B 122 22.91 27.94 1.29
N ALA B 123 21.88 27.20 0.89
CA ALA B 123 21.95 25.74 0.92
C ALA B 123 22.99 25.33 -0.11
N PRO B 124 23.66 24.19 0.09
CA PRO B 124 24.39 23.59 -1.01
C PRO B 124 23.40 23.26 -2.10
N VAL B 125 23.90 23.07 -3.30
CA VAL B 125 23.04 22.89 -4.45
C VAL B 125 23.68 21.87 -5.40
N GLY B 126 22.85 21.20 -6.21
CA GLY B 126 23.38 20.33 -7.26
C GLY B 126 23.84 18.99 -6.72
N LEU B 127 23.05 18.47 -5.79
CA LEU B 127 23.21 17.16 -5.19
C LEU B 127 23.08 16.05 -6.22
N VAL B 128 24.04 15.13 -6.25
CA VAL B 128 23.95 13.94 -7.13
C VAL B 128 24.19 12.63 -6.37
N ALA B 129 23.15 11.83 -6.30
CA ALA B 129 23.21 10.56 -5.64
C ALA B 129 23.54 9.50 -6.66
N ARG B 130 24.24 8.44 -6.25
CA ARG B 130 24.61 7.36 -7.16
C ARG B 130 24.79 6.08 -6.36
N LEU B 131 24.19 4.97 -6.80
CA LEU B 131 24.46 3.64 -6.21
C LEU B 131 25.86 3.27 -6.62
N ALA B 132 26.78 3.26 -5.67
CA ALA B 132 28.15 2.87 -5.93
C ALA B 132 28.16 1.42 -6.37
N ASP B 133 28.75 1.16 -7.53
CA ASP B 133 28.83 -0.19 -8.11
C ASP B 133 29.74 -1.00 -7.20
N GLU B 134 30.67 -0.25 -6.64
CA GLU B 134 31.60 -0.66 -5.62
C GLU B 134 31.02 -1.38 -4.35
N SER B 135 29.70 -1.63 -4.25
CA SER B 135 29.21 -2.09 -2.93
C SER B 135 27.71 -2.26 -2.67
N GLY B 136 27.32 -2.03 -1.42
CA GLY B 136 25.95 -1.69 -0.99
C GLY B 136 25.97 -0.27 -0.41
N HIS B 137 26.61 0.64 -1.15
CA HIS B 137 26.73 2.04 -0.73
C HIS B 137 26.19 3.05 -1.75
N VAL B 138 26.18 4.31 -1.34
CA VAL B 138 25.76 5.40 -2.17
C VAL B 138 26.85 6.45 -2.11
N VAL B 139 27.20 7.03 -3.26
CA VAL B 139 28.23 8.07 -3.36
C VAL B 139 27.55 9.41 -3.60
N LEU B 140 27.96 10.43 -2.83
CA LEU B 140 27.27 11.70 -2.83
C LEU B 140 28.14 12.89 -3.19
N ARG B 141 27.75 13.60 -4.24
CA ARG B 141 28.37 14.86 -4.56
C ARG B 141 27.35 15.99 -4.50
N TRP B 142 27.83 17.17 -4.14
CA TRP B 142 27.07 18.43 -4.15
C TRP B 142 28.08 19.54 -4.46
N LEU B 143 27.61 20.75 -4.74
CA LEU B 143 28.51 21.88 -4.92
C LEU B 143 28.28 22.84 -3.77
N PRO B 144 29.28 23.68 -3.46
CA PRO B 144 29.15 24.67 -2.41
C PRO B 144 28.08 25.67 -2.76
N PRO B 145 27.59 26.42 -1.77
CA PRO B 145 26.57 27.42 -1.97
C PRO B 145 27.05 28.48 -2.95
N PRO B 146 26.22 28.78 -3.94
CA PRO B 146 26.56 29.75 -5.01
C PRO B 146 26.87 31.14 -4.47
N GLU B 147 27.72 31.85 -5.21
CA GLU B 147 28.15 33.19 -4.83
C GLU B 147 28.64 33.27 -3.39
N THR B 148 29.31 32.22 -2.89
CA THR B 148 29.79 32.25 -1.52
C THR B 148 31.31 32.32 -1.43
N PRO B 149 31.80 33.37 -0.75
CA PRO B 149 33.23 33.49 -0.54
C PRO B 149 33.70 32.43 0.42
N MET B 150 34.95 32.01 0.32
CA MET B 150 35.57 31.16 1.32
C MET B 150 35.06 29.75 1.26
N THR B 151 34.79 29.21 0.07
CA THR B 151 34.14 27.88 0.00
C THR B 151 34.95 26.80 0.69
N SER B 152 36.27 26.88 0.56
CA SER B 152 37.19 25.96 1.23
C SER B 152 37.12 26.05 2.75
N HIS B 153 36.23 26.87 3.28
CA HIS B 153 36.12 27.03 4.72
C HIS B 153 34.74 26.63 5.22
N ILE B 154 33.99 25.96 4.36
CA ILE B 154 32.63 25.58 4.66
C ILE B 154 32.67 24.15 5.14
N ARG B 155 31.96 23.87 6.23
CA ARG B 155 31.70 22.48 6.60
C ARG B 155 30.25 22.18 6.36
N TYR B 156 30.01 20.97 5.90
CA TYR B 156 28.67 20.60 5.50
C TYR B 156 28.21 19.41 6.33
N GLU B 157 26.91 19.15 6.34
CA GLU B 157 26.45 17.95 6.98
C GLU B 157 25.38 17.23 6.16
N VAL B 158 25.48 15.91 6.04
CA VAL B 158 24.58 15.15 5.21
C VAL B 158 23.57 14.43 6.08
N ASP B 159 22.29 14.71 5.85
CA ASP B 159 21.24 13.91 6.45
C ASP B 159 20.90 12.81 5.47
N VAL B 160 20.56 11.64 6.02
CA VAL B 160 20.11 10.51 5.25
C VAL B 160 18.83 10.05 5.91
N SER B 161 17.69 10.35 5.29
CA SER B 161 16.39 9.93 5.77
C SER B 161 15.89 8.64 5.10
N ALA B 162 14.89 7.96 5.69
CA ALA B 162 14.30 6.76 5.06
C ALA B 162 12.81 6.91 4.71
N GLY B 163 12.58 7.93 3.87
CA GLY B 163 11.26 8.32 3.38
C GLY B 163 10.39 9.08 4.37
N ASN B 164 9.18 9.44 3.93
CA ASN B 164 8.11 9.88 4.85
C ASN B 164 7.63 8.66 5.66
N GLY B 165 7.49 7.53 4.96
CA GLY B 165 7.18 6.24 5.56
C GLY B 165 7.93 6.07 6.87
N ALA B 166 9.20 5.67 6.77
CA ALA B 166 10.00 5.46 8.01
C ALA B 166 10.36 6.77 8.74
N GLY B 167 10.48 7.88 7.97
CA GLY B 167 10.98 9.17 8.48
C GLY B 167 12.44 9.13 8.93
N SER B 168 12.79 7.99 9.55
CA SER B 168 14.10 7.61 10.12
C SER B 168 15.33 8.42 9.60
N VAL B 169 16.54 7.96 9.95
CA VAL B 169 17.70 8.81 9.78
C VAL B 169 19.08 8.10 9.85
N GLN B 170 20.12 8.94 9.71
CA GLN B 170 21.57 8.67 9.80
C GLN B 170 22.18 10.02 9.41
N ARG B 171 23.04 10.59 10.26
CA ARG B 171 23.61 11.95 10.08
C ARG B 171 25.13 11.88 10.04
N VAL B 172 25.73 12.50 9.04
CA VAL B 172 27.19 12.46 8.90
C VAL B 172 27.72 13.86 8.75
N GLU B 173 28.77 14.16 9.53
CA GLU B 173 29.56 15.40 9.42
C GLU B 173 30.64 15.26 8.37
N ILE B 174 30.61 16.16 7.40
CA ILE B 174 31.61 16.17 6.33
C ILE B 174 32.67 17.21 6.69
N LEU B 175 33.95 16.83 6.59
CA LEU B 175 35.01 17.72 7.04
C LEU B 175 35.23 18.89 6.08
N GLU B 176 35.73 20.01 6.60
CA GLU B 176 35.91 21.29 5.86
C GLU B 176 36.27 21.24 4.38
N GLY B 177 35.53 22.04 3.62
CA GLY B 177 35.72 22.12 2.18
C GLY B 177 35.64 20.84 1.37
N ARG B 178 35.00 19.79 1.89
CA ARG B 178 34.79 18.57 1.11
C ARG B 178 33.38 18.47 0.58
N THR B 179 33.24 17.97 -0.65
CA THR B 179 31.96 18.06 -1.37
C THR B 179 31.40 16.73 -1.89
N GLU B 180 31.89 15.64 -1.31
CA GLU B 180 31.45 14.31 -1.65
C GLU B 180 31.54 13.46 -0.39
N CYS B 181 30.57 12.56 -0.21
CA CYS B 181 30.69 11.56 0.85
C CYS B 181 30.26 10.18 0.34
N VAL B 182 30.74 9.10 0.96
CA VAL B 182 30.29 7.78 0.58
C VAL B 182 29.52 7.22 1.74
N LEU B 183 28.34 6.68 1.47
CA LEU B 183 27.45 6.35 2.55
C LEU B 183 27.31 4.88 2.65
N SER B 184 27.86 4.30 3.71
CA SER B 184 27.85 2.86 3.90
C SER B 184 26.67 2.46 4.72
N ASN B 185 26.57 1.16 4.96
CA ASN B 185 25.58 0.65 5.87
C ASN B 185 24.16 1.04 5.57
N LEU B 186 23.77 1.01 4.30
CA LEU B 186 22.38 1.24 3.92
C LEU B 186 21.71 -0.10 3.74
N ARG B 187 20.47 -0.22 4.19
CA ARG B 187 19.73 -1.47 4.00
C ARG B 187 19.37 -1.59 2.54
N GLY B 188 18.84 -2.75 2.17
CA GLY B 188 18.40 -2.98 0.80
C GLY B 188 16.97 -2.59 0.55
N ARG B 189 16.66 -2.38 -0.73
CA ARG B 189 15.31 -2.23 -1.20
C ARG B 189 14.49 -1.34 -0.29
N THR B 190 14.96 -0.09 -0.14
CA THR B 190 14.28 0.97 0.63
C THR B 190 14.70 2.30 0.00
N ARG B 191 13.83 3.31 -0.02
CA ARG B 191 14.24 4.57 -0.67
C ARG B 191 14.83 5.56 0.31
N TYR B 192 16.12 5.79 0.18
CA TYR B 192 16.83 6.75 1.00
C TYR B 192 16.74 8.19 0.47
N THR B 193 16.62 9.19 1.35
CA THR B 193 16.66 10.60 0.91
C THR B 193 17.80 11.45 1.52
N PHE B 194 18.59 12.06 0.64
CA PHE B 194 19.80 12.74 1.01
C PHE B 194 19.71 14.24 0.84
N ALA B 195 20.29 14.99 1.77
CA ALA B 195 20.32 16.44 1.74
C ALA B 195 21.60 16.88 2.40
N VAL B 196 22.09 18.05 2.02
CA VAL B 196 23.27 18.60 2.65
C VAL B 196 22.97 20.04 3.07
N ARG B 197 23.40 20.43 4.26
CA ARG B 197 23.33 21.82 4.69
C ARG B 197 24.76 22.31 4.94
N ALA B 198 24.94 23.62 5.14
CA ALA B 198 26.28 24.22 5.21
C ALA B 198 26.41 25.37 6.19
N ARG B 199 27.63 25.58 6.68
CA ARG B 199 27.94 26.57 7.72
C ARG B 199 29.43 26.88 7.62
N MET B 200 29.85 28.03 8.14
CA MET B 200 31.26 28.43 8.15
C MET B 200 32.04 27.87 9.34
N ALA B 201 33.31 27.55 9.11
CA ALA B 201 34.19 27.01 10.16
C ALA B 201 34.72 28.03 11.19
N GLU B 202 34.23 27.86 12.41
CA GLU B 202 34.51 28.72 13.57
C GLU B 202 35.72 28.12 14.37
N PRO B 203 36.04 28.68 15.57
CA PRO B 203 35.61 29.98 16.16
C PRO B 203 36.13 31.22 15.39
N SER B 204 36.91 30.99 14.32
CA SER B 204 37.26 32.03 13.36
C SER B 204 36.03 32.92 13.17
N PHE B 205 34.93 32.28 12.76
CA PHE B 205 33.63 32.94 12.60
C PHE B 205 32.56 32.37 13.52
N GLY B 206 31.34 32.28 12.99
CA GLY B 206 30.16 31.92 13.78
C GLY B 206 28.91 32.18 12.96
N GLY B 207 27.95 31.28 13.05
CA GLY B 207 26.73 31.39 12.26
C GLY B 207 25.65 30.38 12.56
N PHE B 208 24.88 30.03 11.54
CA PHE B 208 23.86 29.01 11.67
C PHE B 208 23.94 28.05 10.50
N TRP B 209 23.35 26.87 10.61
CA TRP B 209 23.24 26.03 9.44
C TRP B 209 22.43 26.77 8.36
N SER B 210 22.76 26.50 7.11
CA SER B 210 21.98 26.95 5.98
C SER B 210 20.72 26.13 5.89
N ALA B 211 19.76 26.58 5.09
CA ALA B 211 18.62 25.74 4.79
C ALA B 211 19.19 24.44 4.26
N TRP B 212 18.39 23.39 4.27
CA TRP B 212 18.82 22.14 3.69
C TRP B 212 18.79 22.21 2.15
N SER B 213 19.68 21.43 1.52
CA SER B 213 19.79 21.36 0.06
C SER B 213 18.50 20.83 -0.48
N GLU B 214 18.23 21.06 -1.76
CA GLU B 214 17.09 20.36 -2.33
C GLU B 214 17.50 18.92 -2.51
N PRO B 215 16.70 17.99 -1.96
CA PRO B 215 17.12 16.62 -1.74
C PRO B 215 17.10 15.80 -3.01
N VAL B 216 17.48 14.53 -2.89
CA VAL B 216 17.62 13.59 -3.98
C VAL B 216 17.40 12.19 -3.39
N SER B 217 16.32 11.51 -3.76
CA SER B 217 16.12 10.17 -3.21
C SER B 217 16.77 9.14 -4.11
N LEU B 218 16.94 7.92 -3.60
CA LEU B 218 17.47 6.80 -4.38
C LEU B 218 16.98 5.46 -3.81
N LEU B 219 16.45 4.58 -4.67
CA LEU B 219 15.92 3.28 -4.17
C LEU B 219 16.93 2.22 -4.45
N THR B 220 17.50 1.68 -3.36
CA THR B 220 18.55 0.68 -3.39
C THR B 220 18.09 -0.62 -4.05
N PRO B 221 19.05 -1.47 -4.46
CA PRO B 221 18.70 -2.77 -5.06
C PRO B 221 18.22 -3.74 -3.97
N SER B 222 18.43 -5.03 -4.18
CA SER B 222 18.12 -6.00 -3.13
C SER B 222 19.41 -6.68 -2.60
N ASP B 223 19.24 -7.64 -1.69
CA ASP B 223 20.35 -8.22 -0.91
C ASP B 223 20.54 -9.73 -1.04
N LEU B 224 21.47 -10.27 -0.41
N LYS C 10 -1.69 15.73 -21.58
CA LYS C 10 -1.55 16.97 -20.77
C LYS C 10 -2.45 16.93 -19.53
N PHE C 11 -3.77 17.00 -19.73
CA PHE C 11 -4.67 16.94 -18.60
C PHE C 11 -4.62 15.57 -17.94
N GLU C 12 -5.18 14.56 -18.61
CA GLU C 12 -5.23 13.19 -18.08
C GLU C 12 -3.93 12.83 -17.36
N SER C 13 -2.80 13.15 -17.98
CA SER C 13 -1.48 12.89 -17.40
C SER C 13 -1.26 13.62 -16.09
N LYS C 14 -1.47 14.94 -16.08
CA LYS C 14 -1.20 15.75 -14.89
C LYS C 14 -2.23 15.51 -13.79
N ALA C 15 -3.39 15.00 -14.20
CA ALA C 15 -4.37 14.45 -13.29
C ALA C 15 -3.79 13.17 -12.66
N ALA C 16 -3.34 12.24 -13.50
CA ALA C 16 -2.74 11.00 -13.07
C ALA C 16 -1.61 11.21 -12.06
N LEU C 17 -0.71 12.13 -12.38
CA LEU C 17 0.45 12.41 -11.53
C LEU C 17 0.03 12.71 -10.08
N LEU C 18 -1.08 13.43 -9.94
CA LEU C 18 -1.56 13.84 -8.62
C LEU C 18 -2.42 12.80 -7.90
N ALA C 19 -3.34 12.15 -8.64
CA ALA C 19 -4.19 11.08 -8.09
C ALA C 19 -3.37 10.02 -7.35
N ALA C 20 -2.04 10.11 -7.52
CA ALA C 20 -1.07 9.24 -6.86
C ALA C 20 -0.98 9.36 -5.32
N ARG C 21 -1.93 10.09 -4.70
CA ARG C 21 -2.10 10.14 -3.23
C ARG C 21 -3.35 10.94 -2.80
N GLY C 22 -3.99 10.50 -1.70
CA GLY C 22 -5.26 11.09 -1.25
C GLY C 22 -6.46 10.47 -1.96
N PRO C 23 -7.35 9.79 -1.20
CA PRO C 23 -8.55 9.10 -1.69
C PRO C 23 -9.59 10.02 -2.34
N GLU C 24 -10.57 10.46 -1.55
CA GLU C 24 -11.67 11.28 -2.06
C GLU C 24 -11.36 12.76 -2.01
N GLU C 25 -10.09 13.12 -2.21
CA GLU C 25 -9.71 14.51 -2.03
C GLU C 25 -9.85 15.33 -3.32
N LEU C 26 -10.18 16.60 -3.15
CA LEU C 26 -10.23 17.54 -4.25
C LEU C 26 -8.84 18.10 -4.44
N LEU C 27 -8.34 18.06 -5.67
CA LEU C 27 -7.01 18.58 -5.96
C LEU C 27 -7.03 19.63 -7.05
N CYS C 28 -7.10 20.92 -6.69
CA CYS C 28 -6.84 21.95 -7.68
C CYS C 28 -5.29 22.08 -7.85
N PHE C 29 -4.84 22.35 -9.08
CA PHE C 29 -3.45 22.69 -9.38
C PHE C 29 -3.43 23.75 -10.50
N THR C 30 -2.26 24.29 -10.83
CA THR C 30 -2.16 25.24 -11.95
C THR C 30 -0.92 25.05 -12.81
N GLU C 31 -1.09 25.14 -14.13
CA GLU C 31 -0.07 24.69 -15.08
C GLU C 31 0.91 25.79 -15.51
N ARG C 32 0.48 26.61 -16.47
CA ARG C 32 1.35 27.66 -16.99
C ARG C 32 1.10 28.93 -16.20
N LEU C 33 0.54 28.74 -15.00
CA LEU C 33 0.22 29.83 -14.07
C LEU C 33 -0.76 30.87 -14.63
N GLU C 34 -1.72 30.42 -15.42
CA GLU C 34 -2.78 31.31 -15.90
C GLU C 34 -4.17 30.85 -15.45
N ASP C 35 -4.45 29.56 -15.54
CA ASP C 35 -5.71 28.99 -15.08
C ASP C 35 -5.53 27.86 -14.06
N LEU C 36 -6.11 28.01 -12.87
CA LEU C 36 -6.19 26.93 -11.87
C LEU C 36 -7.13 25.84 -12.35
N VAL C 37 -6.91 24.59 -11.93
CA VAL C 37 -7.81 23.52 -12.30
C VAL C 37 -8.06 22.56 -11.17
N CYS C 38 -9.32 22.43 -10.82
CA CYS C 38 -9.82 21.65 -9.71
C CYS C 38 -10.26 20.29 -10.17
N PHE C 39 -10.04 19.23 -9.39
CA PHE C 39 -10.60 17.92 -9.74
C PHE C 39 -10.68 16.90 -8.59
N TRP C 40 -11.57 15.91 -8.75
CA TRP C 40 -11.69 14.78 -7.81
C TRP C 40 -12.27 13.56 -8.52
N GLU C 41 -12.23 12.39 -7.84
CA GLU C 41 -12.54 11.10 -8.50
C GLU C 41 -13.44 10.16 -7.69
N GLU C 42 -14.04 9.19 -8.40
CA GLU C 42 -14.67 7.94 -7.85
C GLU C 42 -15.82 7.45 -8.73
N ALA C 43 -15.63 6.36 -9.47
CA ALA C 43 -16.75 5.80 -10.22
C ALA C 43 -17.66 5.18 -9.22
N ALA C 44 -18.96 5.20 -9.52
CA ALA C 44 -19.99 4.54 -8.70
C ALA C 44 -20.95 3.72 -9.57
N SER C 45 -22.07 4.33 -9.99
CA SER C 45 -23.10 3.62 -10.74
C SER C 45 -23.80 4.52 -11.78
N ALA C 46 -24.96 4.05 -12.28
CA ALA C 46 -25.69 4.67 -13.40
C ALA C 46 -26.30 6.05 -13.12
N GLY C 47 -26.61 6.31 -11.85
CA GLY C 47 -27.24 7.56 -11.44
C GLY C 47 -26.31 8.64 -10.87
N VAL C 48 -25.52 9.26 -11.76
CA VAL C 48 -24.72 10.47 -11.43
C VAL C 48 -24.71 11.49 -12.60
N GLY C 49 -23.55 12.12 -12.86
CA GLY C 49 -23.40 13.11 -13.95
C GLY C 49 -22.82 14.45 -13.50
N PRO C 50 -22.38 15.32 -14.44
CA PRO C 50 -21.82 16.60 -13.99
C PRO C 50 -22.89 17.44 -13.27
N GLY C 51 -24.04 17.61 -13.93
CA GLY C 51 -25.18 18.30 -13.36
C GLY C 51 -25.62 17.77 -12.01
N ASN C 52 -24.99 16.70 -11.55
CA ASN C 52 -25.28 16.12 -10.25
C ASN C 52 -24.60 16.89 -9.11
N TYR C 53 -23.45 17.52 -9.41
CA TYR C 53 -22.70 18.28 -8.42
C TYR C 53 -22.63 19.75 -8.79
N SER C 54 -22.27 20.58 -7.80
CA SER C 54 -22.16 22.02 -8.02
C SER C 54 -20.91 22.64 -7.39
N PHE C 55 -20.21 23.44 -8.19
CA PHE C 55 -18.87 23.90 -7.85
C PHE C 55 -18.78 25.41 -7.73
N SER C 56 -18.71 25.89 -6.50
CA SER C 56 -18.77 27.31 -6.23
C SER C 56 -17.45 27.85 -5.71
N TYR C 57 -16.96 28.94 -6.33
CA TYR C 57 -15.74 29.58 -5.86
C TYR C 57 -15.87 31.05 -5.55
N GLN C 58 -14.82 31.64 -4.99
CA GLN C 58 -14.75 33.05 -4.65
C GLN C 58 -13.30 33.51 -4.63
N LEU C 59 -12.91 34.24 -5.67
CA LEU C 59 -11.65 34.96 -5.69
C LEU C 59 -11.69 35.97 -4.58
N GLU C 60 -11.56 35.46 -3.35
CA GLU C 60 -11.62 36.26 -2.11
C GLU C 60 -12.41 37.57 -2.26
N ASP C 61 -13.69 37.55 -1.84
CA ASP C 61 -14.53 38.76 -1.63
C ASP C 61 -15.46 39.27 -2.78
N GLU C 62 -15.49 38.53 -3.90
CA GLU C 62 -16.41 38.83 -5.03
C GLU C 62 -17.69 38.02 -4.91
N PRO C 63 -18.66 38.25 -5.81
CA PRO C 63 -19.75 37.28 -5.94
C PRO C 63 -19.27 35.88 -6.36
N TRP C 64 -19.81 34.84 -5.73
CA TRP C 64 -19.44 33.45 -6.02
C TRP C 64 -19.71 33.01 -7.47
N LYS C 65 -18.95 32.03 -7.97
CA LYS C 65 -19.02 31.58 -9.38
C LYS C 65 -19.00 30.03 -9.56
N LEU C 66 -18.36 29.51 -10.61
CA LEU C 66 -18.28 28.05 -10.89
C LEU C 66 -16.89 27.44 -11.36
N CYS C 67 -16.05 26.83 -10.48
CA CYS C 67 -14.88 25.96 -10.94
C CYS C 67 -15.76 24.96 -11.75
N ARG C 68 -16.21 25.37 -12.96
CA ARG C 68 -17.46 24.84 -13.63
C ARG C 68 -17.43 23.47 -14.37
N LEU C 69 -18.31 22.57 -13.92
CA LEU C 69 -18.08 21.12 -14.01
C LEU C 69 -17.96 20.45 -15.38
N HIS C 70 -17.24 19.34 -15.39
CA HIS C 70 -17.03 18.48 -16.56
C HIS C 70 -16.70 17.07 -16.07
N GLN C 71 -17.50 16.10 -16.50
CA GLN C 71 -17.29 14.69 -16.14
C GLN C 71 -16.51 14.05 -17.27
N ALA C 72 -15.73 13.02 -16.94
CA ALA C 72 -14.88 12.29 -17.88
C ALA C 72 -14.60 10.92 -17.27
N PRO C 73 -14.45 9.87 -18.10
CA PRO C 73 -14.00 8.60 -17.50
C PRO C 73 -12.47 8.38 -17.58
N THR C 74 -11.89 8.06 -16.43
CA THR C 74 -10.46 7.82 -16.29
C THR C 74 -10.11 6.47 -16.84
N ALA C 75 -8.98 6.37 -17.54
CA ALA C 75 -8.57 5.14 -18.18
C ALA C 75 -8.63 3.94 -17.23
N ARG C 76 -8.38 4.19 -15.96
CA ARG C 76 -8.43 3.19 -14.88
C ARG C 76 -9.87 2.68 -14.68
N GLY C 77 -10.81 3.20 -15.45
CA GLY C 77 -12.21 2.83 -15.32
C GLY C 77 -12.91 3.51 -14.16
N ALA C 78 -12.56 4.77 -13.90
CA ALA C 78 -13.24 5.52 -12.88
C ALA C 78 -13.78 6.82 -13.48
N VAL C 79 -14.26 7.72 -12.63
CA VAL C 79 -14.83 8.97 -13.11
C VAL C 79 -14.08 10.16 -12.48
N ARG C 80 -13.93 11.22 -13.26
CA ARG C 80 -13.21 12.38 -12.85
C ARG C 80 -14.09 13.58 -13.11
N PHE C 81 -14.17 14.47 -12.13
CA PHE C 81 -14.86 15.74 -12.30
C PHE C 81 -13.84 16.87 -12.17
N TRP C 82 -13.91 17.86 -13.05
CA TRP C 82 -12.89 18.89 -13.10
C TRP C 82 -13.40 20.21 -13.66
N CYS C 83 -12.52 21.21 -13.80
CA CYS C 83 -12.88 22.57 -14.26
C CYS C 83 -11.78 23.59 -14.05
N SER C 84 -11.88 24.73 -14.72
CA SER C 84 -10.84 25.77 -14.66
C SER C 84 -11.33 27.16 -14.29
N LEU C 85 -10.41 28.12 -14.23
CA LEU C 85 -10.70 29.52 -13.86
C LEU C 85 -9.83 30.50 -14.68
N PRO C 86 -10.43 31.64 -15.13
CA PRO C 86 -9.68 32.64 -15.93
C PRO C 86 -8.34 33.14 -15.33
N THR C 87 -7.52 33.77 -16.19
CA THR C 87 -6.13 34.20 -15.87
C THR C 87 -6.01 35.53 -15.11
N ALA C 88 -6.53 36.61 -15.70
CA ALA C 88 -6.44 37.94 -15.11
C ALA C 88 -7.04 37.95 -13.71
N ASP C 89 -8.21 37.32 -13.57
CA ASP C 89 -8.83 37.05 -12.26
C ASP C 89 -7.83 36.35 -11.31
N THR C 90 -7.22 35.27 -11.81
CA THR C 90 -6.17 34.57 -11.07
C THR C 90 -4.95 35.51 -10.86
N SER C 91 -4.94 36.18 -9.71
CA SER C 91 -3.79 36.98 -9.28
C SER C 91 -3.18 36.34 -8.04
N SER C 92 -2.03 35.69 -8.24
CA SER C 92 -1.42 34.75 -7.27
C SER C 92 -1.09 35.33 -5.87
N PHE C 93 -0.78 34.41 -4.94
CA PHE C 93 -0.52 34.75 -3.54
C PHE C 93 -1.79 34.93 -2.70
N VAL C 94 -2.79 35.60 -3.29
CA VAL C 94 -4.11 35.77 -2.66
C VAL C 94 -4.85 34.45 -2.61
N PRO C 95 -5.50 34.14 -1.47
CA PRO C 95 -6.22 32.88 -1.33
C PRO C 95 -7.45 32.81 -2.21
N LEU C 96 -8.12 31.68 -2.11
CA LEU C 96 -9.27 31.37 -2.92
C LEU C 96 -9.96 30.31 -2.12
N GLU C 97 -11.26 30.44 -1.92
CA GLU C 97 -12.01 29.38 -1.25
C GLU C 97 -13.09 28.90 -2.14
N LEU C 98 -13.24 27.59 -2.19
CA LEU C 98 -14.25 26.99 -3.03
C LEU C 98 -15.13 26.03 -2.24
N ARG C 99 -16.40 26.00 -2.63
CA ARG C 99 -17.38 25.21 -1.95
C ARG C 99 -17.99 24.27 -2.98
N VAL C 100 -17.94 22.96 -2.73
CA VAL C 100 -18.39 21.97 -3.71
C VAL C 100 -19.45 21.06 -3.13
N THR C 101 -20.66 21.19 -3.65
CA THR C 101 -21.81 20.50 -3.08
C THR C 101 -22.45 19.49 -4.05
N ALA C 102 -23.17 18.52 -3.48
CA ALA C 102 -23.78 17.45 -4.27
C ALA C 102 -25.20 17.79 -4.76
N ALA C 103 -25.93 16.77 -5.22
CA ALA C 103 -27.37 16.87 -5.45
C ALA C 103 -28.06 17.23 -4.14
N SER C 104 -28.57 18.47 -4.04
CA SER C 104 -29.26 18.99 -2.82
C SER C 104 -28.47 20.03 -2.00
N GLY C 105 -27.19 20.17 -2.28
CA GLY C 105 -26.37 21.08 -1.50
C GLY C 105 -25.90 20.44 -0.20
N ALA C 106 -25.80 19.11 -0.19
CA ALA C 106 -24.94 18.41 0.76
C ALA C 106 -23.48 18.71 0.36
N PRO C 107 -22.68 19.30 1.26
CA PRO C 107 -21.37 19.79 0.85
C PRO C 107 -20.32 18.69 0.92
N ARG C 108 -19.50 18.55 -0.12
CA ARG C 108 -18.44 17.55 -0.06
C ARG C 108 -17.03 18.11 0.02
N TYR C 109 -16.85 19.36 -0.38
CA TYR C 109 -15.60 20.09 -0.16
C TYR C 109 -15.92 21.54 0.19
N HIS C 110 -15.15 22.08 1.13
CA HIS C 110 -15.11 23.51 1.40
C HIS C 110 -13.69 23.85 1.81
N ARG C 111 -12.88 24.15 0.80
CA ARG C 111 -11.44 24.24 0.95
C ARG C 111 -10.93 25.63 0.58
N VAL C 112 -9.83 26.00 1.22
CA VAL C 112 -9.09 27.22 0.85
C VAL C 112 -7.82 26.78 0.15
N ILE C 113 -7.49 27.39 -0.99
CA ILE C 113 -6.31 26.95 -1.73
C ILE C 113 -5.50 28.14 -2.17
N HIS C 114 -4.17 28.09 -1.98
CA HIS C 114 -3.33 29.21 -2.45
C HIS C 114 -2.80 28.97 -3.88
N ILE C 115 -3.39 29.65 -4.87
CA ILE C 115 -3.04 29.38 -6.27
C ILE C 115 -1.54 29.21 -6.44
N ASN C 116 -0.79 30.17 -5.93
CA ASN C 116 0.65 30.19 -6.11
C ASN C 116 1.39 28.95 -5.64
N GLU C 117 0.72 28.06 -4.93
CA GLU C 117 1.46 26.96 -4.29
C GLU C 117 1.08 25.58 -4.76
N VAL C 118 0.65 25.49 -6.01
CA VAL C 118 0.29 24.21 -6.56
C VAL C 118 0.70 24.18 -8.03
N VAL C 119 1.69 25.00 -8.37
CA VAL C 119 2.15 25.07 -9.74
C VAL C 119 2.63 23.72 -10.20
N LEU C 120 1.99 23.15 -11.22
CA LEU C 120 2.43 21.88 -11.81
C LEU C 120 2.84 22.00 -13.27
N LEU C 121 4.10 21.67 -13.56
CA LEU C 121 4.65 21.86 -14.90
C LEU C 121 4.46 20.67 -15.84
N ASP C 122 4.54 20.97 -17.13
CA ASP C 122 4.63 19.94 -18.12
C ASP C 122 6.04 19.38 -18.11
N ALA C 123 6.18 18.16 -18.64
CA ALA C 123 7.42 17.44 -18.56
C ALA C 123 8.34 18.13 -19.55
N PRO C 124 9.64 18.11 -19.29
CA PRO C 124 10.53 18.69 -20.29
C PRO C 124 10.50 17.80 -21.52
N VAL C 125 11.27 18.15 -22.53
CA VAL C 125 11.03 17.58 -23.83
C VAL C 125 12.19 17.87 -24.76
N GLY C 126 12.34 17.06 -25.78
CA GLY C 126 13.42 17.24 -26.74
C GLY C 126 14.71 16.67 -26.19
N LEU C 127 14.53 15.57 -25.49
CA LEU C 127 15.59 14.94 -24.76
C LEU C 127 16.65 14.40 -25.74
N VAL C 128 17.94 14.62 -25.43
CA VAL C 128 19.05 14.13 -26.30
C VAL C 128 20.35 13.75 -25.58
N ALA C 129 20.57 12.44 -25.57
CA ALA C 129 21.75 11.82 -25.00
C ALA C 129 22.81 11.49 -26.07
N ARG C 130 24.08 11.78 -25.80
CA ARG C 130 25.14 11.38 -26.72
C ARG C 130 26.38 10.98 -25.96
N LEU C 131 27.19 10.09 -26.54
CA LEU C 131 28.45 9.71 -25.89
C LEU C 131 29.38 10.88 -25.91
N ALA C 132 30.38 10.83 -25.06
CA ALA C 132 31.30 11.93 -24.91
C ALA C 132 32.60 11.65 -25.63
N ASP C 133 32.73 12.40 -26.73
CA ASP C 133 33.89 12.46 -27.64
C ASP C 133 35.06 12.96 -26.77
N GLU C 134 35.02 12.51 -25.52
CA GLU C 134 35.80 13.10 -24.43
C GLU C 134 36.03 12.14 -23.21
N SER C 135 35.61 10.86 -23.32
CA SER C 135 35.77 9.85 -22.22
C SER C 135 34.63 8.82 -22.11
N GLY C 136 34.46 8.23 -20.91
CA GLY C 136 33.29 7.38 -20.58
C GLY C 136 32.07 8.08 -19.97
N HIS C 137 31.67 9.23 -20.53
CA HIS C 137 30.47 9.94 -20.05
C HIS C 137 29.39 10.04 -21.08
N VAL C 138 28.15 10.22 -20.62
CA VAL C 138 27.03 10.57 -21.50
C VAL C 138 26.75 12.05 -21.34
N VAL C 139 26.37 12.74 -22.40
CA VAL C 139 26.09 14.16 -22.31
C VAL C 139 24.64 14.34 -22.62
N LEU C 140 23.94 15.03 -21.73
CA LEU C 140 22.50 15.12 -21.79
C LEU C 140 22.04 16.56 -22.04
N ARG C 141 21.15 16.74 -23.01
CA ARG C 141 20.63 18.06 -23.33
C ARG C 141 19.14 17.89 -23.41
N TRP C 142 18.40 18.90 -22.96
CA TRP C 142 16.96 18.84 -23.09
C TRP C 142 16.42 20.26 -23.27
N LEU C 143 15.09 20.37 -23.36
CA LEU C 143 14.42 21.67 -23.46
C LEU C 143 13.33 21.78 -22.41
N PRO C 144 13.11 22.99 -21.88
CA PRO C 144 12.08 23.27 -20.88
C PRO C 144 10.67 22.90 -21.33
N PRO C 145 9.76 22.61 -20.39
CA PRO C 145 8.36 22.35 -20.76
C PRO C 145 7.82 23.46 -21.63
N PRO C 146 7.25 23.12 -22.80
CA PRO C 146 6.77 24.15 -23.72
C PRO C 146 5.80 25.13 -23.07
N GLU C 147 5.74 26.35 -23.61
CA GLU C 147 4.76 27.35 -23.17
C GLU C 147 4.80 27.63 -21.66
N THR C 148 5.98 27.55 -21.07
CA THR C 148 6.05 27.82 -19.64
C THR C 148 6.71 29.17 -19.41
N PRO C 149 6.02 30.08 -18.71
CA PRO C 149 6.52 31.43 -18.41
C PRO C 149 7.87 31.42 -17.68
N MET C 150 8.67 32.47 -17.94
CA MET C 150 10.08 32.60 -17.51
C MET C 150 10.77 31.33 -17.03
N THR C 151 10.98 30.47 -18.01
CA THR C 151 11.83 29.30 -17.93
C THR C 151 13.05 29.45 -17.01
N SER C 152 13.62 30.65 -16.94
CA SER C 152 14.87 30.89 -16.21
C SER C 152 14.87 30.47 -14.72
N HIS C 153 13.69 30.14 -14.19
CA HIS C 153 13.58 29.70 -12.80
C HIS C 153 12.95 28.35 -12.68
N ILE C 154 13.26 27.45 -13.61
CA ILE C 154 12.82 26.06 -13.57
C ILE C 154 14.03 25.26 -13.18
N ARG C 155 13.92 24.43 -12.14
CA ARG C 155 14.98 23.48 -11.85
C ARG C 155 14.57 22.10 -12.30
N TYR C 156 15.55 21.30 -12.71
CA TYR C 156 15.27 19.96 -13.18
C TYR C 156 15.98 18.89 -12.37
N GLU C 157 15.51 17.66 -12.47
CA GLU C 157 16.25 16.57 -11.91
C GLU C 157 16.30 15.46 -12.96
N VAL C 158 17.51 15.00 -13.27
CA VAL C 158 17.74 13.91 -14.21
C VAL C 158 17.75 12.62 -13.44
N ASP C 159 17.13 11.58 -14.01
CA ASP C 159 17.23 10.22 -13.50
C ASP C 159 17.98 9.35 -14.50
N VAL C 160 18.66 8.34 -13.98
CA VAL C 160 19.42 7.37 -14.77
C VAL C 160 19.04 5.96 -14.31
N SER C 161 18.27 5.23 -15.13
CA SER C 161 17.96 3.82 -14.90
C SER C 161 18.97 2.94 -15.61
N ALA C 162 19.16 1.72 -15.10
CA ALA C 162 20.02 0.72 -15.75
C ALA C 162 19.17 -0.46 -16.24
N GLY C 163 17.87 -0.40 -15.92
CA GLY C 163 16.84 -1.14 -16.66
C GLY C 163 16.23 -2.39 -16.03
N ASN C 164 14.89 -2.43 -16.01
CA ASN C 164 14.08 -3.52 -15.42
C ASN C 164 14.81 -4.83 -15.13
N GLY C 165 15.50 -5.35 -16.15
CA GLY C 165 16.36 -6.55 -16.04
C GLY C 165 17.55 -6.27 -15.15
N ALA C 166 18.19 -5.11 -15.36
CA ALA C 166 19.26 -4.68 -14.48
C ALA C 166 18.68 -4.11 -13.18
N GLY C 167 17.60 -3.32 -13.30
CA GLY C 167 16.92 -2.71 -12.15
C GLY C 167 17.84 -1.90 -11.25
N SER C 168 18.32 -0.76 -11.76
CA SER C 168 19.21 0.15 -10.98
C SER C 168 18.91 1.70 -11.17
N VAL C 169 19.89 2.57 -10.82
CA VAL C 169 19.66 4.02 -10.63
C VAL C 169 20.91 4.90 -10.33
N GLN C 170 20.75 6.20 -10.62
CA GLN C 170 21.63 7.36 -10.27
C GLN C 170 20.73 8.59 -10.46
N ARG C 171 20.70 9.53 -9.51
CA ARG C 171 19.85 10.74 -9.66
C ARG C 171 20.65 12.05 -9.55
N VAL C 172 20.28 13.06 -10.34
CA VAL C 172 21.02 14.31 -10.33
C VAL C 172 20.18 15.60 -10.36
N GLU C 173 20.52 16.49 -9.43
CA GLU C 173 19.87 17.76 -9.25
C GLU C 173 20.51 18.81 -10.11
N ILE C 174 19.79 19.20 -11.15
CA ILE C 174 20.24 20.16 -12.14
C ILE C 174 19.99 21.52 -11.55
N LEU C 175 21.00 22.38 -11.65
CA LEU C 175 20.84 23.78 -11.24
C LEU C 175 19.69 24.45 -11.98
N GLU C 176 19.03 25.34 -11.26
CA GLU C 176 17.88 26.03 -11.77
C GLU C 176 18.27 26.84 -13.00
N GLY C 177 17.55 26.57 -14.09
CA GLY C 177 17.77 27.22 -15.38
C GLY C 177 18.80 26.56 -16.27
N ARG C 178 19.35 25.44 -15.85
CA ARG C 178 20.31 24.73 -16.68
C ARG C 178 19.59 23.64 -17.46
N THR C 179 20.09 23.30 -18.66
CA THR C 179 19.47 22.25 -19.48
C THR C 179 20.48 21.21 -19.98
N GLU C 180 21.72 21.31 -19.49
CA GLU C 180 22.75 20.36 -19.85
C GLU C 180 23.19 19.58 -18.61
N CYS C 181 23.79 18.41 -18.79
CA CYS C 181 24.62 17.81 -17.74
C CYS C 181 25.37 16.60 -18.21
N VAL C 182 26.63 16.50 -17.81
CA VAL C 182 27.42 15.34 -18.11
C VAL C 182 27.22 14.28 -17.05
N LEU C 183 27.18 13.03 -17.48
CA LEU C 183 26.90 11.90 -16.60
C LEU C 183 28.12 11.03 -16.59
N SER C 184 28.85 11.10 -15.49
CA SER C 184 30.09 10.40 -15.32
C SER C 184 29.83 9.14 -14.52
N ASN C 185 30.85 8.31 -14.38
CA ASN C 185 30.82 7.15 -13.50
C ASN C 185 29.84 6.07 -13.93
N LEU C 186 29.63 5.95 -15.24
CA LEU C 186 28.72 4.95 -15.82
C LEU C 186 29.47 3.72 -16.22
N ARG C 187 29.00 2.58 -15.78
CA ARG C 187 29.63 1.31 -16.12
C ARG C 187 29.80 1.19 -17.64
N GLY C 188 30.87 0.54 -18.08
CA GLY C 188 31.00 0.13 -19.49
C GLY C 188 30.03 -0.98 -19.89
N ARG C 189 29.71 -1.03 -21.19
CA ARG C 189 28.86 -2.07 -21.82
C ARG C 189 27.44 -2.24 -21.26
N THR C 190 26.91 -1.23 -20.58
CA THR C 190 25.58 -1.34 -19.99
C THR C 190 24.60 -0.45 -20.78
N ARG C 191 23.30 -0.59 -20.55
CA ARG C 191 22.33 0.23 -21.30
C ARG C 191 21.62 1.23 -20.39
N TYR C 192 21.84 2.51 -20.62
CA TYR C 192 21.30 3.52 -19.73
C TYR C 192 20.08 4.25 -20.26
N THR C 193 19.06 4.45 -19.42
CA THR C 193 17.86 5.17 -19.83
C THR C 193 17.69 6.49 -19.07
N PHE C 194 17.81 7.60 -19.79
CA PHE C 194 17.74 8.94 -19.17
C PHE C 194 16.37 9.60 -19.32
N ALA C 195 15.88 10.18 -18.22
CA ALA C 195 14.62 10.90 -18.20
C ALA C 195 14.81 12.09 -17.29
N VAL C 196 14.12 13.19 -17.59
CA VAL C 196 14.26 14.43 -16.86
C VAL C 196 12.87 14.89 -16.44
N ARG C 197 12.75 15.53 -15.26
CA ARG C 197 11.48 16.14 -14.82
C ARG C 197 11.72 17.60 -14.40
N ALA C 198 10.65 18.33 -14.03
CA ALA C 198 10.72 19.78 -13.74
C ALA C 198 9.74 20.38 -12.73
N ARG C 199 10.23 21.37 -11.99
CA ARG C 199 9.47 22.06 -10.96
C ARG C 199 9.90 23.52 -11.05
N MET C 200 9.00 24.44 -10.70
CA MET C 200 9.36 25.86 -10.50
C MET C 200 10.36 25.98 -9.37
N ALA C 201 11.52 26.57 -9.64
CA ALA C 201 12.50 26.81 -8.59
C ALA C 201 11.92 27.80 -7.59
N GLU C 202 12.28 29.07 -7.74
CA GLU C 202 11.85 30.06 -6.79
C GLU C 202 11.28 31.31 -7.49
N PRO C 203 10.85 32.32 -6.69
CA PRO C 203 10.78 32.21 -5.22
C PRO C 203 9.47 31.53 -4.75
N SER C 204 8.84 32.09 -3.70
CA SER C 204 7.45 31.79 -3.32
C SER C 204 6.86 30.50 -3.89
N PHE C 205 6.13 30.64 -5.01
CA PHE C 205 5.36 29.55 -5.63
C PHE C 205 5.97 28.14 -5.60
N GLY C 206 5.53 27.34 -4.62
CA GLY C 206 5.84 25.91 -4.53
C GLY C 206 4.91 25.08 -5.41
N GLY C 207 5.19 23.79 -5.52
CA GLY C 207 4.43 22.90 -6.39
C GLY C 207 4.92 21.46 -6.38
N PHE C 208 4.85 20.83 -7.54
CA PHE C 208 5.08 19.41 -7.68
C PHE C 208 5.97 19.16 -8.86
N TRP C 209 6.74 18.08 -8.81
CA TRP C 209 7.45 17.61 -10.01
C TRP C 209 6.49 17.30 -11.18
N SER C 210 6.87 17.75 -12.37
CA SER C 210 6.23 17.38 -13.62
C SER C 210 6.50 15.90 -13.83
N ALA C 211 5.86 15.32 -14.84
CA ALA C 211 6.17 13.94 -15.22
C ALA C 211 7.60 13.92 -15.68
N TRP C 212 8.20 12.75 -15.71
CA TRP C 212 9.48 12.56 -16.36
C TRP C 212 9.31 12.79 -17.86
N SER C 213 10.22 13.52 -18.48
CA SER C 213 10.18 13.67 -19.92
C SER C 213 10.25 12.29 -20.52
N GLU C 214 9.77 12.13 -21.74
CA GLU C 214 9.98 10.85 -22.42
C GLU C 214 11.46 10.48 -22.51
N PRO C 215 11.79 9.20 -22.30
CA PRO C 215 13.16 8.91 -22.03
C PRO C 215 14.00 8.77 -23.30
N VAL C 216 15.27 8.44 -23.14
CA VAL C 216 16.16 8.24 -24.25
C VAL C 216 17.23 7.28 -23.74
N SER C 217 17.51 6.22 -24.48
CA SER C 217 18.48 5.25 -24.03
C SER C 217 19.71 5.22 -24.88
N LEU C 218 20.84 4.94 -24.23
CA LEU C 218 22.09 4.79 -24.91
C LEU C 218 22.70 3.50 -24.43
N LEU C 219 23.41 2.84 -25.32
CA LEU C 219 24.15 1.63 -25.00
C LEU C 219 25.60 2.03 -24.92
N THR C 220 26.21 1.79 -23.78
CA THR C 220 27.54 2.31 -23.49
C THR C 220 28.60 1.38 -24.11
N PRO C 221 29.75 1.93 -24.56
CA PRO C 221 30.70 1.09 -25.28
C PRO C 221 31.57 0.33 -24.31
N SER C 222 32.42 -0.55 -24.81
CA SER C 222 33.18 -1.42 -23.94
C SER C 222 34.29 -0.66 -23.19
N ASP C 223 34.63 -1.18 -22.02
CA ASP C 223 35.34 -0.43 -21.00
C ASP C 223 36.74 0.03 -21.34
N LEU C 224 37.24 0.95 -20.67
N GLN D 1 -28.72 -5.63 -13.03
CA GLN D 1 -28.17 -6.43 -11.89
C GLN D 1 -27.95 -7.89 -12.27
N VAL D 2 -26.78 -8.42 -11.93
CA VAL D 2 -26.48 -9.81 -12.17
C VAL D 2 -26.58 -10.44 -10.81
N GLN D 3 -27.21 -11.61 -10.74
CA GLN D 3 -27.39 -12.27 -9.45
C GLN D 3 -27.12 -13.77 -9.56
N LEU D 4 -26.33 -14.27 -8.61
CA LEU D 4 -25.94 -15.68 -8.54
C LEU D 4 -26.33 -16.25 -7.19
N GLN D 5 -26.96 -17.42 -7.21
CA GLN D 5 -27.46 -18.07 -5.99
C GLN D 5 -27.35 -19.58 -6.16
N GLU D 6 -26.61 -20.25 -5.27
CA GLU D 6 -26.42 -21.70 -5.40
C GLU D 6 -27.39 -22.56 -4.59
N SER D 7 -27.48 -23.86 -4.92
CA SER D 7 -28.48 -24.75 -4.36
C SER D 7 -28.04 -26.23 -4.34
N GLY D 8 -28.85 -27.08 -3.69
CA GLY D 8 -28.64 -28.54 -3.65
C GLY D 8 -27.74 -29.13 -2.55
N PRO D 9 -27.48 -28.37 -1.46
CA PRO D 9 -26.33 -28.60 -0.54
C PRO D 9 -26.21 -29.99 0.12
N GLY D 10 -25.92 -29.98 1.43
CA GLY D 10 -25.96 -31.16 2.29
C GLY D 10 -24.63 -31.85 2.54
N LEU D 11 -24.68 -33.18 2.52
CA LEU D 11 -23.50 -34.03 2.69
C LEU D 11 -23.43 -35.05 1.56
N VAL D 12 -22.33 -35.79 1.51
CA VAL D 12 -22.10 -36.79 0.50
C VAL D 12 -21.27 -37.88 1.17
N LYS D 13 -21.65 -39.14 0.98
CA LYS D 13 -20.87 -40.29 1.50
C LYS D 13 -19.61 -40.52 0.64
N PRO D 14 -18.44 -40.63 1.29
CA PRO D 14 -17.14 -40.68 0.60
C PRO D 14 -17.00 -41.73 -0.52
N SER D 15 -17.82 -41.61 -1.56
CA SER D 15 -17.71 -42.37 -2.81
C SER D 15 -18.83 -41.86 -3.69
N GLU D 16 -19.94 -41.56 -3.01
CA GLU D 16 -21.12 -40.89 -3.57
C GLU D 16 -20.74 -39.64 -4.38
N THR D 17 -21.62 -39.20 -5.27
CA THR D 17 -21.34 -38.03 -6.11
C THR D 17 -22.11 -36.78 -5.62
N LEU D 18 -21.49 -35.61 -5.81
CA LEU D 18 -21.97 -34.29 -5.33
C LEU D 18 -22.58 -33.46 -6.44
N SER D 19 -23.79 -32.92 -6.22
CA SER D 19 -24.50 -32.26 -7.32
C SER D 19 -25.08 -30.90 -7.00
N LEU D 20 -24.30 -29.85 -7.26
CA LEU D 20 -24.77 -28.48 -7.05
C LEU D 20 -25.31 -27.85 -8.32
N THR D 21 -26.16 -26.85 -8.15
CA THR D 21 -26.58 -26.03 -9.27
C THR D 21 -26.60 -24.54 -8.87
N CYS D 22 -26.30 -23.69 -9.85
CA CYS D 22 -26.26 -22.26 -9.65
C CYS D 22 -27.32 -21.71 -10.58
N THR D 23 -28.18 -20.84 -10.06
CA THR D 23 -29.21 -20.23 -10.89
C THR D 23 -28.96 -18.72 -11.02
N VAL D 24 -28.97 -18.23 -12.25
CA VAL D 24 -28.51 -16.90 -12.54
C VAL D 24 -29.70 -15.94 -12.72
N SER D 25 -29.58 -14.69 -12.25
CA SER D 25 -30.66 -13.70 -12.43
C SER D 25 -30.28 -12.45 -13.19
N GLY D 26 -31.12 -12.06 -14.14
CA GLY D 26 -30.94 -10.78 -14.84
C GLY D 26 -29.64 -10.74 -15.61
N ALA D 27 -29.43 -11.81 -16.38
CA ALA D 27 -28.31 -11.99 -17.29
C ALA D 27 -28.47 -13.35 -17.96
N SER D 28 -28.45 -13.36 -19.28
CA SER D 28 -28.64 -14.59 -20.04
C SER D 28 -27.42 -15.49 -19.97
N ILE D 29 -27.62 -16.75 -19.59
CA ILE D 29 -26.49 -17.66 -19.57
C ILE D 29 -25.91 -17.96 -20.96
N SER D 30 -26.59 -17.50 -22.00
CA SER D 30 -26.07 -17.66 -23.34
C SER D 30 -25.34 -16.39 -23.71
N SER D 31 -24.73 -15.75 -22.72
CA SER D 31 -23.95 -14.57 -23.02
C SER D 31 -22.60 -14.56 -22.29
N TYR D 32 -22.26 -15.65 -21.63
CA TYR D 32 -21.03 -15.66 -20.84
C TYR D 32 -20.46 -17.05 -20.72
N TYR D 33 -19.23 -17.09 -20.22
CA TYR D 33 -18.67 -18.28 -19.63
C TYR D 33 -18.94 -18.12 -18.13
N TRP D 34 -19.20 -19.26 -17.47
CA TRP D 34 -19.51 -19.32 -16.04
C TRP D 34 -18.62 -20.36 -15.37
N SER D 35 -18.35 -20.21 -14.07
CA SER D 35 -17.41 -21.13 -13.41
C SER D 35 -17.78 -21.63 -12.02
N TRP D 36 -17.10 -22.69 -11.61
CA TRP D 36 -17.24 -23.23 -10.26
C TRP D 36 -15.89 -23.08 -9.56
N ILE D 37 -15.90 -22.40 -8.42
CA ILE D 37 -14.70 -22.12 -7.67
C ILE D 37 -14.98 -22.60 -6.25
N ARG D 38 -14.06 -23.38 -5.70
CA ARG D 38 -14.32 -24.01 -4.42
C ARG D 38 -13.26 -23.64 -3.45
N GLN D 39 -13.53 -23.88 -2.17
CA GLN D 39 -12.54 -23.65 -1.14
C GLN D 39 -12.87 -24.39 0.16
N PRO D 40 -12.03 -25.37 0.51
CA PRO D 40 -12.07 -26.06 1.80
C PRO D 40 -12.01 -25.03 2.93
N PRO D 41 -12.44 -25.42 4.14
CA PRO D 41 -12.30 -24.46 5.25
C PRO D 41 -10.85 -23.98 5.42
N GLY D 42 -10.74 -22.70 5.77
CA GLY D 42 -9.48 -21.92 5.77
C GLY D 42 -8.33 -22.59 5.03
N LYS D 43 -8.33 -22.50 3.70
CA LYS D 43 -7.28 -23.19 2.92
C LYS D 43 -6.90 -22.61 1.54
N GLY D 44 -7.68 -21.67 1.02
CA GLY D 44 -7.30 -21.05 -0.25
C GLY D 44 -8.06 -21.65 -1.42
N LEU D 45 -8.49 -20.74 -2.30
CA LEU D 45 -9.49 -21.02 -3.32
C LEU D 45 -8.93 -21.88 -4.42
N GLU D 46 -9.75 -22.80 -4.91
CA GLU D 46 -9.38 -23.61 -6.06
C GLU D 46 -10.36 -23.32 -7.18
N TRP D 47 -9.86 -23.20 -8.39
CA TRP D 47 -10.72 -22.95 -9.54
C TRP D 47 -11.00 -24.31 -10.17
N ILE D 48 -12.27 -24.67 -10.20
CA ILE D 48 -12.62 -26.03 -10.60
C ILE D 48 -13.13 -26.14 -12.05
N GLY D 49 -13.51 -25.02 -12.67
CA GLY D 49 -13.80 -25.08 -14.12
C GLY D 49 -14.82 -24.10 -14.70
N TYR D 50 -14.99 -24.17 -16.01
CA TYR D 50 -15.95 -23.30 -16.67
C TYR D 50 -16.72 -24.03 -17.73
N ILE D 51 -17.92 -23.52 -17.99
CA ILE D 51 -18.78 -23.91 -19.11
C ILE D 51 -19.16 -22.60 -19.80
N GLY D 52 -19.30 -22.62 -21.11
CA GLY D 52 -19.85 -21.46 -21.81
C GLY D 52 -21.27 -21.75 -22.24
N GLY D 53 -22.14 -20.74 -22.23
CA GLY D 53 -23.53 -20.89 -22.70
C GLY D 53 -23.51 -21.28 -24.17
N GLU D 54 -22.32 -21.64 -24.60
CA GLU D 54 -21.98 -22.01 -25.96
C GLU D 54 -21.66 -23.49 -26.02
N GLY D 55 -21.82 -24.16 -24.88
CA GLY D 55 -21.40 -25.55 -24.73
C GLY D 55 -19.91 -25.79 -24.95
N SER D 56 -19.07 -24.82 -24.58
CA SER D 56 -17.64 -25.05 -24.50
C SER D 56 -17.39 -25.90 -23.24
N THR D 57 -16.26 -25.72 -22.55
CA THR D 57 -15.97 -26.44 -21.30
C THR D 57 -14.46 -26.57 -21.02
N ASN D 58 -14.09 -26.49 -19.75
CA ASN D 58 -12.72 -26.79 -19.30
C ASN D 58 -12.64 -27.06 -17.81
N TYR D 59 -12.14 -28.23 -17.41
CA TYR D 59 -11.96 -28.46 -15.98
C TYR D 59 -10.50 -28.31 -15.56
N ASN D 60 -10.28 -28.02 -14.28
CA ASN D 60 -8.94 -28.01 -13.74
C ASN D 60 -8.40 -29.43 -13.75
N PRO D 61 -7.19 -29.63 -14.33
CA PRO D 61 -6.47 -30.88 -14.25
C PRO D 61 -6.62 -31.59 -12.91
N SER D 62 -6.46 -30.86 -11.81
CA SER D 62 -6.59 -31.43 -10.45
C SER D 62 -7.80 -32.31 -10.28
N LEU D 63 -8.76 -32.17 -11.17
CA LEU D 63 -10.03 -32.84 -11.03
C LEU D 63 -10.54 -33.31 -12.36
N LYS D 64 -10.06 -32.71 -13.46
CA LYS D 64 -10.63 -32.95 -14.80
C LYS D 64 -11.12 -34.41 -14.92
N SER D 65 -10.35 -35.33 -14.31
CA SER D 65 -10.78 -36.69 -14.03
C SER D 65 -12.28 -36.80 -13.68
N ARG D 66 -12.67 -36.26 -12.52
CA ARG D 66 -14.04 -36.48 -11.94
C ARG D 66 -15.04 -35.33 -12.04
N VAL D 67 -14.84 -34.42 -12.98
CA VAL D 67 -15.66 -33.21 -13.05
C VAL D 67 -16.60 -33.22 -14.27
N THR D 68 -17.70 -32.48 -14.15
CA THR D 68 -18.66 -32.32 -15.23
C THR D 68 -19.47 -31.08 -14.94
N ILE D 69 -19.51 -30.17 -15.91
CA ILE D 69 -20.22 -28.91 -15.77
C ILE D 69 -21.13 -28.75 -16.98
N SER D 70 -22.41 -28.54 -16.75
CA SER D 70 -23.37 -28.40 -17.84
C SER D 70 -24.13 -27.09 -17.73
N VAL D 71 -24.95 -26.80 -18.75
CA VAL D 71 -25.80 -25.60 -18.74
C VAL D 71 -27.20 -25.94 -19.17
N ASP D 72 -28.17 -25.54 -18.34
CA ASP D 72 -29.57 -25.68 -18.68
C ASP D 72 -29.99 -24.33 -19.23
N THR D 73 -29.69 -24.08 -20.49
CA THR D 73 -29.97 -22.78 -21.09
C THR D 73 -31.35 -22.28 -20.72
N SER D 74 -32.35 -23.12 -21.00
CA SER D 74 -33.78 -22.83 -20.78
C SER D 74 -34.10 -22.39 -19.34
N LYS D 75 -33.68 -23.18 -18.37
CA LYS D 75 -33.91 -22.84 -16.96
C LYS D 75 -33.05 -21.67 -16.50
N ASN D 76 -32.09 -21.29 -17.36
CA ASN D 76 -31.12 -20.21 -17.11
C ASN D 76 -30.33 -20.47 -15.86
N GLN D 77 -29.58 -21.57 -15.90
CA GLN D 77 -28.82 -22.06 -14.75
C GLN D 77 -27.88 -23.21 -15.11
N PHE D 78 -26.64 -23.10 -14.67
CA PHE D 78 -25.64 -24.12 -14.91
C PHE D 78 -25.35 -24.93 -13.65
N SER D 79 -24.64 -26.04 -13.81
CA SER D 79 -24.58 -27.07 -12.79
C SER D 79 -23.20 -27.74 -12.67
N LEU D 80 -22.80 -28.06 -11.44
CA LEU D 80 -21.57 -28.83 -11.17
C LEU D 80 -21.90 -30.25 -10.69
N LYS D 81 -21.17 -31.22 -11.23
CA LYS D 81 -21.31 -32.61 -10.81
C LYS D 81 -19.92 -33.20 -10.55
N LEU D 82 -19.65 -33.49 -9.28
CA LEU D 82 -18.34 -33.95 -8.86
C LEU D 82 -18.46 -35.38 -8.36
N ARG D 83 -18.06 -36.33 -9.21
CA ARG D 83 -18.25 -37.75 -8.92
C ARG D 83 -17.16 -38.35 -8.02
N SER D 84 -17.52 -39.46 -7.36
CA SER D 84 -16.57 -40.27 -6.62
C SER D 84 -15.82 -39.37 -5.63
N VAL D 85 -16.59 -38.74 -4.76
CA VAL D 85 -16.09 -37.75 -3.82
C VAL D 85 -15.28 -38.42 -2.72
N THR D 86 -14.16 -37.79 -2.34
CA THR D 86 -13.35 -38.24 -1.22
C THR D 86 -13.50 -37.24 -0.07
N ALA D 87 -12.60 -37.31 0.92
CA ALA D 87 -12.60 -36.38 2.07
C ALA D 87 -12.06 -34.99 1.74
N ALA D 88 -11.01 -34.94 0.92
CA ALA D 88 -10.41 -33.68 0.46
C ALA D 88 -11.33 -32.89 -0.50
N ASP D 89 -12.63 -33.16 -0.46
CA ASP D 89 -13.57 -32.43 -1.29
C ASP D 89 -14.52 -31.62 -0.44
N THR D 90 -14.20 -31.55 0.84
CA THR D 90 -15.01 -30.79 1.74
C THR D 90 -14.65 -29.32 1.53
N ALA D 91 -15.67 -28.50 1.28
CA ALA D 91 -15.45 -27.13 0.83
C ALA D 91 -16.71 -26.29 0.74
N VAL D 92 -16.51 -24.98 0.66
CA VAL D 92 -17.54 -24.05 0.26
C VAL D 92 -17.43 -23.99 -1.25
N TYR D 93 -18.55 -24.18 -1.93
CA TYR D 93 -18.56 -24.14 -3.39
C TYR D 93 -19.20 -22.84 -3.83
N TYR D 94 -18.47 -22.07 -4.64
CA TYR D 94 -19.02 -20.84 -5.19
C TYR D 94 -19.28 -21.01 -6.67
N CYS D 95 -20.38 -20.46 -7.16
CA CYS D 95 -20.56 -20.32 -8.59
C CYS D 95 -20.25 -18.89 -8.93
N ALA D 96 -19.78 -18.64 -10.14
CA ALA D 96 -19.32 -17.32 -10.51
C ALA D 96 -19.54 -17.05 -11.99
N ARG D 97 -19.42 -15.78 -12.35
CA ARG D 97 -19.56 -15.35 -13.73
C ARG D 97 -18.17 -14.92 -14.21
N GLU D 98 -17.72 -15.42 -15.35
CA GLU D 98 -16.46 -14.90 -15.90
C GLU D 98 -16.78 -13.82 -16.91
N ARG D 99 -16.33 -12.61 -16.61
CA ARG D 99 -16.21 -11.59 -17.61
C ARG D 99 -14.74 -11.27 -17.63
N LEU D 100 -14.38 -10.05 -17.98
CA LEU D 100 -13.01 -9.69 -18.27
C LEU D 100 -11.96 -10.41 -17.39
N GLY D 101 -11.96 -11.75 -17.50
CA GLY D 101 -11.06 -12.65 -16.78
C GLY D 101 -11.55 -13.26 -15.48
N ILE D 102 -12.24 -14.38 -15.61
CA ILE D 102 -12.62 -15.26 -14.46
C ILE D 102 -13.22 -14.76 -13.12
N GLY D 103 -12.86 -13.58 -12.62
CA GLY D 103 -13.47 -13.10 -11.37
C GLY D 103 -14.95 -12.78 -11.49
N ASP D 104 -15.24 -11.49 -11.34
CA ASP D 104 -16.48 -10.81 -11.82
C ASP D 104 -17.66 -10.78 -10.88
N TYR D 105 -18.55 -11.76 -10.95
CA TYR D 105 -19.64 -11.85 -9.97
C TYR D 105 -19.74 -13.24 -9.40
N TRP D 106 -19.63 -13.34 -8.08
CA TRP D 106 -19.72 -14.64 -7.39
C TRP D 106 -20.97 -14.71 -6.53
N GLY D 107 -21.52 -15.92 -6.37
CA GLY D 107 -22.66 -16.12 -5.51
C GLY D 107 -22.20 -16.19 -4.07
N GLN D 108 -23.20 -16.37 -3.19
CA GLN D 108 -23.00 -16.46 -1.75
C GLN D 108 -22.02 -17.57 -1.36
N GLY D 109 -22.31 -18.81 -1.75
CA GLY D 109 -21.40 -19.95 -1.54
C GLY D 109 -21.96 -20.99 -0.57
N THR D 110 -22.11 -22.23 -1.04
CA THR D 110 -22.63 -23.36 -0.24
C THR D 110 -21.51 -24.22 0.34
N LEU D 111 -21.65 -24.58 1.61
CA LEU D 111 -20.81 -25.60 2.24
C LEU D 111 -21.28 -26.97 1.76
N VAL D 112 -20.33 -27.87 1.55
CA VAL D 112 -20.66 -29.29 1.43
C VAL D 112 -19.64 -30.10 2.22
N THR D 113 -20.12 -30.81 3.23
CA THR D 113 -19.27 -31.67 4.05
C THR D 113 -19.41 -33.14 3.63
N VAL D 114 -18.31 -33.69 3.12
CA VAL D 114 -18.25 -35.11 2.73
C VAL D 114 -17.88 -35.99 3.94
N SER D 115 -18.81 -36.86 4.34
CA SER D 115 -18.61 -37.77 5.48
C SER D 115 -19.61 -38.95 5.50
N SER D 116 -19.44 -39.83 6.49
CA SER D 116 -20.26 -41.03 6.64
C SER D 116 -21.49 -40.84 7.55
N ALA D 117 -21.50 -39.76 8.33
CA ALA D 117 -22.48 -39.57 9.42
C ALA D 117 -23.92 -39.27 8.97
N SER D 118 -24.78 -38.95 9.93
CA SER D 118 -26.21 -38.71 9.67
C SER D 118 -26.75 -37.37 10.20
N THR D 119 -27.76 -36.84 9.51
CA THR D 119 -28.36 -35.54 9.84
C THR D 119 -29.09 -35.51 11.18
N LYS D 120 -28.36 -35.17 12.25
CA LYS D 120 -28.94 -35.01 13.58
C LYS D 120 -29.29 -33.54 13.87
N GLY D 121 -30.56 -33.27 14.15
CA GLY D 121 -31.05 -31.92 14.44
C GLY D 121 -30.51 -31.33 15.74
N PRO D 122 -30.32 -30.00 15.78
CA PRO D 122 -29.76 -29.26 16.92
C PRO D 122 -30.77 -28.86 18.01
N SER D 123 -30.35 -29.01 19.27
CA SER D 123 -31.14 -28.55 20.41
C SER D 123 -30.86 -27.07 20.64
N VAL D 124 -31.75 -26.42 21.39
CA VAL D 124 -31.61 -24.98 21.66
C VAL D 124 -32.04 -24.63 23.10
N PHE D 125 -31.07 -24.16 23.89
CA PHE D 125 -31.30 -23.83 25.31
C PHE D 125 -30.92 -22.37 25.62
N PRO D 126 -31.94 -21.49 25.76
CA PRO D 126 -31.79 -20.05 26.03
C PRO D 126 -30.88 -19.74 27.22
N LEU D 127 -29.97 -18.79 27.02
CA LEU D 127 -29.02 -18.40 28.06
C LEU D 127 -29.54 -17.21 28.86
N ALA D 128 -29.69 -17.44 30.17
CA ALA D 128 -30.28 -16.48 31.11
C ALA D 128 -29.60 -15.10 31.09
N PRO D 129 -30.40 -14.02 31.19
CA PRO D 129 -29.81 -12.68 31.33
C PRO D 129 -28.87 -12.54 32.52
N SER D 130 -28.17 -11.41 32.59
CA SER D 130 -27.27 -11.10 33.71
C SER D 130 -28.00 -11.04 35.06
N SER D 131 -29.21 -10.48 35.02
CA SER D 131 -30.02 -10.18 36.21
C SER D 131 -29.37 -9.07 37.06
N LYS D 132 -28.29 -9.41 37.77
CA LYS D 132 -27.43 -8.45 38.43
C LYS D 132 -26.92 -7.41 37.43
N SER D 133 -26.20 -7.89 36.39
CA SER D 133 -25.40 -7.01 35.52
C SER D 133 -26.22 -6.19 34.53
N THR D 134 -27.48 -6.55 34.35
CA THR D 134 -28.39 -5.76 33.51
C THR D 134 -28.61 -4.37 34.11
N SER D 135 -28.41 -4.27 35.43
CA SER D 135 -28.79 -3.10 36.24
C SER D 135 -28.31 -1.72 35.75
N GLY D 136 -26.99 -1.51 35.74
CA GLY D 136 -26.40 -0.23 35.31
C GLY D 136 -25.90 -0.26 33.88
N GLY D 137 -25.70 -1.47 33.35
CA GLY D 137 -25.28 -1.65 31.98
C GLY D 137 -26.45 -1.99 31.07
N THR D 138 -26.30 -3.08 30.33
CA THR D 138 -27.29 -3.51 29.35
C THR D 138 -27.57 -5.01 29.46
N ALA D 139 -28.60 -5.46 28.75
CA ALA D 139 -29.22 -6.79 28.94
C ALA D 139 -28.30 -8.01 28.77
N ALA D 140 -28.07 -8.41 27.51
CA ALA D 140 -27.24 -9.58 27.13
C ALA D 140 -28.01 -10.91 27.13
N LEU D 141 -29.05 -10.97 26.29
CA LEU D 141 -29.83 -12.19 26.02
C LEU D 141 -29.13 -13.08 24.99
N GLY D 142 -29.46 -14.37 24.98
CA GLY D 142 -28.86 -15.29 24.02
C GLY D 142 -29.56 -16.63 23.84
N CYS D 143 -29.05 -17.42 22.90
CA CYS D 143 -29.50 -18.79 22.70
C CYS D 143 -28.27 -19.71 22.63
N LEU D 144 -28.53 -21.00 22.39
CA LEU D 144 -27.44 -21.98 22.27
C LEU D 144 -27.89 -23.08 21.33
N VAL D 145 -27.19 -23.23 20.23
CA VAL D 145 -27.52 -24.28 19.28
C VAL D 145 -26.49 -25.41 19.38
N LYS D 146 -26.86 -26.46 20.11
CA LYS D 146 -25.93 -27.51 20.51
C LYS D 146 -26.34 -28.89 19.99
N ASP D 147 -25.36 -29.61 19.44
CA ASP D 147 -25.49 -31.00 18.96
C ASP D 147 -26.21 -31.17 17.61
N TYR D 148 -25.55 -30.72 16.55
CA TYR D 148 -26.06 -30.83 15.18
C TYR D 148 -25.01 -31.32 14.17
N PHE D 149 -25.50 -31.90 13.07
CA PHE D 149 -24.69 -32.30 11.92
C PHE D 149 -25.54 -32.24 10.66
N PRO D 150 -25.00 -31.65 9.57
CA PRO D 150 -23.68 -31.04 9.40
C PRO D 150 -23.66 -29.55 9.73
N GLU D 151 -23.36 -28.71 8.75
CA GLU D 151 -23.41 -27.26 8.91
C GLU D 151 -24.12 -26.59 7.72
N PRO D 152 -24.43 -25.29 7.84
CA PRO D 152 -24.31 -24.53 9.06
C PRO D 152 -25.66 -24.32 9.74
N VAL D 153 -25.67 -23.43 10.73
CA VAL D 153 -26.88 -23.01 11.42
C VAL D 153 -26.92 -21.49 11.31
N THR D 154 -28.05 -20.97 10.86
CA THR D 154 -28.27 -19.53 10.94
C THR D 154 -29.43 -19.23 11.88
N VAL D 155 -29.13 -18.42 12.90
CA VAL D 155 -30.16 -17.91 13.80
C VAL D 155 -30.52 -16.47 13.41
N SER D 156 -31.65 -15.97 13.91
CA SER D 156 -32.03 -14.56 13.74
C SER D 156 -33.02 -14.18 14.83
N TRP D 157 -33.02 -12.92 15.22
CA TRP D 157 -33.92 -12.47 16.29
C TRP D 157 -35.26 -11.89 15.78
N ASN D 158 -36.30 -12.72 15.89
CA ASN D 158 -37.68 -12.43 15.44
C ASN D 158 -37.85 -11.87 14.02
N SER D 159 -37.95 -12.81 13.06
CA SER D 159 -37.98 -12.51 11.62
C SER D 159 -36.83 -11.66 11.08
N GLY D 160 -36.00 -11.13 11.99
CA GLY D 160 -34.85 -10.31 11.62
C GLY D 160 -35.00 -8.86 12.05
N ALA D 161 -36.14 -8.55 12.67
CA ALA D 161 -36.47 -7.19 13.12
C ALA D 161 -35.36 -6.59 13.98
N LEU D 162 -34.94 -7.34 14.98
CA LEU D 162 -33.77 -6.96 15.77
C LEU D 162 -32.52 -7.48 15.09
N THR D 163 -31.73 -6.55 14.57
CA THR D 163 -30.55 -6.88 13.78
C THR D 163 -29.26 -6.39 14.45
N SER D 164 -29.23 -5.12 14.86
CA SER D 164 -28.06 -4.53 15.52
C SER D 164 -27.72 -5.26 16.82
N GLY D 165 -26.44 -5.34 17.13
CA GLY D 165 -25.98 -5.92 18.39
C GLY D 165 -25.85 -7.44 18.47
N VAL D 166 -26.54 -8.16 17.59
CA VAL D 166 -26.41 -9.62 17.56
C VAL D 166 -25.08 -10.06 16.98
N HIS D 167 -24.26 -10.69 17.82
CA HIS D 167 -23.04 -11.37 17.38
C HIS D 167 -23.31 -12.89 17.35
N THR D 168 -23.46 -13.46 16.16
CA THR D 168 -23.61 -14.91 15.98
C THR D 168 -22.22 -15.52 15.81
N PHE D 169 -21.79 -16.28 16.82
CA PHE D 169 -20.43 -16.82 16.88
C PHE D 169 -20.19 -18.00 15.93
N PRO D 170 -18.92 -18.21 15.51
CA PRO D 170 -18.61 -19.38 14.71
C PRO D 170 -18.83 -20.68 15.48
N ALA D 171 -19.18 -21.74 14.74
CA ALA D 171 -19.37 -23.06 15.32
C ALA D 171 -18.05 -23.62 15.88
N VAL D 172 -18.18 -24.63 16.75
CA VAL D 172 -17.03 -25.37 17.24
C VAL D 172 -17.32 -26.87 17.31
N LEU D 173 -16.50 -27.64 16.61
CA LEU D 173 -16.56 -29.09 16.63
C LEU D 173 -16.29 -29.55 18.06
N GLN D 174 -17.20 -30.35 18.62
CA GLN D 174 -17.02 -30.90 19.96
C GLN D 174 -16.36 -32.28 19.88
N SER D 175 -16.11 -32.88 21.05
CA SER D 175 -15.55 -34.23 21.10
C SER D 175 -16.51 -35.24 20.46
N SER D 176 -17.78 -35.15 20.82
CA SER D 176 -18.80 -36.12 20.41
C SER D 176 -19.19 -36.10 18.91
N GLY D 177 -18.35 -35.51 18.06
CA GLY D 177 -18.61 -35.42 16.62
C GLY D 177 -19.78 -34.53 16.23
N LEU D 178 -20.10 -33.56 17.07
CA LEU D 178 -21.22 -32.64 16.83
C LEU D 178 -20.72 -31.19 16.86
N TYR D 179 -21.46 -30.29 16.21
CA TYR D 179 -21.11 -28.86 16.25
C TYR D 179 -21.96 -28.13 17.27
N SER D 180 -21.39 -27.10 17.90
CA SER D 180 -22.06 -26.33 18.93
C SER D 180 -21.88 -24.82 18.75
N LEU D 181 -22.99 -24.13 18.47
CA LEU D 181 -23.01 -22.70 18.13
C LEU D 181 -23.61 -21.80 19.23
N SER D 182 -22.86 -20.75 19.60
CA SER D 182 -23.35 -19.72 20.52
C SER D 182 -23.86 -18.46 19.78
N SER D 183 -24.96 -17.86 20.26
CA SER D 183 -25.52 -16.63 19.63
C SER D 183 -26.19 -15.63 20.61
N VAL D 184 -25.52 -14.50 20.83
CA VAL D 184 -25.94 -13.47 21.79
C VAL D 184 -26.62 -12.28 21.12
N VAL D 185 -27.05 -11.31 21.94
CA VAL D 185 -27.55 -10.00 21.49
C VAL D 185 -27.50 -8.93 22.58
N THR D 186 -26.78 -7.85 22.32
CA THR D 186 -26.70 -6.72 23.24
C THR D 186 -27.80 -5.68 22.95
N VAL D 187 -28.88 -5.76 23.73
CA VAL D 187 -30.01 -4.80 23.62
C VAL D 187 -30.04 -3.84 24.84
N PRO D 188 -30.82 -2.74 24.74
CA PRO D 188 -30.90 -1.84 25.90
C PRO D 188 -31.48 -2.53 27.13
N SER D 189 -30.93 -2.22 28.30
CA SER D 189 -31.36 -2.83 29.55
C SER D 189 -32.79 -2.43 29.90
N SER D 190 -33.13 -1.18 29.62
CA SER D 190 -34.47 -0.63 29.81
C SER D 190 -35.55 -1.52 29.19
N SER D 191 -35.57 -1.55 27.86
CA SER D 191 -36.66 -2.16 27.08
C SER D 191 -37.08 -3.57 27.50
N LEU D 192 -36.22 -4.24 28.28
CA LEU D 192 -36.36 -5.67 28.60
C LEU D 192 -37.76 -6.12 29.04
N GLY D 193 -38.52 -5.20 29.62
CA GLY D 193 -39.89 -5.48 30.06
C GLY D 193 -40.88 -5.50 28.91
N THR D 194 -41.09 -4.34 28.30
CA THR D 194 -42.10 -4.17 27.24
C THR D 194 -41.89 -5.10 26.02
N GLN D 195 -40.64 -5.26 25.58
CA GLN D 195 -40.30 -6.15 24.46
C GLN D 195 -39.94 -7.57 24.91
N THR D 196 -40.39 -8.56 24.15
CA THR D 196 -40.07 -9.95 24.40
C THR D 196 -39.32 -10.56 23.20
N TYR D 197 -38.00 -10.65 23.31
CA TYR D 197 -37.10 -11.10 22.24
C TYR D 197 -37.16 -12.61 22.01
N ILE D 198 -37.20 -13.03 20.75
CA ILE D 198 -37.28 -14.46 20.40
C ILE D 198 -36.28 -14.79 19.29
N CYS D 199 -35.42 -15.79 19.50
CA CYS D 199 -34.42 -16.20 18.49
C CYS D 199 -34.94 -17.27 17.52
N ASN D 200 -34.79 -17.02 16.21
CA ASN D 200 -35.29 -17.92 15.17
C ASN D 200 -34.21 -18.82 14.55
N VAL D 201 -33.84 -19.87 15.28
CA VAL D 201 -32.83 -20.83 14.86
C VAL D 201 -33.28 -21.69 13.66
N ASN D 202 -32.33 -22.11 12.83
CA ASN D 202 -32.60 -22.98 11.69
C ASN D 202 -31.37 -23.80 11.30
N HIS D 203 -31.57 -25.12 11.21
CA HIS D 203 -30.61 -26.03 10.61
C HIS D 203 -31.36 -26.74 9.49
N LYS D 204 -31.34 -26.14 8.30
CA LYS D 204 -32.14 -26.65 7.17
C LYS D 204 -31.86 -28.11 6.82
N PRO D 205 -30.57 -28.55 6.83
CA PRO D 205 -30.24 -29.95 6.48
C PRO D 205 -30.99 -31.02 7.26
N SER D 206 -31.18 -30.81 8.57
CA SER D 206 -31.94 -31.75 9.40
C SER D 206 -33.34 -31.20 9.73
N ASN D 207 -33.94 -30.55 8.73
CA ASN D 207 -35.32 -29.99 8.77
C ASN D 207 -35.65 -29.15 10.02
N THR D 208 -34.65 -28.87 10.83
CA THR D 208 -34.83 -28.22 12.11
C THR D 208 -35.17 -26.73 11.95
N LYS D 209 -36.10 -26.26 12.78
CA LYS D 209 -36.54 -24.86 12.80
C LYS D 209 -37.18 -24.56 14.16
N VAL D 210 -36.35 -24.49 15.20
CA VAL D 210 -36.84 -24.17 16.54
C VAL D 210 -36.63 -22.69 16.83
N ASP D 211 -37.59 -22.08 17.54
CA ASP D 211 -37.52 -20.65 17.84
C ASP D 211 -37.72 -20.41 19.34
N LYS D 212 -36.62 -20.19 20.06
CA LYS D 212 -36.63 -20.04 21.53
C LYS D 212 -36.81 -18.62 22.06
N LYS D 213 -37.70 -18.51 23.04
CA LYS D 213 -38.03 -17.26 23.70
C LYS D 213 -37.14 -17.08 24.92
N VAL D 214 -36.56 -15.90 25.07
CA VAL D 214 -35.77 -15.59 26.26
C VAL D 214 -36.50 -14.53 27.09
N GLU D 215 -37.32 -15.02 28.04
CA GLU D 215 -38.19 -14.19 28.90
C GLU D 215 -37.41 -13.28 29.88
N PRO D 216 -38.11 -12.28 30.47
CA PRO D 216 -37.48 -11.47 31.52
C PRO D 216 -36.74 -12.32 32.57
N LYS D 217 -35.50 -12.34 32.60
N ASP E 8 -1.43 -6.69 -46.06
CA ASP E 8 -0.31 -5.73 -46.30
C ASP E 8 1.06 -6.41 -46.21
N PRO E 9 1.99 -6.09 -47.15
CA PRO E 9 3.37 -6.60 -47.02
C PRO E 9 4.03 -6.14 -45.70
N LYS E 10 3.58 -4.99 -45.19
CA LYS E 10 4.05 -4.42 -43.93
C LYS E 10 3.81 -5.32 -42.71
N PHE E 11 2.71 -6.09 -42.73
CA PHE E 11 2.35 -6.91 -41.58
C PHE E 11 3.47 -7.80 -41.05
N GLU E 12 4.11 -8.57 -41.93
CA GLU E 12 5.13 -9.52 -41.51
C GLU E 12 6.23 -8.91 -40.61
N SER E 13 6.65 -7.70 -40.96
CA SER E 13 7.72 -6.99 -40.25
C SER E 13 7.31 -6.54 -38.84
N LYS E 14 6.13 -5.89 -38.75
CA LYS E 14 5.48 -5.56 -37.48
C LYS E 14 5.37 -6.82 -36.63
N ALA E 15 4.79 -7.86 -37.22
CA ALA E 15 4.75 -9.18 -36.61
C ALA E 15 6.15 -9.60 -36.12
N ALA E 16 7.14 -9.54 -37.00
CA ALA E 16 8.52 -9.86 -36.64
C ALA E 16 9.01 -8.99 -35.48
N LEU E 17 8.71 -7.70 -35.54
CA LEU E 17 9.14 -6.73 -34.53
C LEU E 17 8.69 -7.15 -33.15
N LEU E 18 7.39 -7.07 -32.89
CA LEU E 18 6.84 -7.35 -31.57
C LEU E 18 7.24 -8.72 -31.04
N ALA E 19 7.39 -9.67 -31.96
CA ALA E 19 7.72 -11.06 -31.63
C ALA E 19 8.94 -11.21 -30.74
N ALA E 20 10.02 -10.50 -31.09
CA ALA E 20 11.27 -10.54 -30.33
C ALA E 20 11.06 -9.93 -28.95
N ARG E 21 10.18 -10.57 -28.17
CA ARG E 21 9.71 -10.15 -26.84
C ARG E 21 8.93 -11.30 -26.23
N GLY E 22 9.50 -12.51 -26.30
CA GLY E 22 8.79 -13.74 -25.94
C GLY E 22 7.79 -14.13 -27.03
N PRO E 23 8.27 -14.76 -28.13
CA PRO E 23 7.38 -15.16 -29.24
C PRO E 23 6.19 -16.04 -28.82
N GLU E 24 6.14 -16.39 -27.53
CA GLU E 24 5.13 -17.27 -26.99
C GLU E 24 3.88 -16.54 -26.54
N GLU E 25 4.00 -15.23 -26.33
CA GLU E 25 2.85 -14.48 -25.89
C GLU E 25 1.95 -14.05 -27.05
N LEU E 26 0.65 -14.13 -26.85
CA LEU E 26 -0.33 -13.57 -27.79
C LEU E 26 -0.15 -12.06 -27.82
N LEU E 27 0.14 -11.53 -29.00
CA LEU E 27 0.46 -10.11 -29.14
C LEU E 27 -0.52 -9.47 -30.07
N CYS E 28 -1.09 -8.33 -29.69
CA CYS E 28 -1.95 -7.58 -30.63
C CYS E 28 -1.43 -6.18 -30.89
N PHE E 29 -1.82 -5.60 -32.01
CA PHE E 29 -1.53 -4.20 -32.33
C PHE E 29 -2.48 -3.65 -33.37
N THR E 30 -2.65 -2.33 -33.34
CA THR E 30 -3.46 -1.61 -34.32
C THR E 30 -2.72 -0.39 -34.86
N GLU E 31 -2.74 -0.25 -36.18
CA GLU E 31 -1.80 0.63 -36.90
C GLU E 31 -2.35 2.00 -37.37
N ARG E 32 -3.56 1.99 -37.88
CA ARG E 32 -4.22 3.23 -38.28
C ARG E 32 -5.35 3.53 -37.29
N LEU E 33 -5.31 2.87 -36.13
CA LEU E 33 -6.38 2.94 -35.13
C LEU E 33 -7.73 2.37 -35.61
N GLU E 34 -7.76 1.81 -36.83
CA GLU E 34 -9.01 1.34 -37.47
C GLU E 34 -9.07 -0.16 -37.82
N ASP E 35 -8.60 -0.97 -36.88
CA ASP E 35 -8.44 -2.41 -37.04
C ASP E 35 -7.68 -2.86 -35.79
N LEU E 36 -7.18 -4.09 -35.80
CA LEU E 36 -6.41 -4.67 -34.70
C LEU E 36 -6.12 -6.05 -35.15
N VAL E 37 -4.90 -6.50 -34.89
CA VAL E 37 -4.49 -7.82 -35.29
C VAL E 37 -3.81 -8.49 -34.10
N CYS E 38 -4.08 -9.79 -33.95
CA CYS E 38 -3.57 -10.59 -32.88
C CYS E 38 -2.96 -11.81 -33.50
N PHE E 39 -1.86 -12.29 -32.94
CA PHE E 39 -1.12 -13.40 -33.53
C PHE E 39 -0.15 -14.01 -32.54
N TRP E 40 0.31 -15.21 -32.84
CA TRP E 40 1.19 -15.95 -31.97
C TRP E 40 1.90 -17.01 -32.79
N GLU E 41 3.06 -17.46 -32.34
CA GLU E 41 3.87 -18.36 -33.14
C GLU E 41 3.92 -19.75 -32.58
N GLU E 42 4.20 -20.72 -33.43
CA GLU E 42 3.91 -22.10 -33.14
C GLU E 42 4.94 -22.97 -33.86
N ALA E 43 5.24 -24.14 -33.31
CA ALA E 43 6.25 -24.97 -33.92
C ALA E 43 5.77 -25.60 -35.22
N ALA E 44 4.73 -26.43 -35.10
CA ALA E 44 4.12 -27.11 -36.25
C ALA E 44 4.94 -28.25 -36.90
N SER E 45 4.30 -29.40 -37.05
CA SER E 45 4.86 -30.51 -37.82
C SER E 45 3.96 -30.91 -39.00
N ALA E 46 2.73 -31.37 -38.72
CA ALA E 46 1.80 -31.80 -39.78
C ALA E 46 0.33 -31.52 -39.45
N GLY E 47 -0.07 -31.82 -38.22
CA GLY E 47 -1.46 -31.62 -37.78
C GLY E 47 -1.75 -30.35 -36.98
N VAL E 48 -1.75 -29.20 -37.68
CA VAL E 48 -2.23 -27.89 -37.19
C VAL E 48 -2.41 -26.89 -38.33
N GLY E 49 -3.57 -26.23 -38.33
CA GLY E 49 -3.92 -25.23 -39.35
C GLY E 49 -4.91 -24.19 -38.85
N PRO E 50 -5.36 -23.28 -39.76
CA PRO E 50 -6.35 -22.28 -39.34
C PRO E 50 -7.63 -23.06 -39.07
N GLY E 51 -8.27 -22.82 -37.93
CA GLY E 51 -9.39 -23.67 -37.55
C GLY E 51 -8.93 -25.05 -37.07
N ASN E 52 -7.72 -25.08 -36.52
CA ASN E 52 -7.32 -26.13 -35.59
C ASN E 52 -7.35 -25.55 -34.18
N TYR E 53 -7.06 -24.24 -34.08
CA TYR E 53 -7.28 -23.44 -32.88
C TYR E 53 -8.52 -22.58 -33.10
N SER E 54 -9.04 -21.98 -32.04
CA SER E 54 -10.29 -21.23 -32.11
C SER E 54 -10.15 -19.88 -31.42
N PHE E 55 -10.54 -18.80 -32.10
CA PHE E 55 -10.34 -17.43 -31.58
C PHE E 55 -11.64 -16.72 -31.23
N SER E 56 -11.97 -16.66 -29.93
CA SER E 56 -13.15 -15.93 -29.52
C SER E 56 -12.82 -14.55 -28.97
N TYR E 57 -13.68 -13.58 -29.24
CA TYR E 57 -13.51 -12.27 -28.64
C TYR E 57 -14.85 -11.60 -28.36
N GLN E 58 -14.87 -10.66 -27.43
CA GLN E 58 -16.09 -9.93 -27.10
C GLN E 58 -15.87 -8.45 -26.89
N LEU E 59 -16.24 -7.66 -27.89
CA LEU E 59 -16.15 -6.22 -27.78
C LEU E 59 -17.22 -5.63 -26.88
N GLU E 60 -17.17 -4.31 -26.75
CA GLU E 60 -18.26 -3.52 -26.17
C GLU E 60 -19.63 -4.02 -26.63
N ASP E 61 -20.51 -4.33 -25.68
CA ASP E 61 -21.92 -4.59 -25.99
C ASP E 61 -22.12 -5.75 -26.98
N GLU E 62 -21.14 -5.97 -27.85
CA GLU E 62 -21.17 -7.01 -28.84
C GLU E 62 -21.10 -8.42 -28.23
N PRO E 63 -21.70 -9.43 -28.89
CA PRO E 63 -21.69 -10.74 -28.27
C PRO E 63 -20.40 -11.49 -28.62
N TRP E 64 -20.18 -12.63 -27.98
CA TRP E 64 -19.00 -13.44 -28.27
C TRP E 64 -18.97 -13.85 -29.73
N LYS E 65 -17.85 -13.60 -30.41
CA LYS E 65 -17.66 -13.90 -31.84
C LYS E 65 -16.49 -14.84 -32.05
N LEU E 66 -16.58 -15.61 -33.13
CA LEU E 66 -15.49 -16.45 -33.58
C LEU E 66 -14.82 -15.67 -34.68
N CYS E 67 -13.50 -15.74 -34.73
CA CYS E 67 -12.71 -14.96 -35.69
C CYS E 67 -12.00 -15.94 -36.62
N ARG E 68 -11.96 -15.63 -37.92
CA ARG E 68 -11.33 -16.54 -38.91
C ARG E 68 -9.83 -16.47 -38.77
N LEU E 69 -9.22 -17.58 -38.35
CA LEU E 69 -7.78 -17.63 -38.13
C LEU E 69 -7.07 -17.85 -39.44
N HIS E 70 -5.87 -17.30 -39.57
CA HIS E 70 -5.00 -17.56 -40.71
C HIS E 70 -3.69 -18.14 -40.22
N GLN E 71 -3.11 -19.01 -41.02
CA GLN E 71 -1.80 -19.54 -40.75
C GLN E 71 -0.83 -18.99 -41.79
N ALA E 72 0.46 -18.91 -41.46
CA ALA E 72 1.45 -18.35 -42.39
C ALA E 72 2.87 -18.62 -41.89
N PRO E 73 3.63 -19.48 -42.60
CA PRO E 73 5.03 -19.79 -42.26
C PRO E 73 5.89 -18.53 -42.17
N THR E 74 6.94 -18.59 -41.34
CA THR E 74 7.79 -17.43 -41.12
C THR E 74 9.17 -17.62 -41.67
N ALA E 75 9.89 -16.51 -41.80
CA ALA E 75 11.30 -16.50 -42.19
C ALA E 75 12.07 -17.55 -41.41
N ARG E 76 12.10 -17.38 -40.08
CA ARG E 76 12.76 -18.33 -39.16
C ARG E 76 12.25 -19.75 -39.31
N GLY E 77 11.07 -19.89 -39.93
CA GLY E 77 10.50 -21.19 -40.27
C GLY E 77 9.56 -21.77 -39.24
N ALA E 78 8.93 -20.92 -38.44
CA ALA E 78 7.84 -21.34 -37.58
C ALA E 78 6.48 -21.19 -38.30
N VAL E 79 5.40 -21.42 -37.58
CA VAL E 79 4.09 -20.99 -38.05
C VAL E 79 3.65 -19.80 -37.23
N ARG E 80 2.94 -18.91 -37.89
CA ARG E 80 2.36 -17.79 -37.24
C ARG E 80 0.87 -17.83 -37.55
N PHE E 81 0.06 -17.98 -36.50
CA PHE E 81 -1.39 -17.83 -36.59
C PHE E 81 -1.82 -16.39 -36.28
N TRP E 82 -2.81 -15.90 -37.00
CA TRP E 82 -3.28 -14.53 -36.83
C TRP E 82 -4.76 -14.34 -37.10
N CYS E 83 -5.30 -13.19 -36.71
CA CYS E 83 -6.71 -12.88 -36.84
C CYS E 83 -6.88 -11.36 -36.67
N SER E 84 -7.79 -10.76 -37.44
CA SER E 84 -8.07 -9.34 -37.28
C SER E 84 -9.55 -9.06 -36.91
N LEU E 85 -9.75 -7.93 -36.22
CA LEU E 85 -11.02 -7.66 -35.56
C LEU E 85 -11.66 -6.34 -35.99
N PRO E 86 -13.01 -6.28 -35.96
CA PRO E 86 -13.88 -5.16 -36.29
C PRO E 86 -13.20 -3.81 -36.43
N THR E 87 -12.73 -3.60 -37.67
CA THR E 87 -12.43 -2.29 -38.28
C THR E 87 -13.43 -1.19 -37.85
N ALA E 88 -14.72 -1.49 -38.05
CA ALA E 88 -15.85 -0.57 -37.83
C ALA E 88 -16.22 -0.38 -36.35
N ASP E 89 -16.58 -1.49 -35.69
CA ASP E 89 -17.00 -1.55 -34.28
C ASP E 89 -15.92 -1.11 -33.28
N THR E 90 -14.65 -1.24 -33.67
CA THR E 90 -13.56 -0.77 -32.83
C THR E 90 -13.89 0.66 -32.37
N SER E 91 -14.32 0.78 -31.11
CA SER E 91 -14.38 2.05 -30.41
C SER E 91 -13.39 1.96 -29.25
N SER E 92 -12.21 2.54 -29.46
CA SER E 92 -11.10 2.48 -28.50
C SER E 92 -11.47 2.85 -27.05
N PHE E 93 -10.59 2.50 -26.11
CA PHE E 93 -10.77 2.84 -24.68
C PHE E 93 -11.74 1.90 -23.95
N VAL E 94 -12.57 1.20 -24.73
CA VAL E 94 -13.42 0.14 -24.23
C VAL E 94 -12.58 -1.12 -24.30
N PRO E 95 -12.59 -1.95 -23.24
CA PRO E 95 -11.73 -3.13 -23.21
C PRO E 95 -12.25 -4.24 -24.09
N LEU E 96 -11.43 -5.28 -24.29
CA LEU E 96 -11.71 -6.35 -25.26
C LEU E 96 -11.16 -7.70 -24.78
N GLU E 97 -12.04 -8.69 -24.61
CA GLU E 97 -11.66 -9.99 -24.05
C GLU E 97 -11.33 -10.98 -25.17
N LEU E 98 -10.23 -11.71 -25.04
CA LEU E 98 -9.90 -12.77 -25.99
C LEU E 98 -9.90 -14.12 -25.31
N ARG E 99 -10.31 -15.13 -26.06
CA ARG E 99 -10.31 -16.47 -25.55
C ARG E 99 -9.82 -17.35 -26.69
N VAL E 100 -8.59 -17.84 -26.57
CA VAL E 100 -7.97 -18.67 -27.61
C VAL E 100 -7.77 -20.08 -27.12
N THR E 101 -8.17 -21.04 -27.95
CA THR E 101 -8.24 -22.45 -27.58
C THR E 101 -7.65 -23.36 -28.65
N ALA E 102 -6.87 -24.36 -28.23
CA ALA E 102 -6.37 -25.40 -29.14
C ALA E 102 -7.52 -26.28 -29.61
N ALA E 103 -7.23 -27.32 -30.40
CA ALA E 103 -8.25 -28.34 -30.73
C ALA E 103 -8.83 -28.88 -29.43
N SER E 104 -10.16 -28.95 -29.33
CA SER E 104 -10.79 -29.49 -28.12
C SER E 104 -10.54 -28.64 -26.88
N GLY E 105 -11.17 -27.47 -26.85
CA GLY E 105 -11.33 -26.65 -25.65
C GLY E 105 -10.21 -26.36 -24.66
N ALA E 106 -8.97 -26.71 -24.98
CA ALA E 106 -7.85 -26.41 -24.07
C ALA E 106 -7.49 -24.90 -24.11
N PRO E 107 -7.75 -24.18 -23.01
CA PRO E 107 -7.47 -22.75 -23.09
C PRO E 107 -5.98 -22.55 -23.24
N ARG E 108 -5.56 -21.63 -24.08
CA ARG E 108 -4.14 -21.28 -24.08
C ARG E 108 -3.80 -19.82 -23.90
N TYR E 109 -4.43 -18.93 -24.65
CA TYR E 109 -4.46 -17.51 -24.25
C TYR E 109 -5.83 -17.11 -23.80
N HIS E 110 -5.86 -16.28 -22.76
CA HIS E 110 -7.09 -15.65 -22.33
C HIS E 110 -6.73 -14.32 -21.68
N ARG E 111 -6.97 -13.23 -22.43
CA ARG E 111 -6.60 -11.89 -21.96
C ARG E 111 -7.49 -10.72 -22.40
N VAL E 112 -7.58 -9.72 -21.53
CA VAL E 112 -8.23 -8.47 -21.84
C VAL E 112 -7.18 -7.56 -22.46
N ILE E 113 -7.47 -6.97 -23.61
CA ILE E 113 -6.57 -5.95 -24.15
C ILE E 113 -7.29 -4.61 -24.33
N HIS E 114 -6.52 -3.54 -24.56
CA HIS E 114 -7.07 -2.19 -24.72
C HIS E 114 -6.64 -1.53 -26.02
N ILE E 115 -7.34 -1.86 -27.10
CA ILE E 115 -7.04 -1.32 -28.43
C ILE E 115 -6.29 -0.02 -28.38
N ASN E 116 -6.78 0.93 -27.58
CA ASN E 116 -6.19 2.27 -27.53
C ASN E 116 -4.72 2.28 -27.17
N GLU E 117 -4.22 1.19 -26.58
CA GLU E 117 -2.83 1.18 -26.11
C GLU E 117 -1.87 0.16 -26.76
N VAL E 118 -2.28 -0.47 -27.86
CA VAL E 118 -1.34 -1.26 -28.70
C VAL E 118 -1.24 -0.69 -30.11
N VAL E 119 -1.10 0.62 -30.20
CA VAL E 119 -1.03 1.31 -31.45
C VAL E 119 0.38 1.14 -32.04
N LEU E 120 0.49 0.53 -33.23
CA LEU E 120 1.81 0.34 -33.86
C LEU E 120 1.92 0.95 -35.27
N LEU E 121 2.73 2.02 -35.39
CA LEU E 121 2.92 2.75 -36.66
C LEU E 121 3.97 2.11 -37.61
N ASP E 122 3.91 2.45 -38.90
CA ASP E 122 4.92 2.07 -39.86
C ASP E 122 6.16 2.92 -39.72
N ALA E 123 7.29 2.47 -40.30
CA ALA E 123 8.56 3.18 -40.14
C ALA E 123 8.51 4.54 -40.85
N PRO E 124 9.25 5.55 -40.39
CA PRO E 124 9.26 6.74 -41.22
C PRO E 124 10.00 6.41 -42.51
N VAL E 125 9.98 7.34 -43.46
CA VAL E 125 10.25 6.96 -44.82
C VAL E 125 10.85 8.14 -45.56
N GLY E 126 11.73 7.83 -46.52
CA GLY E 126 12.37 8.85 -47.36
C GLY E 126 13.35 9.69 -46.59
N LEU E 127 14.34 9.03 -45.99
CA LEU E 127 15.35 9.69 -45.18
C LEU E 127 16.34 10.46 -46.04
N VAL E 128 16.73 11.64 -45.57
CA VAL E 128 17.69 12.45 -46.31
C VAL E 128 18.69 13.08 -45.36
N ALA E 129 19.95 12.69 -45.49
CA ALA E 129 21.00 13.22 -44.68
C ALA E 129 21.81 14.08 -45.60
N ARG E 130 22.36 15.18 -45.11
CA ARG E 130 23.26 16.00 -45.92
C ARG E 130 24.20 16.81 -45.02
N LEU E 131 25.39 17.11 -45.55
CA LEU E 131 26.33 17.96 -44.83
C LEU E 131 25.73 19.34 -44.62
N ALA E 132 25.84 19.82 -43.38
CA ALA E 132 25.33 21.12 -43.01
C ALA E 132 26.19 22.21 -43.60
N ASP E 133 25.49 23.29 -43.95
CA ASP E 133 26.07 24.57 -44.29
C ASP E 133 27.16 24.81 -43.28
N GLU E 134 28.40 24.44 -43.61
CA GLU E 134 29.53 24.64 -42.69
C GLU E 134 29.45 23.81 -41.38
N SER E 135 30.62 23.46 -40.82
CA SER E 135 30.74 22.77 -39.52
C SER E 135 30.37 21.29 -39.54
N GLY E 136 31.00 20.53 -38.65
CA GLY E 136 30.63 19.10 -38.42
C GLY E 136 29.20 18.78 -37.98
N HIS E 137 28.25 19.58 -38.49
CA HIS E 137 26.80 19.35 -38.37
C HIS E 137 26.30 18.50 -39.55
N VAL E 138 25.12 17.92 -39.41
CA VAL E 138 24.52 17.12 -40.47
C VAL E 138 23.04 17.33 -40.31
N VAL E 139 22.34 17.61 -41.42
CA VAL E 139 20.92 17.93 -41.39
C VAL E 139 20.11 16.73 -41.86
N LEU E 140 19.05 16.43 -41.13
CA LEU E 140 18.25 15.27 -41.46
C LEU E 140 16.80 15.64 -41.68
N ARG E 141 16.20 15.12 -42.76
CA ARG E 141 14.76 15.24 -43.01
C ARG E 141 14.21 13.84 -43.26
N TRP E 142 12.94 13.65 -42.96
CA TRP E 142 12.26 12.41 -43.31
C TRP E 142 10.78 12.71 -43.57
N LEU E 143 10.04 11.76 -44.12
CA LEU E 143 8.60 11.90 -44.16
C LEU E 143 8.12 10.92 -43.12
N PRO E 144 6.88 11.15 -42.59
CA PRO E 144 6.21 10.27 -41.65
C PRO E 144 5.76 9.02 -42.35
N PRO E 145 5.30 8.02 -41.58
CA PRO E 145 4.84 6.74 -42.13
C PRO E 145 3.67 6.97 -43.08
N PRO E 146 3.80 6.45 -44.32
CA PRO E 146 2.78 6.64 -45.33
C PRO E 146 1.49 5.95 -44.90
N GLU E 147 0.37 6.59 -45.24
CA GLU E 147 -0.98 6.10 -44.91
C GLU E 147 -1.26 6.09 -43.42
N THR E 148 -0.92 7.20 -42.76
CA THR E 148 -1.11 7.31 -41.31
C THR E 148 -1.88 8.58 -40.91
N PRO E 149 -3.01 8.40 -40.20
CA PRO E 149 -3.87 9.46 -39.69
C PRO E 149 -3.17 10.40 -38.70
N MET E 150 -3.86 11.46 -38.30
CA MET E 150 -3.37 12.42 -37.29
C MET E 150 -1.85 12.51 -37.21
N THR E 151 -1.19 12.88 -38.31
CA THR E 151 0.28 12.84 -38.40
C THR E 151 1.04 13.82 -37.50
N SER E 152 0.40 14.90 -37.10
CA SER E 152 1.08 15.89 -36.28
C SER E 152 1.17 15.40 -34.85
N HIS E 153 0.53 14.26 -34.57
CA HIS E 153 0.65 13.68 -33.23
C HIS E 153 1.58 12.49 -33.19
N ILE E 154 2.52 12.48 -34.13
CA ILE E 154 3.56 11.47 -34.23
C ILE E 154 4.86 12.08 -33.71
N ARG E 155 5.57 11.33 -32.87
CA ARG E 155 6.87 11.75 -32.39
C ARG E 155 7.93 10.77 -32.85
N TYR E 156 9.12 11.28 -33.08
CA TYR E 156 10.17 10.46 -33.66
C TYR E 156 11.39 10.45 -32.79
N GLU E 157 12.25 9.49 -33.07
CA GLU E 157 13.51 9.41 -32.41
C GLU E 157 14.48 9.04 -33.50
N VAL E 158 15.58 9.79 -33.52
CA VAL E 158 16.61 9.60 -34.51
C VAL E 158 17.79 8.98 -33.82
N ASP E 159 18.21 7.81 -34.32
CA ASP E 159 19.42 7.16 -33.86
C ASP E 159 20.62 7.53 -34.73
N VAL E 160 21.79 7.66 -34.11
CA VAL E 160 23.01 8.00 -34.84
C VAL E 160 24.07 6.97 -34.48
N SER E 161 24.39 6.08 -35.43
CA SER E 161 25.42 5.07 -35.25
C SER E 161 26.71 5.45 -35.94
N ALA E 162 27.80 4.80 -35.55
CA ALA E 162 29.12 5.14 -36.07
C ALA E 162 29.90 3.84 -36.16
N GLY E 163 30.85 3.74 -37.09
CA GLY E 163 31.60 2.47 -37.30
C GLY E 163 30.72 1.20 -37.21
N ASN E 164 30.65 0.42 -38.29
CA ASN E 164 29.93 -0.87 -38.29
C ASN E 164 30.64 -1.89 -37.38
N GLY E 165 30.13 -2.00 -36.16
CA GLY E 165 30.82 -2.66 -35.06
C GLY E 165 31.81 -1.69 -34.44
N ALA E 166 32.29 -2.04 -33.25
CA ALA E 166 33.24 -1.21 -32.47
C ALA E 166 32.64 0.18 -32.20
N GLY E 167 31.75 0.22 -31.20
CA GLY E 167 30.98 1.42 -30.88
C GLY E 167 29.93 1.65 -31.95
N SER E 168 29.09 2.67 -31.70
CA SER E 168 27.98 3.11 -32.60
C SER E 168 26.78 3.66 -31.81
N VAL E 169 26.84 4.95 -31.39
CA VAL E 169 25.64 5.65 -30.86
C VAL E 169 25.74 7.13 -30.38
N GLN E 170 24.55 7.76 -30.38
CA GLN E 170 24.12 9.12 -29.92
C GLN E 170 22.63 9.10 -30.29
N ARG E 171 21.71 9.56 -29.44
CA ARG E 171 20.23 9.37 -29.67
C ARG E 171 19.38 10.58 -29.36
N VAL E 172 18.44 10.93 -30.24
CA VAL E 172 17.71 12.20 -30.09
C VAL E 172 16.18 12.06 -30.16
N GLU E 173 15.50 12.61 -29.15
CA GLU E 173 14.04 12.70 -29.14
C GLU E 173 13.58 13.89 -29.97
N ILE E 174 12.53 13.67 -30.76
CA ILE E 174 12.05 14.69 -31.69
C ILE E 174 10.67 15.25 -31.33
N LEU E 175 10.61 16.58 -31.20
CA LEU E 175 9.36 17.24 -30.86
C LEU E 175 8.20 16.75 -31.71
N GLU E 176 7.02 16.63 -31.11
CA GLU E 176 5.81 16.18 -31.80
C GLU E 176 5.66 16.87 -33.16
N GLY E 177 5.35 16.06 -34.17
CA GLY E 177 5.13 16.57 -35.51
C GLY E 177 6.36 16.99 -36.31
N ARG E 178 7.45 17.41 -35.64
CA ARG E 178 8.65 17.86 -36.36
C ARG E 178 9.20 16.71 -37.21
N THR E 179 9.77 17.02 -38.37
CA THR E 179 10.25 15.98 -39.29
C THR E 179 11.70 16.26 -39.73
N GLU E 180 12.25 17.40 -39.31
CA GLU E 180 13.66 17.74 -39.52
C GLU E 180 14.46 17.63 -38.22
N CYS E 181 15.76 17.87 -38.28
CA CYS E 181 16.62 17.49 -37.19
C CYS E 181 18.07 17.76 -37.59
N VAL E 182 18.78 18.54 -36.78
CA VAL E 182 20.18 18.82 -37.03
C VAL E 182 21.07 18.18 -35.99
N LEU E 183 22.08 17.47 -36.47
CA LEU E 183 23.04 16.80 -35.59
C LEU E 183 24.36 17.55 -35.52
N SER E 184 24.90 17.60 -34.31
CA SER E 184 26.10 18.32 -33.99
C SER E 184 26.98 17.38 -33.20
N ASN E 185 28.17 17.86 -32.83
CA ASN E 185 29.16 17.06 -32.10
C ASN E 185 29.48 15.77 -32.84
N LEU E 186 29.71 15.87 -34.15
CA LEU E 186 30.15 14.72 -34.94
C LEU E 186 31.65 14.79 -35.21
N ARG E 187 32.33 13.68 -34.98
CA ARG E 187 33.77 13.63 -35.20
C ARG E 187 34.00 13.77 -36.67
N GLY E 188 35.05 14.50 -37.06
CA GLY E 188 35.47 14.55 -38.45
C GLY E 188 35.85 13.15 -38.95
N ARG E 189 36.03 13.01 -40.26
CA ARG E 189 36.49 11.76 -40.89
C ARG E 189 35.87 10.51 -40.26
N THR E 190 34.55 10.48 -40.20
CA THR E 190 33.83 9.34 -39.64
C THR E 190 32.63 8.96 -40.55
N ARG E 191 32.09 7.77 -40.37
CA ARG E 191 30.94 7.37 -41.18
C ARG E 191 29.74 7.13 -40.28
N TYR E 192 28.88 8.14 -40.25
CA TYR E 192 27.67 8.10 -39.44
C TYR E 192 26.49 7.47 -40.14
N THR E 193 25.68 6.70 -39.42
CA THR E 193 24.52 6.07 -40.02
C THR E 193 23.24 6.35 -39.30
N PHE E 194 22.34 7.02 -40.00
CA PHE E 194 21.11 7.56 -39.41
C PHE E 194 19.90 6.68 -39.72
N ALA E 195 19.00 6.58 -38.75
CA ALA E 195 17.67 5.96 -38.91
C ALA E 195 16.71 6.71 -38.01
N VAL E 196 15.42 6.69 -38.33
CA VAL E 196 14.42 7.37 -37.50
C VAL E 196 13.30 6.39 -37.23
N ARG E 197 12.71 6.41 -36.03
CA ARG E 197 11.53 5.57 -35.76
C ARG E 197 10.41 6.45 -35.27
N ALA E 198 9.20 5.91 -35.23
CA ALA E 198 8.02 6.73 -34.95
C ALA E 198 7.03 6.09 -34.00
N ARG E 199 6.18 6.92 -33.42
CA ARG E 199 5.28 6.50 -32.36
C ARG E 199 4.22 7.56 -32.14
N MET E 200 3.00 7.11 -31.85
CA MET E 200 1.93 8.02 -31.49
C MET E 200 2.23 8.69 -30.13
N ALA E 201 1.94 9.97 -30.00
CA ALA E 201 2.21 10.65 -28.74
C ALA E 201 1.14 10.32 -27.66
N GLU E 202 1.50 9.51 -26.66
CA GLU E 202 0.59 9.25 -25.51
C GLU E 202 0.46 10.54 -24.68
N PRO E 203 -0.34 10.54 -23.57
CA PRO E 203 -1.11 9.45 -22.93
C PRO E 203 -2.59 9.33 -23.36
N SER E 204 -3.03 10.26 -24.20
CA SER E 204 -4.33 10.15 -24.87
C SER E 204 -4.29 8.89 -25.75
N PHE E 205 -3.13 8.69 -26.39
CA PHE E 205 -2.89 7.57 -27.31
C PHE E 205 -2.17 6.39 -26.60
N GLY E 206 -0.97 5.98 -27.04
CA GLY E 206 -0.17 4.95 -26.33
C GLY E 206 0.07 3.65 -27.09
N GLY E 207 1.33 3.22 -27.16
CA GLY E 207 1.72 2.09 -28.01
C GLY E 207 3.22 1.93 -28.12
N PHE E 208 3.70 1.27 -29.17
CA PHE E 208 5.14 0.93 -29.31
C PHE E 208 5.85 1.79 -30.34
N TRP E 209 7.17 1.64 -30.42
CA TRP E 209 7.96 2.28 -31.48
C TRP E 209 7.74 1.54 -32.77
N SER E 210 7.87 2.23 -33.89
CA SER E 210 7.86 1.61 -35.20
C SER E 210 9.18 0.95 -35.47
N ALA E 211 9.25 0.08 -36.46
CA ALA E 211 10.56 -0.38 -36.94
C ALA E 211 11.37 0.84 -37.34
N TRP E 212 12.69 0.72 -37.26
CA TRP E 212 13.55 1.78 -37.72
C TRP E 212 13.41 1.96 -39.22
N SER E 213 13.45 3.21 -39.68
CA SER E 213 13.43 3.52 -41.11
C SER E 213 14.57 2.84 -41.84
N GLU E 214 14.48 2.74 -43.16
CA GLU E 214 15.67 2.39 -43.92
C GLU E 214 16.71 3.46 -43.59
N PRO E 215 17.94 3.04 -43.31
CA PRO E 215 18.97 3.97 -42.86
C PRO E 215 19.53 4.82 -44.00
N VAL E 216 20.39 5.78 -43.68
CA VAL E 216 21.20 6.48 -44.67
C VAL E 216 22.53 6.83 -44.03
N SER E 217 23.64 6.42 -44.63
CA SER E 217 24.93 6.83 -44.08
C SER E 217 25.59 8.05 -44.78
N LEU E 218 26.59 8.60 -44.11
CA LEU E 218 27.31 9.78 -44.55
C LEU E 218 28.68 9.74 -43.92
N LEU E 219 29.72 9.84 -44.76
CA LEU E 219 31.11 9.95 -44.28
C LEU E 219 31.38 11.42 -44.19
N THR E 220 31.74 11.84 -43.00
CA THR E 220 31.81 13.25 -42.63
C THR E 220 33.08 13.86 -43.25
N PRO E 221 33.19 15.21 -43.37
CA PRO E 221 34.39 15.71 -44.07
C PRO E 221 35.66 15.46 -43.26
N SER E 222 36.42 16.52 -42.99
CA SER E 222 37.59 16.37 -42.11
C SER E 222 37.73 17.59 -41.22
N ASP E 223 38.57 17.47 -40.21
CA ASP E 223 38.66 18.51 -39.19
C ASP E 223 39.37 19.78 -39.69
N LEU E 224 38.87 20.89 -39.44
N GLN F 1 -15.86 47.64 7.31
CA GLN F 1 -16.55 47.28 8.59
C GLN F 1 -17.29 45.94 8.50
N VAL F 2 -17.28 45.21 9.60
CA VAL F 2 -18.00 43.96 9.73
C VAL F 2 -18.73 43.98 11.08
N GLN F 3 -20.06 44.00 11.06
CA GLN F 3 -20.83 43.98 12.31
C GLN F 3 -22.11 43.15 12.31
N LEU F 4 -22.41 42.56 13.48
CA LEU F 4 -23.54 41.66 13.66
C LEU F 4 -24.10 41.76 15.07
N GLN F 5 -25.43 41.80 15.17
CA GLN F 5 -26.10 41.83 16.48
C GLN F 5 -27.39 41.02 16.47
N GLU F 6 -27.58 40.20 17.53
CA GLU F 6 -28.75 39.32 17.62
C GLU F 6 -29.91 39.92 18.39
N SER F 7 -31.11 39.77 17.85
CA SER F 7 -32.32 40.43 18.35
C SER F 7 -33.19 39.53 19.23
N GLY F 8 -33.92 40.16 20.15
CA GLY F 8 -34.87 39.49 21.05
C GLY F 8 -34.40 38.27 21.83
N PRO F 9 -33.49 38.46 22.81
CA PRO F 9 -32.99 37.38 23.70
C PRO F 9 -34.08 36.77 24.61
N GLY F 10 -33.69 36.37 25.83
CA GLY F 10 -34.65 35.96 26.86
C GLY F 10 -34.77 34.48 27.20
N LEU F 11 -36.01 34.06 27.43
CA LEU F 11 -36.34 32.75 28.03
C LEU F 11 -37.24 31.93 27.11
N VAL F 12 -37.19 30.61 27.22
CA VAL F 12 -38.04 29.72 26.41
C VAL F 12 -38.54 28.48 27.19
N LYS F 13 -39.81 28.12 26.98
CA LYS F 13 -40.43 26.97 27.67
C LYS F 13 -40.58 25.75 26.73
N PRO F 14 -40.21 24.55 27.23
CA PRO F 14 -39.99 23.31 26.43
C PRO F 14 -40.96 23.02 25.27
N SER F 15 -40.41 22.48 24.17
CA SER F 15 -41.09 22.23 22.88
C SER F 15 -41.73 23.49 22.25
N GLU F 16 -41.09 24.62 22.49
CA GLU F 16 -41.46 25.88 21.86
C GLU F 16 -40.37 26.24 20.82
N THR F 17 -40.38 27.49 20.34
CA THR F 17 -39.50 27.93 19.25
C THR F 17 -38.55 29.09 19.67
N LEU F 18 -37.64 29.49 18.77
CA LEU F 18 -36.73 30.65 18.95
C LEU F 18 -36.76 31.61 17.76
N SER F 19 -36.68 32.91 18.03
CA SER F 19 -36.80 33.95 16.98
C SER F 19 -35.59 34.87 16.85
N LEU F 20 -34.40 34.30 17.08
CA LEU F 20 -33.14 35.02 16.94
C LEU F 20 -32.92 35.44 15.50
N THR F 21 -32.66 36.72 15.33
CA THR F 21 -32.27 37.28 14.03
C THR F 21 -30.92 38.01 14.17
N CYS F 22 -30.22 38.26 13.06
CA CYS F 22 -28.87 38.83 13.13
C CYS F 22 -28.74 40.05 12.20
N THR F 23 -28.62 41.25 12.79
CA THR F 23 -28.45 42.49 12.02
C THR F 23 -27.05 42.59 11.41
N VAL F 24 -26.97 42.52 10.08
CA VAL F 24 -25.69 42.62 9.37
C VAL F 24 -25.50 44.03 8.82
N SER F 25 -24.31 44.58 9.02
CA SER F 25 -23.95 45.91 8.50
C SER F 25 -22.47 45.99 8.19
N GLY F 26 -22.17 46.54 7.02
CA GLY F 26 -20.78 46.65 6.54
C GLY F 26 -20.66 46.29 5.07
N ALA F 27 -20.44 45.00 4.81
CA ALA F 27 -20.49 44.48 3.44
C ALA F 27 -21.85 43.81 3.15
N SER F 28 -22.13 43.63 1.86
CA SER F 28 -23.44 43.17 1.39
C SER F 28 -23.61 41.66 1.60
N ILE F 29 -24.71 41.24 2.23
CA ILE F 29 -24.95 39.81 2.49
C ILE F 29 -25.13 39.01 1.20
N SER F 30 -25.23 39.72 0.08
CA SER F 30 -25.33 39.13 -1.25
C SER F 30 -24.20 38.13 -1.47
N SER F 31 -23.01 38.48 -0.98
CA SER F 31 -21.82 37.71 -1.23
C SER F 31 -21.73 36.47 -0.36
N TYR F 32 -21.31 36.68 0.90
CA TYR F 32 -20.82 35.60 1.76
C TYR F 32 -21.85 34.63 2.31
N TYR F 33 -21.37 33.73 3.15
CA TYR F 33 -22.17 32.66 3.72
C TYR F 33 -22.20 32.91 5.22
N TRP F 34 -23.32 32.60 5.88
CA TRP F 34 -23.50 32.90 7.30
C TRP F 34 -23.87 31.72 8.15
N SER F 35 -23.41 31.73 9.40
CA SER F 35 -23.58 30.59 10.29
C SER F 35 -24.09 30.97 11.69
N TRP F 36 -24.75 30.04 12.35
CA TRP F 36 -25.01 30.22 13.76
C TRP F 36 -24.18 29.19 14.51
N ILE F 37 -23.93 29.43 15.79
CA ILE F 37 -23.17 28.49 16.63
C ILE F 37 -23.73 28.44 18.06
N ARG F 38 -23.74 27.22 18.62
CA ARG F 38 -24.32 26.96 19.95
C ARG F 38 -23.23 26.53 20.94
N GLN F 39 -23.43 26.87 22.22
CA GLN F 39 -22.51 26.48 23.31
C GLN F 39 -23.18 26.37 24.68
N PRO F 40 -23.44 25.12 25.15
CA PRO F 40 -23.79 24.89 26.55
C PRO F 40 -22.66 25.38 27.43
N PRO F 41 -22.98 26.32 28.36
CA PRO F 41 -22.02 27.07 29.19
C PRO F 41 -21.03 26.14 29.90
N GLY F 42 -19.76 26.21 29.51
CA GLY F 42 -18.74 25.27 29.99
C GLY F 42 -19.02 23.84 29.57
N LYS F 43 -18.96 23.58 28.26
CA LYS F 43 -19.13 22.23 27.69
C LYS F 43 -18.56 22.09 26.28
N GLY F 44 -18.70 23.13 25.46
CA GLY F 44 -18.20 23.08 24.09
C GLY F 44 -19.11 23.73 23.06
N LEU F 45 -18.51 24.12 21.94
CA LEU F 45 -19.26 24.78 20.89
C LEU F 45 -19.76 23.73 19.93
N GLU F 46 -20.92 24.00 19.35
CA GLU F 46 -21.47 23.21 18.26
C GLU F 46 -21.87 24.16 17.14
N TRP F 47 -21.43 23.82 15.93
CA TRP F 47 -21.79 24.54 14.73
C TRP F 47 -23.18 24.04 14.37
N ILE F 48 -24.07 24.93 13.93
CA ILE F 48 -25.38 24.43 13.56
C ILE F 48 -25.66 24.38 12.05
N GLY F 49 -25.38 25.45 11.32
CA GLY F 49 -25.66 25.46 9.89
C GLY F 49 -25.30 26.74 9.17
N TYR F 50 -25.21 26.66 7.84
CA TYR F 50 -24.90 27.84 7.03
C TYR F 50 -26.04 28.29 6.10
N ILE F 51 -25.80 29.40 5.41
CA ILE F 51 -26.76 30.01 4.48
C ILE F 51 -26.14 31.24 3.82
N GLY F 52 -26.33 31.38 2.50
CA GLY F 52 -25.77 32.52 1.77
C GLY F 52 -26.81 33.47 1.20
N GLY F 53 -26.34 34.37 0.33
CA GLY F 53 -27.22 35.13 -0.55
C GLY F 53 -27.60 34.16 -1.64
N GLU F 54 -27.17 32.91 -1.44
CA GLU F 54 -27.44 31.81 -2.35
C GLU F 54 -28.86 31.26 -2.12
N GLY F 55 -29.40 31.51 -0.93
CA GLY F 55 -30.61 30.85 -0.49
C GLY F 55 -30.27 29.51 0.14
N SER F 56 -29.31 28.79 -0.45
CA SER F 56 -28.94 27.43 -0.04
C SER F 56 -28.60 27.30 1.44
N THR F 57 -28.81 26.12 2.00
CA THR F 57 -28.54 25.89 3.43
C THR F 57 -27.90 24.53 3.75
N ASN F 58 -27.45 24.36 5.00
CA ASN F 58 -27.03 23.07 5.52
C ASN F 58 -27.17 23.13 7.02
N TYR F 59 -27.63 22.04 7.64
CA TYR F 59 -27.82 22.00 9.08
C TYR F 59 -27.11 20.77 9.63
N ASN F 60 -26.56 20.92 10.82
CA ASN F 60 -25.93 19.82 11.52
C ASN F 60 -26.95 18.69 11.64
N PRO F 61 -26.56 17.45 11.30
CA PRO F 61 -27.40 16.27 11.55
C PRO F 61 -27.94 16.11 12.98
N SER F 62 -27.47 16.94 13.91
CA SER F 62 -27.89 16.90 15.32
C SER F 62 -29.05 17.84 15.62
N LEU F 63 -29.57 18.48 14.58
CA LEU F 63 -30.56 19.53 14.72
C LEU F 63 -31.32 19.73 13.41
N LYS F 64 -30.91 19.03 12.36
CA LYS F 64 -31.56 19.12 11.04
C LYS F 64 -33.03 18.71 11.14
N SER F 65 -33.29 17.72 12.01
CA SER F 65 -34.64 17.34 12.42
C SER F 65 -35.49 18.53 12.84
N ARG F 66 -34.84 19.57 13.37
CA ARG F 66 -35.52 20.82 13.76
C ARG F 66 -35.21 22.00 12.83
N VAL F 67 -33.92 22.28 12.62
CA VAL F 67 -33.42 23.63 12.29
C VAL F 67 -33.88 24.26 10.95
N THR F 68 -34.09 25.58 10.96
CA THR F 68 -34.39 26.36 9.77
C THR F 68 -33.61 27.68 9.79
N ILE F 69 -32.87 27.97 8.71
CA ILE F 69 -32.21 29.27 8.60
C ILE F 69 -32.83 30.10 7.47
N SER F 70 -33.08 31.37 7.77
CA SER F 70 -33.82 32.25 6.87
C SER F 70 -32.93 33.37 6.35
N VAL F 71 -33.35 34.03 5.27
CA VAL F 71 -32.57 35.12 4.64
C VAL F 71 -33.39 36.24 3.99
N ASP F 72 -33.36 37.43 4.58
CA ASP F 72 -33.97 38.62 3.96
C ASP F 72 -32.93 39.66 3.52
N THR F 73 -32.85 39.85 2.21
CA THR F 73 -31.84 40.73 1.61
C THR F 73 -32.03 42.23 1.92
N SER F 74 -33.23 42.75 1.66
CA SER F 74 -33.53 44.16 1.91
C SER F 74 -33.40 44.46 3.40
N LYS F 75 -33.94 43.57 4.23
CA LYS F 75 -33.75 43.64 5.68
C LYS F 75 -32.25 43.55 6.06
N ASN F 76 -31.46 42.86 5.22
CA ASN F 76 -30.01 42.71 5.41
C ASN F 76 -29.70 41.98 6.71
N GLN F 77 -30.45 40.93 6.96
CA GLN F 77 -30.31 40.15 8.18
C GLN F 77 -30.71 38.72 7.92
N PHE F 78 -30.38 37.84 8.85
CA PHE F 78 -30.73 36.45 8.68
C PHE F 78 -31.22 35.88 10.01
N SER F 79 -32.27 35.07 9.92
CA SER F 79 -32.96 34.56 11.08
C SER F 79 -32.68 33.09 11.30
N LEU F 80 -32.49 32.72 12.56
CA LEU F 80 -32.57 31.33 12.96
C LEU F 80 -33.98 31.04 13.46
N LYS F 81 -34.53 29.91 13.02
CA LYS F 81 -35.79 29.40 13.53
C LYS F 81 -35.49 28.04 14.13
N LEU F 82 -35.76 27.87 15.43
CA LEU F 82 -35.55 26.57 16.08
C LEU F 82 -36.73 26.16 16.96
N ARG F 83 -37.32 25.00 16.63
CA ARG F 83 -38.49 24.48 17.33
C ARG F 83 -38.17 23.22 18.17
N SER F 84 -39.15 22.78 18.96
CA SER F 84 -39.02 21.61 19.86
C SER F 84 -37.95 21.77 20.94
N VAL F 85 -37.86 22.98 21.50
CA VAL F 85 -36.88 23.36 22.53
C VAL F 85 -36.91 22.42 23.75
N THR F 86 -35.75 22.19 24.36
CA THR F 86 -35.66 21.43 25.62
C THR F 86 -34.53 21.91 26.52
N ALA F 87 -34.10 21.03 27.43
CA ALA F 87 -33.00 21.31 28.37
C ALA F 87 -31.63 20.95 27.78
N ALA F 88 -31.62 20.55 26.50
CA ALA F 88 -30.38 20.37 25.73
C ALA F 88 -30.14 21.57 24.79
N ASP F 89 -30.91 22.63 25.01
CA ASP F 89 -30.82 23.88 24.24
C ASP F 89 -30.39 25.03 25.14
N THR F 90 -30.14 24.72 26.42
CA THR F 90 -29.64 25.70 27.40
C THR F 90 -28.19 26.12 27.07
N ALA F 91 -28.06 27.13 26.21
CA ALA F 91 -26.77 27.45 25.57
C ALA F 91 -26.61 28.89 25.07
N VAL F 92 -25.36 29.26 24.78
CA VAL F 92 -25.00 30.53 24.17
C VAL F 92 -25.00 30.41 22.63
N TYR F 93 -25.55 31.42 21.95
CA TYR F 93 -25.78 31.37 20.52
C TYR F 93 -25.17 32.56 19.80
N TYR F 94 -24.27 32.30 18.83
CA TYR F 94 -23.57 33.36 18.06
C TYR F 94 -23.88 33.29 16.57
N CYS F 95 -23.92 34.45 15.93
CA CYS F 95 -23.99 34.52 14.47
C CYS F 95 -22.64 34.97 13.91
N ALA F 96 -22.23 34.40 12.78
CA ALA F 96 -20.92 34.69 12.18
C ALA F 96 -20.97 34.65 10.66
N ARG F 97 -19.94 35.24 10.02
CA ARG F 97 -19.86 35.28 8.55
C ARG F 97 -18.85 34.31 7.94
N GLU F 98 -19.28 33.11 7.62
CA GLU F 98 -18.40 32.12 7.00
C GLU F 98 -17.64 32.60 5.76
N ARG F 99 -16.52 33.29 6.00
CA ARG F 99 -15.41 33.38 5.04
C ARG F 99 -14.47 32.30 5.51
N LEU F 100 -14.62 31.10 4.94
CA LEU F 100 -14.03 29.86 5.47
C LEU F 100 -14.92 29.21 6.54
N GLY F 101 -14.31 28.65 7.59
CA GLY F 101 -15.01 27.77 8.53
C GLY F 101 -15.66 28.40 9.74
N ILE F 102 -15.41 29.70 9.91
CA ILE F 102 -16.02 30.49 10.98
C ILE F 102 -16.71 31.70 10.36
N GLY F 103 -15.94 32.78 10.22
CA GLY F 103 -16.43 34.01 9.68
C GLY F 103 -15.73 35.26 10.15
N ASP F 104 -14.40 35.19 10.29
CA ASP F 104 -13.58 36.34 10.65
C ASP F 104 -14.13 37.07 11.87
N TYR F 105 -15.47 37.08 12.00
CA TYR F 105 -16.19 37.89 12.96
C TYR F 105 -17.40 37.13 13.46
N TRP F 106 -17.59 37.14 14.78
CA TRP F 106 -18.77 36.57 15.43
C TRP F 106 -19.66 37.67 16.01
N GLY F 107 -20.94 37.37 16.12
CA GLY F 107 -21.90 38.27 16.77
C GLY F 107 -21.70 38.30 18.27
N GLN F 108 -21.85 39.50 18.83
CA GLN F 108 -21.70 39.76 20.27
C GLN F 108 -21.87 38.51 21.16
N GLY F 109 -22.99 37.82 20.98
CA GLY F 109 -23.34 36.64 21.79
C GLY F 109 -24.64 36.83 22.52
N THR F 110 -25.54 35.84 22.42
CA THR F 110 -26.84 35.88 23.10
C THR F 110 -27.06 34.63 23.97
N LEU F 111 -27.56 34.87 25.17
CA LEU F 111 -27.94 33.80 26.08
C LEU F 111 -29.45 33.63 26.04
N VAL F 112 -29.89 32.36 26.04
CA VAL F 112 -31.30 32.00 26.15
C VAL F 112 -31.42 30.73 26.99
N THR F 113 -32.08 30.86 28.16
CA THR F 113 -32.27 29.74 29.10
C THR F 113 -33.63 29.07 28.88
N VAL F 114 -33.72 27.81 29.33
CA VAL F 114 -34.92 26.98 29.13
C VAL F 114 -35.33 26.23 30.41
N SER F 115 -36.48 26.61 30.96
CA SER F 115 -37.11 25.90 32.08
C SER F 115 -38.59 26.28 32.21
N SER F 116 -39.24 25.77 33.25
CA SER F 116 -40.62 26.09 33.56
C SER F 116 -40.72 27.46 34.24
N ALA F 117 -39.75 27.77 35.11
CA ALA F 117 -39.65 29.06 35.79
C ALA F 117 -39.77 30.23 34.80
N SER F 118 -40.43 31.31 35.24
CA SER F 118 -40.65 32.48 34.38
C SER F 118 -39.81 33.71 34.79
N THR F 119 -39.93 34.78 34.00
CA THR F 119 -39.19 36.03 34.23
C THR F 119 -39.19 36.44 35.70
N LYS F 120 -38.04 36.89 36.18
CA LYS F 120 -37.90 37.32 37.57
C LYS F 120 -37.02 38.56 37.62
N GLY F 121 -37.48 39.56 38.38
CA GLY F 121 -36.81 40.86 38.48
C GLY F 121 -35.75 40.96 39.57
N PRO F 122 -34.55 41.44 39.21
CA PRO F 122 -33.43 41.65 40.13
C PRO F 122 -33.56 42.91 40.98
N SER F 123 -32.94 42.87 42.17
CA SER F 123 -32.99 43.96 43.13
C SER F 123 -31.62 44.65 43.26
N VAL F 124 -31.63 45.94 43.63
CA VAL F 124 -30.42 46.79 43.64
C VAL F 124 -30.19 47.57 44.96
N PHE F 125 -29.03 47.35 45.60
CA PHE F 125 -28.68 48.00 46.87
C PHE F 125 -27.25 48.55 46.91
N PRO F 126 -27.07 49.80 47.39
CA PRO F 126 -25.73 50.38 47.57
C PRO F 126 -24.93 49.69 48.68
N LEU F 127 -23.61 49.77 48.60
CA LEU F 127 -22.74 49.23 49.63
C LEU F 127 -21.66 50.25 49.99
N ALA F 128 -21.98 51.12 50.96
CA ALA F 128 -21.07 52.18 51.42
C ALA F 128 -19.81 51.61 52.10
N PRO F 129 -18.68 52.37 52.08
CA PRO F 129 -17.50 51.87 52.81
C PRO F 129 -17.77 51.78 54.32
N SER F 130 -17.39 50.66 54.92
CA SER F 130 -17.59 50.43 56.37
C SER F 130 -16.44 51.00 57.20
N SER F 131 -16.22 52.31 57.06
CA SER F 131 -15.14 53.02 57.75
C SER F 131 -15.63 53.69 59.04
N LYS F 132 -14.72 53.85 59.98
CA LYS F 132 -14.93 54.70 61.14
C LYS F 132 -14.31 56.06 60.81
N SER F 133 -13.45 56.57 61.70
CA SER F 133 -12.49 57.63 61.37
C SER F 133 -11.13 57.22 61.96
N THR F 134 -10.58 56.12 61.43
CA THR F 134 -9.36 55.48 61.95
C THR F 134 -8.23 55.36 60.89
N SER F 135 -8.43 54.53 59.87
CA SER F 135 -7.40 54.23 58.86
C SER F 135 -7.99 53.98 57.45
N GLY F 136 -7.44 54.67 56.45
CA GLY F 136 -7.94 54.57 55.07
C GLY F 136 -6.89 54.17 54.04
N GLY F 137 -6.91 54.83 52.88
CA GLY F 137 -6.00 54.53 51.76
C GLY F 137 -6.71 54.55 50.42
N THR F 138 -7.29 53.42 50.03
CA THR F 138 -8.14 53.32 48.84
C THR F 138 -9.61 53.34 49.29
N ALA F 139 -10.45 52.52 48.65
CA ALA F 139 -11.86 52.36 48.99
C ALA F 139 -12.56 51.49 47.95
N ALA F 140 -13.52 50.70 48.40
CA ALA F 140 -14.40 49.93 47.51
C ALA F 140 -15.88 50.26 47.78
N LEU F 141 -16.72 50.09 46.76
CA LEU F 141 -18.13 50.49 46.84
C LEU F 141 -19.07 49.40 46.27
N GLY F 142 -20.08 49.83 45.50
CA GLY F 142 -20.88 48.90 44.71
C GLY F 142 -22.39 48.88 44.88
N CYS F 143 -23.07 48.59 43.76
CA CYS F 143 -24.51 48.27 43.72
C CYS F 143 -24.69 46.79 44.10
N LEU F 144 -25.76 46.17 43.58
CA LEU F 144 -25.97 44.73 43.70
C LEU F 144 -27.05 44.24 42.72
N VAL F 145 -27.01 42.94 42.40
CA VAL F 145 -28.04 42.29 41.57
C VAL F 145 -28.44 40.96 42.21
N LYS F 146 -29.64 40.93 42.81
CA LYS F 146 -30.08 39.81 43.65
C LYS F 146 -31.44 39.23 43.26
N ASP F 147 -31.51 37.90 43.23
CA ASP F 147 -32.72 37.11 42.87
C ASP F 147 -33.35 37.49 41.52
N TYR F 148 -32.99 36.75 40.48
CA TYR F 148 -33.49 37.00 39.12
C TYR F 148 -33.45 35.75 38.25
N PHE F 149 -34.21 35.79 37.16
CA PHE F 149 -34.31 34.68 36.21
C PHE F 149 -34.86 35.23 34.90
N PRO F 150 -34.20 34.93 33.76
CA PRO F 150 -32.99 34.11 33.64
C PRO F 150 -31.71 34.95 33.67
N GLU F 151 -31.12 35.13 32.50
CA GLU F 151 -29.96 36.00 32.28
C GLU F 151 -30.18 36.67 30.91
N PRO F 152 -29.30 37.60 30.50
CA PRO F 152 -28.11 38.14 31.17
C PRO F 152 -28.32 39.48 31.84
N VAL F 153 -27.51 39.77 32.86
CA VAL F 153 -27.54 41.06 33.53
C VAL F 153 -26.25 41.86 33.30
N THR F 154 -26.31 42.84 32.39
CA THR F 154 -25.18 43.73 32.16
C THR F 154 -25.25 44.90 33.13
N VAL F 155 -24.12 45.18 33.78
CA VAL F 155 -24.02 46.31 34.70
C VAL F 155 -22.85 47.23 34.32
N SER F 156 -23.17 48.45 33.93
CA SER F 156 -22.14 49.47 33.66
C SER F 156 -21.97 50.41 34.86
N TRP F 157 -21.35 51.57 34.63
CA TRP F 157 -21.21 52.63 35.64
C TRP F 157 -21.36 54.01 35.00
N ASN F 158 -22.34 54.78 35.50
CA ASN F 158 -22.74 56.10 34.96
C ASN F 158 -22.57 56.33 33.44
N SER F 159 -23.54 55.81 32.67
CA SER F 159 -23.53 55.84 31.20
C SER F 159 -22.21 55.34 30.57
N GLY F 160 -21.60 54.34 31.21
CA GLY F 160 -20.35 53.74 30.76
C GLY F 160 -19.19 54.73 30.67
N ALA F 161 -18.94 55.42 31.77
CA ALA F 161 -17.83 56.37 31.83
C ALA F 161 -16.67 55.78 32.64
N LEU F 162 -16.94 55.45 33.90
CA LEU F 162 -15.98 54.77 34.76
C LEU F 162 -15.68 53.38 34.19
N THR F 163 -14.47 52.88 34.46
CA THR F 163 -14.01 51.65 33.86
C THR F 163 -12.93 50.94 34.71
N SER F 164 -11.73 51.53 34.76
CA SER F 164 -10.58 50.90 35.43
C SER F 164 -10.83 50.69 36.91
N GLY F 165 -11.23 49.47 37.26
CA GLY F 165 -11.58 49.13 38.64
C GLY F 165 -12.76 48.19 38.75
N VAL F 166 -13.59 48.15 37.71
CA VAL F 166 -14.81 47.31 37.70
C VAL F 166 -14.50 45.81 37.78
N HIS F 167 -15.29 45.10 38.58
CA HIS F 167 -15.18 43.65 38.70
C HIS F 167 -16.55 43.00 38.92
N THR F 168 -17.37 42.99 37.86
CA THR F 168 -18.67 42.31 37.87
C THR F 168 -18.46 40.81 38.06
N PHE F 169 -19.09 40.26 39.09
CA PHE F 169 -18.89 38.86 39.46
C PHE F 169 -19.83 37.91 38.71
N PRO F 170 -19.43 36.63 38.60
CA PRO F 170 -20.29 35.62 37.99
C PRO F 170 -21.51 35.31 38.86
N ALA F 171 -22.66 35.16 38.20
CA ALA F 171 -23.87 34.70 38.86
C ALA F 171 -23.68 33.29 39.42
N VAL F 172 -24.34 32.99 40.54
CA VAL F 172 -24.33 31.65 41.12
C VAL F 172 -25.73 31.15 41.54
N LEU F 173 -26.04 29.89 41.19
CA LEU F 173 -27.31 29.26 41.57
C LEU F 173 -27.43 29.14 43.08
N GLN F 174 -28.46 29.78 43.61
CA GLN F 174 -28.69 29.80 45.06
C GLN F 174 -29.44 28.53 45.46
N SER F 175 -30.63 28.68 46.02
CA SER F 175 -31.51 27.54 46.24
C SER F 175 -32.91 27.87 45.75
N SER F 176 -33.26 29.16 45.80
CA SER F 176 -34.55 29.67 45.33
C SER F 176 -34.71 29.57 43.80
N GLY F 177 -33.82 28.82 43.15
CA GLY F 177 -33.83 28.64 41.70
C GLY F 177 -33.57 29.94 40.98
N LEU F 178 -32.77 30.80 41.60
CA LEU F 178 -32.50 32.14 41.09
C LEU F 178 -31.03 32.50 41.23
N TYR F 179 -30.45 33.03 40.15
CA TYR F 179 -29.07 33.50 40.14
C TYR F 179 -28.93 34.74 41.01
N SER F 180 -27.68 35.10 41.33
CA SER F 180 -27.35 36.35 42.01
C SER F 180 -25.94 36.84 41.65
N LEU F 181 -25.73 38.16 41.72
CA LEU F 181 -24.52 38.80 41.17
C LEU F 181 -23.58 39.39 42.23
N SER F 182 -23.29 40.69 42.10
CA SER F 182 -22.32 41.44 42.92
C SER F 182 -21.35 42.26 42.04
N SER F 183 -21.53 43.58 42.03
CA SER F 183 -20.77 44.47 41.14
C SER F 183 -20.03 45.59 41.89
N VAL F 184 -18.78 45.32 42.25
CA VAL F 184 -17.94 46.26 43.01
C VAL F 184 -17.22 47.32 42.16
N VAL F 185 -16.30 48.07 42.78
CA VAL F 185 -15.47 49.10 42.11
C VAL F 185 -14.44 49.70 43.10
N THR F 186 -13.23 50.01 42.61
CA THR F 186 -12.15 50.50 43.47
C THR F 186 -11.59 51.88 43.05
N VAL F 187 -11.52 52.78 44.03
CA VAL F 187 -11.00 54.14 43.86
C VAL F 187 -10.54 54.67 45.24
N PRO F 188 -9.51 55.54 45.27
CA PRO F 188 -9.13 56.13 46.56
C PRO F 188 -10.25 56.98 47.17
N SER F 189 -10.21 57.16 48.48
CA SER F 189 -11.14 58.07 49.16
C SER F 189 -10.79 59.54 48.86
N SER F 190 -9.77 59.73 48.03
CA SER F 190 -9.34 61.04 47.51
C SER F 190 -10.37 61.64 46.53
N SER F 191 -11.24 60.77 46.01
CA SER F 191 -12.29 61.17 45.07
C SER F 191 -13.66 60.63 45.49
N LEU F 192 -13.73 60.08 46.70
CA LEU F 192 -15.00 59.71 47.33
C LEU F 192 -15.74 61.00 47.73
N GLY F 193 -15.03 62.12 47.63
CA GLY F 193 -15.54 63.44 47.99
C GLY F 193 -16.05 64.28 46.82
N THR F 194 -15.37 64.22 45.67
CA THR F 194 -15.73 65.07 44.52
C THR F 194 -16.54 64.36 43.40
N GLN F 195 -17.19 63.24 43.72
CA GLN F 195 -18.08 62.55 42.78
C GLN F 195 -18.78 61.34 43.43
N THR F 196 -20.03 61.08 43.02
CA THR F 196 -20.81 59.92 43.52
C THR F 196 -20.92 58.77 42.50
N TYR F 197 -21.19 57.57 43.03
CA TYR F 197 -21.12 56.31 42.25
C TYR F 197 -22.50 55.76 41.86
N ILE F 198 -22.86 55.95 40.59
CA ILE F 198 -24.20 55.65 40.05
C ILE F 198 -24.15 54.64 38.87
N CYS F 199 -24.51 53.38 39.13
CA CYS F 199 -24.56 52.36 38.09
C CYS F 199 -25.93 52.28 37.42
N ASN F 200 -25.94 51.90 36.15
CA ASN F 200 -27.19 51.78 35.38
C ASN F 200 -27.43 50.37 34.81
N VAL F 201 -28.06 49.52 35.63
CA VAL F 201 -28.29 48.11 35.32
C VAL F 201 -29.28 47.90 34.16
N ASN F 202 -29.23 46.70 33.56
CA ASN F 202 -30.23 46.23 32.61
C ASN F 202 -30.35 44.70 32.66
N HIS F 203 -31.58 44.23 32.75
CA HIS F 203 -31.91 42.81 32.64
C HIS F 203 -33.14 42.71 31.76
N LYS F 204 -32.90 42.58 30.45
CA LYS F 204 -33.94 42.66 29.42
C LYS F 204 -35.12 41.65 29.54
N PRO F 205 -34.84 40.36 29.89
CA PRO F 205 -35.94 39.41 30.17
C PRO F 205 -37.08 39.99 31.05
N SER F 206 -36.75 40.45 32.25
CA SER F 206 -37.74 41.17 33.06
C SER F 206 -37.43 42.66 33.11
N ASN F 207 -37.14 43.24 31.92
CA ASN F 207 -36.92 44.68 31.68
C ASN F 207 -36.55 45.63 32.84
N THR F 208 -35.82 45.14 33.85
CA THR F 208 -35.52 45.94 35.03
C THR F 208 -34.50 47.06 34.72
N LYS F 209 -34.88 48.29 35.06
CA LYS F 209 -34.06 49.47 34.80
C LYS F 209 -33.90 50.32 36.09
N VAL F 210 -32.82 50.05 36.83
CA VAL F 210 -32.55 50.70 38.12
C VAL F 210 -31.43 51.75 38.02
N ASP F 211 -31.21 52.51 39.10
CA ASP F 211 -30.22 53.60 39.13
C ASP F 211 -29.62 53.91 40.51
N LYS F 212 -29.32 52.87 41.31
CA LYS F 212 -28.86 53.06 42.70
C LYS F 212 -27.45 53.62 42.88
N LYS F 213 -27.36 54.84 43.42
CA LYS F 213 -26.06 55.46 43.75
C LYS F 213 -25.46 54.86 45.02
N VAL F 214 -24.17 55.10 45.24
CA VAL F 214 -23.49 54.66 46.47
C VAL F 214 -22.67 55.79 47.09
N GLU F 215 -23.24 56.42 48.11
CA GLU F 215 -22.58 57.54 48.81
C GLU F 215 -21.63 57.01 49.91
N PRO F 216 -20.83 57.90 50.55
CA PRO F 216 -19.96 57.52 51.70
C PRO F 216 -20.61 56.67 52.81
N LYS F 217 -19.91 56.13 53.67
N ASP G 1 1.40 -24.65 -13.73
CA ASP G 1 0.45 -24.10 -12.70
C ASP G 1 1.13 -22.94 -11.97
N ILE G 2 1.18 -21.78 -12.64
CA ILE G 2 1.75 -20.56 -12.08
C ILE G 2 1.29 -20.31 -10.65
N GLN G 3 2.23 -19.95 -9.78
CA GLN G 3 1.93 -19.69 -8.38
C GLN G 3 2.05 -18.22 -8.01
N LEU G 4 0.93 -17.73 -7.48
CA LEU G 4 0.87 -16.41 -6.92
C LEU G 4 1.21 -16.55 -5.45
N THR G 5 2.14 -15.72 -5.03
CA THR G 5 2.47 -15.65 -3.62
C THR G 5 2.37 -14.18 -3.20
N GLN G 6 1.54 -13.94 -2.19
CA GLN G 6 1.24 -12.58 -1.74
C GLN G 6 2.00 -12.36 -0.48
N SER G 7 2.10 -11.10 -0.08
CA SER G 7 2.78 -10.72 1.12
C SER G 7 2.40 -9.28 1.40
N PRO G 8 2.24 -8.93 2.68
CA PRO G 8 2.40 -9.80 3.83
C PRO G 8 1.44 -10.96 3.85
N SER G 9 1.83 -11.99 4.57
CA SER G 9 0.94 -13.09 4.88
C SER G 9 -0.38 -12.48 5.38
N SER G 10 -0.26 -11.43 6.19
CA SER G 10 -1.40 -10.70 6.77
C SER G 10 -0.88 -9.45 7.50
N LEU G 11 -1.71 -8.42 7.61
CA LEU G 11 -1.26 -7.13 8.14
C LEU G 11 -2.31 -6.41 8.99
N SER G 12 -1.91 -5.32 9.67
CA SER G 12 -2.86 -4.51 10.42
C SER G 12 -2.60 -3.02 10.26
N ALA G 13 -3.65 -2.25 10.02
CA ALA G 13 -3.49 -0.82 9.75
C ALA G 13 -4.68 -0.03 10.25
N SER G 14 -4.49 1.28 10.33
CA SER G 14 -5.47 2.18 10.98
C SER G 14 -6.36 2.89 9.97
N VAL G 15 -7.61 3.08 10.36
CA VAL G 15 -8.60 3.63 9.46
C VAL G 15 -8.07 4.89 8.82
N GLY G 16 -7.69 4.83 7.55
CA GLY G 16 -7.34 6.05 6.84
C GLY G 16 -5.94 6.12 6.27
N ASP G 17 -5.01 5.35 6.83
CA ASP G 17 -3.66 5.32 6.26
C ASP G 17 -3.58 4.47 4.97
N ARG G 18 -2.48 4.57 4.23
CA ARG G 18 -2.34 3.81 3.00
C ARG G 18 -2.03 2.32 3.28
N VAL G 19 -2.77 1.44 2.61
CA VAL G 19 -2.52 -0.03 2.65
C VAL G 19 -2.22 -0.61 1.27
N THR G 20 -1.04 -1.21 1.14
CA THR G 20 -0.62 -1.86 -0.09
C THR G 20 -0.29 -3.34 0.13
N ILE G 21 -0.65 -4.17 -0.85
CA ILE G 21 -0.47 -5.62 -0.80
C ILE G 21 0.17 -6.03 -2.12
N THR G 22 1.11 -6.97 -2.08
CA THR G 22 1.87 -7.41 -3.25
C THR G 22 1.61 -8.88 -3.62
N CYS G 23 1.58 -9.17 -4.93
CA CYS G 23 1.41 -10.53 -5.41
C CYS G 23 2.51 -10.83 -6.40
N ARG G 24 3.38 -11.82 -6.11
CA ARG G 24 4.48 -12.18 -7.02
C ARG G 24 4.24 -13.49 -7.73
N ALA G 25 4.20 -13.42 -9.06
CA ALA G 25 3.91 -14.60 -9.86
C ALA G 25 5.17 -15.39 -10.06
N SER G 26 5.04 -16.71 -10.01
CA SER G 26 6.19 -17.58 -10.18
C SER G 26 6.66 -17.56 -11.62
N GLN G 27 6.09 -16.65 -12.40
CA GLN G 27 6.32 -16.54 -13.83
C GLN G 27 5.90 -15.14 -14.29
N GLY G 28 6.25 -14.76 -15.51
CA GLY G 28 5.68 -13.56 -16.08
C GLY G 28 4.29 -13.94 -16.57
N ILE G 29 3.26 -13.39 -15.92
CA ILE G 29 1.87 -13.57 -16.36
C ILE G 29 1.40 -12.38 -17.14
N ARG G 30 1.93 -11.23 -16.75
CA ARG G 30 1.95 -10.03 -17.58
C ARG G 30 0.57 -9.43 -17.88
N ASN G 31 0.14 -8.53 -16.99
CA ASN G 31 -1.22 -7.89 -16.99
C ASN G 31 -2.49 -8.75 -16.76
N ASP G 32 -2.37 -10.08 -16.86
CA ASP G 32 -3.51 -10.99 -16.75
C ASP G 32 -3.87 -11.36 -15.33
N LEU G 33 -4.16 -10.33 -14.53
CA LEU G 33 -4.30 -10.52 -13.10
C LEU G 33 -5.53 -9.84 -12.49
N GLY G 34 -6.18 -10.54 -11.57
CA GLY G 34 -7.28 -9.99 -10.81
C GLY G 34 -6.99 -9.94 -9.30
N TRP G 35 -7.72 -9.08 -8.61
CA TRP G 35 -7.64 -8.93 -7.18
C TRP G 35 -9.04 -9.10 -6.64
N TYR G 36 -9.19 -9.78 -5.49
CA TYR G 36 -10.52 -10.07 -4.96
C TYR G 36 -10.66 -9.84 -3.47
N GLN G 37 -11.84 -9.41 -3.04
CA GLN G 37 -12.11 -9.15 -1.64
C GLN G 37 -13.10 -10.15 -1.09
N GLN G 38 -12.75 -10.67 0.10
CA GLN G 38 -13.57 -11.63 0.81
C GLN G 38 -13.80 -11.19 2.26
N LYS G 39 -15.07 -10.90 2.57
CA LYS G 39 -15.50 -10.53 3.91
C LYS G 39 -16.03 -11.74 4.71
N PRO G 40 -15.94 -11.68 6.06
CA PRO G 40 -16.09 -12.78 7.05
C PRO G 40 -17.08 -13.91 6.75
N GLY G 41 -18.03 -13.69 5.83
CA GLY G 41 -18.95 -14.74 5.47
C GLY G 41 -19.54 -14.59 4.09
N LYS G 42 -19.38 -13.41 3.51
CA LYS G 42 -20.06 -13.03 2.26
C LYS G 42 -19.53 -13.63 0.95
N ALA G 43 -20.22 -13.28 -0.13
CA ALA G 43 -19.87 -13.64 -1.49
C ALA G 43 -18.66 -12.82 -1.94
N PRO G 44 -17.52 -13.49 -2.21
CA PRO G 44 -16.29 -12.78 -2.64
C PRO G 44 -16.54 -11.83 -3.82
N LYS G 45 -15.94 -10.64 -3.78
CA LYS G 45 -16.11 -9.64 -4.85
C LYS G 45 -14.79 -9.31 -5.58
N ARG G 46 -14.89 -8.86 -6.84
CA ARG G 46 -13.69 -8.59 -7.64
C ARG G 46 -13.42 -7.13 -7.73
N LEU G 47 -12.25 -6.72 -7.27
CA LEU G 47 -11.91 -5.29 -7.25
C LEU G 47 -11.19 -4.83 -8.52
N ILE G 48 -10.13 -5.56 -8.89
CA ILE G 48 -9.32 -5.16 -10.04
C ILE G 48 -9.24 -6.27 -11.07
N TYR G 49 -9.60 -5.96 -12.30
CA TYR G 49 -9.43 -6.92 -13.37
C TYR G 49 -8.35 -6.37 -14.29
N ALA G 50 -7.79 -7.24 -15.12
CA ALA G 50 -6.64 -6.93 -15.99
C ALA G 50 -5.61 -5.99 -15.34
N ALA G 51 -5.03 -6.48 -14.25
CA ALA G 51 -3.95 -5.77 -13.54
C ALA G 51 -4.35 -4.49 -12.80
N SER G 52 -5.09 -3.60 -13.46
CA SER G 52 -5.23 -2.25 -12.95
C SER G 52 -6.56 -1.57 -13.24
N SER G 53 -7.50 -2.33 -13.79
CA SER G 53 -8.79 -1.76 -14.09
C SER G 53 -9.75 -1.98 -12.93
N LEU G 54 -10.45 -0.91 -12.55
CA LEU G 54 -11.35 -0.89 -11.40
C LEU G 54 -12.70 -1.43 -11.78
N GLN G 55 -13.03 -2.62 -11.27
CA GLN G 55 -14.34 -3.27 -11.49
C GLN G 55 -15.50 -2.31 -11.23
N SER G 56 -16.52 -2.37 -12.08
CA SER G 56 -17.65 -1.45 -11.95
C SER G 56 -18.34 -1.53 -10.59
N GLY G 57 -18.47 -0.37 -9.95
CA GLY G 57 -19.16 -0.32 -8.68
C GLY G 57 -18.26 -0.29 -7.44
N VAL G 58 -17.05 -0.84 -7.53
CA VAL G 58 -16.10 -0.72 -6.42
C VAL G 58 -15.55 0.72 -6.33
N PRO G 59 -15.35 1.21 -5.08
CA PRO G 59 -14.78 2.53 -4.76
C PRO G 59 -13.39 2.72 -5.33
N SER G 60 -13.08 3.96 -5.69
CA SER G 60 -11.78 4.31 -6.31
C SER G 60 -10.64 4.15 -5.31
N ARG G 61 -11.00 4.22 -4.03
CA ARG G 61 -10.09 3.89 -2.95
C ARG G 61 -9.17 2.71 -3.33
N PHE G 62 -9.71 1.78 -4.12
CA PHE G 62 -8.97 0.62 -4.56
C PHE G 62 -8.31 0.83 -5.91
N SER G 63 -6.99 0.59 -5.94
CA SER G 63 -6.16 0.74 -7.16
C SER G 63 -5.20 -0.42 -7.28
N GLY G 64 -5.07 -0.91 -8.51
CA GLY G 64 -4.31 -2.12 -8.82
C GLY G 64 -3.22 -1.77 -9.79
N SER G 65 -1.99 -1.85 -9.32
CA SER G 65 -0.85 -1.56 -10.17
C SER G 65 0.01 -2.82 -10.29
N GLY G 66 0.87 -2.87 -11.29
CA GLY G 66 1.65 -4.08 -11.54
C GLY G 66 1.69 -4.43 -13.01
N SER G 67 2.57 -5.36 -13.36
CA SER G 67 2.77 -5.81 -14.73
C SER G 67 3.93 -6.78 -14.78
N GLY G 68 3.72 -7.93 -15.38
CA GLY G 68 4.79 -8.90 -15.48
C GLY G 68 4.76 -9.94 -14.38
N THR G 69 5.26 -9.60 -13.20
CA THR G 69 5.54 -10.64 -12.23
C THR G 69 5.40 -10.26 -10.75
N GLU G 70 5.65 -8.99 -10.43
CA GLU G 70 5.25 -8.41 -9.15
C GLU G 70 4.15 -7.35 -9.37
N PHE G 71 3.02 -7.55 -8.69
CA PHE G 71 1.88 -6.63 -8.74
C PHE G 71 1.53 -6.15 -7.34
N THR G 72 0.89 -4.99 -7.26
CA THR G 72 0.47 -4.41 -5.99
C THR G 72 -0.95 -3.79 -6.00
N LEU G 73 -1.84 -4.38 -5.19
CA LEU G 73 -3.17 -3.80 -4.86
C LEU G 73 -3.01 -2.81 -3.72
N THR G 74 -3.63 -1.64 -3.84
CA THR G 74 -3.50 -0.59 -2.82
C THR G 74 -4.77 0.24 -2.47
N ILE G 75 -5.07 0.31 -1.16
CA ILE G 75 -6.23 1.03 -0.60
C ILE G 75 -5.76 2.39 -0.09
N SER G 76 -6.18 3.49 -0.73
CA SER G 76 -5.68 4.84 -0.39
C SER G 76 -5.78 5.15 1.10
N SER G 77 -7.00 5.12 1.61
CA SER G 77 -7.21 5.23 3.04
C SER G 77 -8.09 4.07 3.50
N LEU G 78 -7.61 3.28 4.45
CA LEU G 78 -8.40 2.16 4.96
C LEU G 78 -9.76 2.59 5.51
N GLN G 79 -10.68 1.64 5.56
CA GLN G 79 -12.02 1.88 6.07
C GLN G 79 -12.40 0.74 7.01
N PRO G 80 -13.43 0.95 7.85
CA PRO G 80 -13.73 -0.09 8.83
C PRO G 80 -14.14 -1.39 8.17
N GLU G 81 -14.93 -1.30 7.10
CA GLU G 81 -15.49 -2.48 6.43
C GLU G 81 -14.52 -3.18 5.49
N ASP G 82 -13.38 -2.52 5.24
CA ASP G 82 -12.30 -3.10 4.46
C ASP G 82 -11.63 -4.30 5.12
N PHE G 83 -11.98 -4.59 6.37
CA PHE G 83 -11.59 -5.86 7.00
C PHE G 83 -12.01 -6.95 6.04
N ALA G 84 -11.02 -7.75 5.62
CA ALA G 84 -11.23 -8.77 4.60
C ALA G 84 -9.96 -9.59 4.36
N THR G 85 -10.06 -10.49 3.40
CA THR G 85 -8.88 -11.13 2.92
C THR G 85 -8.87 -10.89 1.44
N TYR G 86 -7.74 -10.43 0.95
CA TYR G 86 -7.64 -10.01 -0.41
C TYR G 86 -6.85 -11.04 -1.16
N TYR G 87 -7.39 -11.50 -2.27
CA TYR G 87 -6.70 -12.48 -3.11
C TYR G 87 -6.21 -11.92 -4.43
N CYS G 88 -5.18 -12.53 -4.97
CA CYS G 88 -4.76 -12.22 -6.31
C CYS G 88 -4.91 -13.48 -7.16
N LEU G 89 -5.42 -13.30 -8.37
CA LEU G 89 -5.60 -14.43 -9.26
C LEU G 89 -4.85 -14.21 -10.55
N GLN G 90 -4.48 -15.30 -11.21
CA GLN G 90 -3.76 -15.29 -12.49
C GLN G 90 -4.63 -16.00 -13.49
N HIS G 91 -4.80 -15.45 -14.68
CA HIS G 91 -5.51 -16.16 -15.75
C HIS G 91 -4.70 -16.09 -17.05
N ASN G 92 -3.38 -16.09 -16.89
CA ASN G 92 -2.46 -16.03 -18.01
C ASN G 92 -2.09 -17.42 -18.50
N THR G 93 -1.99 -18.38 -17.59
CA THR G 93 -1.70 -19.74 -17.97
C THR G 93 -2.63 -20.67 -17.20
N TYR G 94 -3.57 -21.29 -17.92
CA TYR G 94 -4.70 -22.00 -17.29
C TYR G 94 -4.20 -23.25 -16.64
N PRO G 95 -4.81 -23.67 -15.52
CA PRO G 95 -5.97 -23.07 -14.83
C PRO G 95 -5.60 -21.80 -14.09
N PRO G 96 -6.58 -20.90 -13.95
CA PRO G 96 -6.40 -19.70 -13.15
C PRO G 96 -5.99 -20.12 -11.75
N THR G 97 -5.15 -19.32 -11.10
CA THR G 97 -4.76 -19.61 -9.73
C THR G 97 -4.93 -18.40 -8.83
N PHE G 98 -5.07 -18.68 -7.54
CA PHE G 98 -5.19 -17.65 -6.51
C PHE G 98 -3.98 -17.64 -5.60
N GLY G 99 -3.64 -16.45 -5.12
CA GLY G 99 -2.72 -16.27 -4.01
C GLY G 99 -3.29 -16.83 -2.72
N GLN G 100 -2.40 -17.30 -1.84
CA GLN G 100 -2.78 -17.88 -0.55
C GLN G 100 -3.73 -16.96 0.21
N GLY G 101 -3.52 -15.65 0.09
CA GLY G 101 -4.45 -14.68 0.66
C GLY G 101 -3.86 -13.84 1.76
N THR G 102 -4.06 -12.53 1.67
CA THR G 102 -3.51 -11.59 2.62
C THR G 102 -4.65 -11.05 3.48
N LYS G 103 -4.63 -11.39 4.76
CA LYS G 103 -5.66 -10.95 5.70
C LYS G 103 -5.34 -9.54 6.19
N VAL G 104 -6.35 -8.68 6.23
CA VAL G 104 -6.18 -7.33 6.78
C VAL G 104 -7.12 -7.15 7.95
N GLU G 105 -6.53 -6.77 9.08
CA GLU G 105 -7.29 -6.57 10.31
C GLU G 105 -7.18 -5.13 10.72
N ILE G 106 -8.32 -4.46 10.84
CA ILE G 106 -8.37 -3.04 11.19
C ILE G 106 -7.69 -2.73 12.55
N LYS G 107 -6.56 -2.04 12.50
CA LYS G 107 -5.90 -1.55 13.73
C LYS G 107 -6.66 -0.32 14.24
N ARG G 108 -6.94 -0.33 15.55
CA ARG G 108 -7.90 0.62 16.13
C ARG G 108 -7.65 0.83 17.63
N THR G 109 -8.38 1.79 18.22
CA THR G 109 -8.23 2.18 19.64
C THR G 109 -8.58 1.04 20.65
N VAL G 110 -7.53 0.55 21.32
CA VAL G 110 -7.62 -0.57 22.30
C VAL G 110 -8.64 -0.34 23.42
N ALA G 111 -9.66 -1.19 23.46
CA ALA G 111 -10.72 -1.10 24.48
C ALA G 111 -11.10 -2.47 25.04
N ALA G 112 -11.35 -2.52 26.35
CA ALA G 112 -11.62 -3.77 27.11
C ALA G 112 -13.05 -4.33 26.97
N PRO G 113 -13.22 -5.66 27.14
CA PRO G 113 -14.50 -6.32 26.85
C PRO G 113 -15.54 -6.34 27.99
N SER G 114 -16.77 -5.96 27.68
CA SER G 114 -17.92 -6.18 28.57
C SER G 114 -18.03 -7.67 28.90
N VAL G 115 -18.26 -7.99 30.17
CA VAL G 115 -18.39 -9.41 30.58
C VAL G 115 -19.79 -9.82 31.06
N PHE G 116 -20.29 -10.95 30.54
CA PHE G 116 -21.60 -11.50 30.90
C PHE G 116 -21.53 -13.03 31.03
N ILE G 117 -21.78 -13.55 32.23
CA ILE G 117 -21.80 -15.00 32.48
C ILE G 117 -23.23 -15.47 32.77
N PHE G 118 -23.58 -16.68 32.32
CA PHE G 118 -24.93 -17.24 32.53
C PHE G 118 -25.04 -18.77 32.62
N PRO G 119 -25.79 -19.27 33.61
CA PRO G 119 -26.00 -20.71 33.82
C PRO G 119 -26.81 -21.35 32.69
N PRO G 120 -26.81 -22.71 32.62
CA PRO G 120 -27.69 -23.42 31.69
C PRO G 120 -29.14 -23.35 32.16
N SER G 121 -30.09 -23.25 31.23
CA SER G 121 -31.51 -23.29 31.59
C SER G 121 -31.93 -24.72 31.88
N ASP G 122 -33.01 -24.88 32.65
CA ASP G 122 -33.48 -26.21 33.08
C ASP G 122 -33.63 -27.21 31.94
N GLU G 123 -34.02 -26.71 30.78
CA GLU G 123 -34.18 -27.54 29.58
C GLU G 123 -32.88 -28.26 29.19
N GLN G 124 -31.74 -27.63 29.47
CA GLN G 124 -30.42 -28.24 29.23
C GLN G 124 -30.09 -29.32 30.26
N LEU G 125 -30.45 -29.07 31.50
CA LEU G 125 -30.21 -30.00 32.61
C LEU G 125 -30.94 -31.33 32.38
N LYS G 126 -32.16 -31.24 31.85
CA LYS G 126 -33.03 -32.40 31.55
C LYS G 126 -32.56 -33.26 30.35
N SER G 127 -31.28 -33.16 30.00
CA SER G 127 -30.71 -33.94 28.89
C SER G 127 -29.35 -34.56 29.25
N GLY G 128 -29.05 -34.59 30.54
CA GLY G 128 -27.82 -35.21 31.06
C GLY G 128 -26.57 -34.36 30.92
N THR G 129 -26.77 -33.07 30.61
CA THR G 129 -25.65 -32.14 30.37
C THR G 129 -25.86 -30.77 31.03
N ALA G 130 -24.75 -30.09 31.26
CA ALA G 130 -24.73 -28.72 31.76
C ALA G 130 -23.51 -27.99 31.21
N SER G 131 -23.76 -27.05 30.30
CA SER G 131 -22.70 -26.22 29.72
C SER G 131 -22.88 -24.76 30.12
N VAL G 132 -21.87 -24.24 30.82
CA VAL G 132 -21.88 -22.86 31.27
C VAL G 132 -21.20 -21.96 30.25
N VAL G 133 -21.78 -20.78 30.03
CA VAL G 133 -21.34 -19.89 28.93
C VAL G 133 -20.91 -18.49 29.41
N CYS G 134 -19.66 -18.12 29.10
CA CYS G 134 -19.11 -16.79 29.39
C CYS G 134 -19.04 -15.95 28.10
N LEU G 135 -18.99 -14.63 28.23
CA LEU G 135 -19.04 -13.72 27.07
C LEU G 135 -18.16 -12.48 27.23
N LEU G 136 -17.42 -12.17 26.17
CA LEU G 136 -16.59 -10.96 26.09
C LEU G 136 -17.07 -10.16 24.89
N ASN G 137 -17.81 -9.09 25.16
CA ASN G 137 -18.41 -8.30 24.08
C ASN G 137 -17.50 -7.17 23.58
N ASN G 138 -17.55 -6.95 22.26
CA ASN G 138 -16.86 -5.84 21.58
C ASN G 138 -15.54 -5.35 22.21
N PHE G 139 -14.47 -6.11 22.02
CA PHE G 139 -13.15 -5.75 22.55
C PHE G 139 -12.11 -5.58 21.48
N TYR G 140 -11.02 -4.87 21.80
CA TYR G 140 -9.85 -4.80 20.94
C TYR G 140 -8.55 -4.84 21.76
N PRO G 141 -7.57 -5.68 21.34
CA PRO G 141 -7.58 -6.61 20.21
C PRO G 141 -7.86 -8.07 20.60
N ARG G 142 -7.36 -8.99 19.77
CA ARG G 142 -7.58 -10.44 19.91
C ARG G 142 -7.03 -11.04 21.19
N GLU G 143 -5.92 -10.47 21.64
CA GLU G 143 -5.15 -10.96 22.78
C GLU G 143 -6.01 -10.94 24.04
N ALA G 144 -6.71 -12.04 24.26
CA ALA G 144 -7.60 -12.19 25.41
C ALA G 144 -7.64 -13.65 25.87
N LYS G 145 -7.31 -13.88 27.15
CA LYS G 145 -7.32 -15.23 27.72
C LYS G 145 -8.51 -15.44 28.69
N VAL G 146 -9.03 -16.66 28.72
CA VAL G 146 -10.17 -17.01 29.58
C VAL G 146 -9.90 -18.26 30.43
N GLN G 147 -10.17 -18.14 31.73
CA GLN G 147 -9.96 -19.22 32.69
C GLN G 147 -11.25 -19.47 33.47
N TRP G 148 -11.93 -20.56 33.16
CA TRP G 148 -13.08 -21.01 33.93
C TRP G 148 -12.63 -21.56 35.29
N LYS G 149 -13.18 -21.03 36.39
CA LYS G 149 -12.94 -21.61 37.72
C LYS G 149 -14.21 -22.22 38.35
N VAL G 150 -14.05 -23.42 38.90
CA VAL G 150 -15.13 -24.11 39.62
C VAL G 150 -14.72 -24.29 41.09
N ASP G 151 -15.55 -23.78 42.00
CA ASP G 151 -15.31 -23.78 43.46
C ASP G 151 -13.92 -23.24 43.87
N ASN G 152 -13.49 -22.17 43.19
CA ASN G 152 -12.18 -21.50 43.37
C ASN G 152 -10.99 -22.19 42.69
N ALA G 153 -11.17 -23.47 42.32
CA ALA G 153 -10.13 -24.26 41.64
C ALA G 153 -10.24 -24.19 40.11
N LEU G 154 -9.15 -23.78 39.47
CA LEU G 154 -9.12 -23.54 38.01
C LEU G 154 -9.26 -24.79 37.13
N GLN G 155 -10.15 -24.70 36.15
CA GLN G 155 -10.34 -25.74 35.14
C GLN G 155 -9.27 -25.62 34.04
N SER G 156 -9.03 -26.72 33.33
CA SER G 156 -8.12 -26.73 32.19
C SER G 156 -8.75 -27.55 31.08
N GLY G 157 -8.31 -27.29 29.84
CA GLY G 157 -8.74 -28.08 28.68
C GLY G 157 -10.18 -28.59 28.76
N ASN G 158 -11.09 -27.69 29.09
CA ASN G 158 -12.52 -27.96 29.18
C ASN G 158 -13.29 -26.71 28.71
N SER G 159 -12.51 -25.65 28.45
CA SER G 159 -12.99 -24.43 27.82
C SER G 159 -12.99 -24.65 26.30
N GLN G 160 -14.09 -24.27 25.65
CA GLN G 160 -14.31 -24.48 24.22
C GLN G 160 -14.49 -23.13 23.52
N GLU G 161 -13.42 -22.34 23.49
CA GLU G 161 -13.42 -20.95 22.99
C GLU G 161 -13.91 -20.79 21.54
N SER G 162 -14.38 -19.59 21.20
CA SER G 162 -14.80 -19.24 19.84
C SER G 162 -14.82 -17.72 19.68
N VAL G 163 -14.27 -17.22 18.57
CA VAL G 163 -14.14 -15.78 18.36
C VAL G 163 -14.79 -15.30 17.05
N THR G 164 -15.61 -14.25 17.11
CA THR G 164 -16.14 -13.64 15.87
C THR G 164 -15.05 -12.88 15.13
N GLU G 165 -15.39 -12.39 13.94
CA GLU G 165 -14.44 -11.64 13.15
C GLU G 165 -14.83 -10.19 13.12
N GLN G 166 -13.80 -9.34 13.09
CA GLN G 166 -13.89 -7.90 13.23
C GLN G 166 -15.21 -7.28 12.79
N ASP G 167 -15.64 -6.25 13.52
CA ASP G 167 -16.88 -5.53 13.22
C ASP G 167 -16.72 -4.58 12.04
N SER G 168 -17.79 -4.49 11.25
CA SER G 168 -17.81 -3.72 10.02
C SER G 168 -17.79 -2.21 10.24
N LYS G 169 -17.93 -1.78 11.51
CA LYS G 169 -17.92 -0.35 11.85
C LYS G 169 -17.16 0.06 13.13
N ASP G 170 -17.21 -0.75 14.19
CA ASP G 170 -16.48 -0.48 15.45
C ASP G 170 -15.18 -1.28 15.63
N SER G 171 -14.95 -2.23 14.72
CA SER G 171 -13.70 -3.00 14.63
C SER G 171 -13.29 -3.76 15.90
N THR G 172 -14.28 -4.24 16.64
CA THR G 172 -14.02 -4.96 17.87
C THR G 172 -14.46 -6.41 17.73
N TYR G 173 -13.73 -7.28 18.40
CA TYR G 173 -13.97 -8.71 18.32
C TYR G 173 -15.11 -9.12 19.25
N SER G 174 -15.16 -10.40 19.61
CA SER G 174 -16.12 -10.89 20.59
C SER G 174 -15.79 -12.35 20.92
N LEU G 175 -15.34 -12.61 22.16
CA LEU G 175 -14.96 -13.97 22.58
C LEU G 175 -16.13 -14.68 23.26
N SER G 176 -16.15 -16.01 23.17
CA SER G 176 -17.26 -16.81 23.72
C SER G 176 -16.80 -18.19 24.21
N SER G 177 -16.78 -18.38 25.53
CA SER G 177 -16.29 -19.62 26.16
C SER G 177 -17.40 -20.58 26.60
N THR G 178 -17.10 -21.87 26.58
CA THR G 178 -18.06 -22.91 26.98
C THR G 178 -17.39 -24.03 27.79
N LEU G 179 -17.56 -23.98 29.11
CA LEU G 179 -17.21 -25.09 30.00
C LEU G 179 -18.37 -26.07 29.94
N THR G 180 -18.04 -27.35 29.78
CA THR G 180 -19.06 -28.38 29.60
C THR G 180 -18.94 -29.48 30.65
N LEU G 181 -20.09 -29.86 31.22
CA LEU G 181 -20.17 -30.92 32.23
C LEU G 181 -21.47 -31.74 32.10
N SER G 182 -21.63 -32.74 32.98
CA SER G 182 -22.87 -33.52 33.07
C SER G 182 -23.77 -33.00 34.20
N LYS G 183 -25.08 -33.22 34.08
CA LYS G 183 -26.06 -32.76 35.08
C LYS G 183 -25.85 -33.39 36.46
N ALA G 184 -24.90 -34.33 36.55
CA ALA G 184 -24.49 -34.94 37.81
C ALA G 184 -23.24 -34.25 38.39
N ASP G 185 -22.24 -34.03 37.53
CA ASP G 185 -20.97 -33.38 37.91
C ASP G 185 -21.20 -31.91 38.30
N TYR G 186 -22.12 -31.27 37.59
CA TYR G 186 -22.46 -29.86 37.81
C TYR G 186 -23.06 -29.59 39.20
N GLU G 187 -23.75 -30.59 39.76
CA GLU G 187 -24.54 -30.39 40.97
C GLU G 187 -23.76 -30.19 42.28
N LYS G 188 -22.65 -30.92 42.45
CA LYS G 188 -21.82 -30.90 43.67
C LYS G 188 -21.25 -29.52 44.04
N HIS G 189 -20.78 -28.79 43.02
CA HIS G 189 -20.13 -27.50 43.22
C HIS G 189 -21.14 -26.35 43.30
N LYS G 190 -20.65 -25.13 43.50
CA LYS G 190 -21.51 -23.94 43.57
C LYS G 190 -20.94 -22.79 42.74
N VAL G 191 -19.72 -22.38 43.10
CA VAL G 191 -19.07 -21.18 42.55
C VAL G 191 -18.47 -21.39 41.14
N TYR G 192 -19.19 -20.88 40.13
CA TYR G 192 -18.78 -20.95 38.73
C TYR G 192 -18.41 -19.56 38.19
N ALA G 193 -17.22 -19.44 37.60
CA ALA G 193 -16.71 -18.14 37.14
C ALA G 193 -15.77 -18.18 35.93
N CYS G 194 -15.70 -17.07 35.19
CA CYS G 194 -14.66 -16.85 34.19
C CYS G 194 -13.82 -15.61 34.55
N GLU G 195 -12.53 -15.83 34.80
CA GLU G 195 -11.56 -14.75 34.97
C GLU G 195 -11.00 -14.32 33.60
N VAL G 196 -11.29 -13.06 33.24
CA VAL G 196 -10.91 -12.53 31.93
C VAL G 196 -9.68 -11.63 32.02
N THR G 197 -8.61 -12.10 31.38
CA THR G 197 -7.36 -11.36 31.27
C THR G 197 -7.20 -10.78 29.87
N HIS G 198 -7.46 -9.48 29.75
CA HIS G 198 -7.38 -8.77 28.49
C HIS G 198 -6.42 -7.57 28.57
N GLN G 199 -5.84 -7.17 27.45
CA GLN G 199 -4.92 -6.03 27.40
C GLN G 199 -5.57 -4.69 27.78
N GLY G 200 -6.88 -4.59 27.56
CA GLY G 200 -7.63 -3.36 27.85
C GLY G 200 -8.10 -3.18 29.28
N LEU G 201 -7.92 -4.21 30.12
CA LEU G 201 -8.31 -4.12 31.53
C LEU G 201 -7.15 -3.63 32.40
N SER G 202 -7.46 -3.34 33.66
CA SER G 202 -6.46 -2.96 34.65
C SER G 202 -6.05 -4.16 35.52
N SER G 203 -7.00 -5.07 35.73
CA SER G 203 -6.76 -6.33 36.43
C SER G 203 -7.88 -7.30 36.09
N PRO G 204 -7.57 -8.62 36.04
CA PRO G 204 -8.55 -9.67 35.73
C PRO G 204 -9.96 -9.39 36.27
N VAL G 205 -10.94 -9.31 35.36
CA VAL G 205 -12.35 -9.09 35.73
C VAL G 205 -13.11 -10.40 35.70
N THR G 206 -13.86 -10.68 36.76
CA THR G 206 -14.56 -11.94 36.89
C THR G 206 -16.06 -11.75 37.09
N LYS G 207 -16.84 -12.47 36.29
CA LYS G 207 -18.28 -12.56 36.48
C LYS G 207 -18.59 -14.00 36.88
N SER G 208 -19.55 -14.16 37.80
CA SER G 208 -19.87 -15.48 38.36
C SER G 208 -21.32 -15.63 38.80
N PHE G 209 -21.73 -16.88 38.99
CA PHE G 209 -23.05 -17.18 39.53
C PHE G 209 -22.98 -18.43 40.42
N ASN G 210 -23.36 -18.28 41.68
CA ASN G 210 -23.50 -19.46 42.54
C ASN G 210 -24.74 -20.25 42.13
N ARG G 211 -24.87 -21.47 42.67
CA ARG G 211 -25.91 -22.38 42.21
C ARG G 211 -27.34 -22.00 42.66
N GLY G 212 -27.46 -21.05 43.60
CA GLY G 212 -28.77 -20.65 44.12
C GLY G 212 -29.01 -19.17 44.47
N GLU G 213 -28.91 -18.29 43.46
CA GLU G 213 -29.24 -16.85 43.62
C GLU G 213 -29.86 -16.23 42.35
N CYS G 214 -30.52 -15.07 42.51
CA CYS G 214 -31.19 -14.35 41.41
C CYS G 214 -30.74 -12.90 41.28
N GLN H 1 8.03 -40.25 -42.15
CA GLN H 1 8.87 -40.72 -41.00
C GLN H 1 10.28 -41.10 -41.47
N VAL H 2 11.29 -40.69 -40.72
CA VAL H 2 12.68 -41.08 -41.01
C VAL H 2 13.25 -41.64 -39.73
N GLN H 3 13.56 -42.94 -39.70
CA GLN H 3 14.07 -43.55 -38.46
C GLN H 3 15.29 -44.45 -38.63
N LEU H 4 16.03 -44.66 -37.53
CA LEU H 4 17.31 -45.36 -37.56
C LEU H 4 17.56 -46.21 -36.32
N GLN H 5 18.04 -47.45 -36.53
CA GLN H 5 18.40 -48.36 -35.41
C GLN H 5 19.77 -49.02 -35.51
N GLU H 6 20.52 -48.94 -34.41
CA GLU H 6 21.94 -49.29 -34.36
C GLU H 6 22.26 -50.73 -33.98
N SER H 7 23.23 -51.32 -34.67
CA SER H 7 23.47 -52.75 -34.60
C SER H 7 24.87 -53.13 -34.07
N GLY H 8 24.87 -53.93 -33.01
CA GLY H 8 26.08 -54.62 -32.50
C GLY H 8 26.81 -54.03 -31.30
N PRO H 9 26.06 -53.63 -30.25
CA PRO H 9 26.57 -52.93 -29.05
C PRO H 9 27.79 -53.57 -28.37
N GLY H 10 27.66 -53.79 -27.07
CA GLY H 10 28.63 -54.55 -26.31
C GLY H 10 30.05 -54.02 -26.32
N LEU H 11 30.99 -54.94 -26.50
CA LEU H 11 32.37 -54.77 -26.09
C LEU H 11 33.36 -55.15 -27.20
N VAL H 12 34.56 -54.58 -27.11
CA VAL H 12 35.63 -54.87 -28.06
C VAL H 12 36.98 -54.82 -27.36
N LYS H 13 37.87 -55.75 -27.74
CA LYS H 13 39.18 -55.90 -27.11
C LYS H 13 40.19 -54.84 -27.57
N PRO H 14 41.04 -54.35 -26.64
CA PRO H 14 41.98 -53.21 -26.76
C PRO H 14 43.03 -53.30 -27.87
N SER H 15 42.66 -53.89 -29.00
CA SER H 15 43.56 -54.06 -30.13
C SER H 15 42.76 -54.15 -31.41
N GLU H 16 41.52 -54.61 -31.28
CA GLU H 16 40.71 -55.09 -32.39
C GLU H 16 40.08 -53.95 -33.23
N THR H 17 38.80 -54.10 -33.56
CA THR H 17 38.06 -53.13 -34.36
C THR H 17 36.58 -53.04 -33.90
N LEU H 18 36.05 -51.82 -33.77
CA LEU H 18 34.58 -51.66 -33.58
C LEU H 18 33.94 -51.79 -34.94
N SER H 19 32.77 -52.41 -34.99
CA SER H 19 32.08 -52.53 -36.25
C SER H 19 30.58 -52.38 -36.12
N LEU H 20 30.16 -51.17 -35.76
CA LEU H 20 28.74 -50.87 -35.65
C LEU H 20 28.11 -50.66 -37.03
N THR H 21 26.81 -50.90 -37.13
CA THR H 21 26.03 -50.58 -38.32
C THR H 21 24.67 -49.97 -37.96
N CYS H 22 24.05 -49.31 -38.94
CA CYS H 22 22.86 -48.51 -38.71
C CYS H 22 21.84 -48.83 -39.80
N THR H 23 20.67 -49.35 -39.41
CA THR H 23 19.57 -49.61 -40.38
C THR H 23 18.68 -48.39 -40.56
N VAL H 24 18.30 -48.14 -41.81
CA VAL H 24 17.63 -46.91 -42.20
C VAL H 24 16.29 -47.25 -42.80
N SER H 25 15.23 -46.58 -42.39
CA SER H 25 13.96 -46.71 -43.08
C SER H 25 13.10 -45.47 -42.93
N GLY H 26 12.23 -45.26 -43.90
CA GLY H 26 11.40 -44.07 -43.96
C GLY H 26 11.97 -43.05 -44.96
N ALA H 27 13.21 -43.30 -45.38
CA ALA H 27 13.86 -42.53 -46.44
C ALA H 27 14.93 -43.41 -47.06
N SER H 28 15.27 -43.14 -48.32
CA SER H 28 16.22 -43.97 -49.07
C SER H 28 17.66 -43.53 -48.87
N ILE H 29 18.50 -44.47 -48.45
CA ILE H 29 19.92 -44.20 -48.22
C ILE H 29 20.58 -43.37 -49.35
N SER H 30 20.28 -43.67 -50.60
CA SER H 30 20.88 -42.95 -51.71
C SER H 30 20.68 -41.42 -51.62
N SER H 31 19.51 -41.01 -51.09
CA SER H 31 19.08 -39.60 -51.12
C SER H 31 19.84 -38.61 -50.22
N TYR H 32 20.63 -39.12 -49.26
CA TYR H 32 21.26 -38.27 -48.23
C TYR H 32 22.76 -38.52 -48.03
N TYR H 33 23.35 -37.77 -47.11
CA TYR H 33 24.69 -38.03 -46.65
C TYR H 33 24.55 -38.50 -45.21
N TRP H 34 25.38 -39.46 -44.81
CA TRP H 34 25.29 -40.02 -43.46
C TRP H 34 26.57 -39.96 -42.67
N SER H 35 26.46 -40.02 -41.34
CA SER H 35 27.59 -39.73 -40.45
C SER H 35 27.64 -40.50 -39.11
N TRP H 36 28.84 -40.59 -38.54
CA TRP H 36 28.98 -41.08 -37.18
C TRP H 36 29.59 -39.99 -36.32
N ILE H 37 28.92 -39.74 -35.20
CA ILE H 37 29.40 -38.83 -34.17
C ILE H 37 29.58 -39.71 -32.95
N ARG H 38 30.50 -39.31 -32.09
CA ARG H 38 30.96 -40.16 -31.03
C ARG H 38 31.23 -39.34 -29.77
N GLN H 39 30.86 -39.90 -28.63
CA GLN H 39 30.94 -39.21 -27.36
C GLN H 39 31.46 -40.14 -26.23
N PRO H 40 32.67 -39.84 -25.71
CA PRO H 40 33.27 -40.54 -24.58
C PRO H 40 32.78 -39.91 -23.27
N PRO H 41 32.31 -40.76 -22.31
CA PRO H 41 31.47 -40.36 -21.16
C PRO H 41 31.78 -38.96 -20.63
N GLY H 42 30.81 -38.04 -20.75
CA GLY H 42 30.99 -36.62 -20.40
C GLY H 42 32.32 -36.03 -20.82
N LYS H 43 32.51 -35.82 -22.13
CA LYS H 43 33.76 -35.26 -22.66
C LYS H 43 33.53 -34.53 -24.00
N GLY H 44 32.30 -34.64 -24.50
CA GLY H 44 31.89 -33.91 -25.69
C GLY H 44 31.77 -34.70 -26.98
N LEU H 45 31.06 -34.14 -27.93
CA LEU H 45 30.86 -34.84 -29.17
C LEU H 45 32.06 -34.64 -30.08
N GLU H 46 32.48 -35.75 -30.72
CA GLU H 46 33.50 -35.75 -31.78
C GLU H 46 32.85 -36.25 -33.08
N TRP H 47 33.03 -35.50 -34.17
CA TRP H 47 32.49 -35.91 -35.46
C TRP H 47 33.49 -36.81 -36.18
N ILE H 48 33.02 -37.98 -36.63
CA ILE H 48 33.89 -38.97 -37.29
C ILE H 48 33.98 -38.82 -38.82
N GLY H 49 32.84 -38.87 -39.50
CA GLY H 49 32.84 -38.59 -40.94
C GLY H 49 31.52 -38.81 -41.63
N TYR H 50 31.48 -38.55 -42.93
CA TYR H 50 30.26 -38.79 -43.72
C TYR H 50 30.46 -39.80 -44.82
N ILE H 51 29.33 -40.20 -45.39
CA ILE H 51 29.32 -41.12 -46.52
C ILE H 51 28.13 -40.77 -47.42
N GLY H 52 28.44 -40.45 -48.67
CA GLY H 52 27.42 -40.05 -49.62
C GLY H 52 26.63 -41.27 -50.03
N GLY H 53 25.40 -41.08 -50.47
CA GLY H 53 24.69 -42.14 -51.16
C GLY H 53 25.55 -42.66 -52.30
N GLU H 54 26.31 -41.75 -52.91
CA GLU H 54 27.18 -42.06 -54.05
C GLU H 54 28.33 -43.01 -53.66
N GLY H 55 28.64 -43.10 -52.37
CA GLY H 55 29.78 -43.87 -51.90
C GLY H 55 30.95 -42.97 -51.50
N SER H 56 30.77 -41.67 -51.72
CA SER H 56 31.77 -40.64 -51.41
C SER H 56 32.02 -40.50 -49.89
N THR H 57 33.25 -40.23 -49.46
CA THR H 57 33.54 -40.15 -48.01
C THR H 57 34.61 -39.14 -47.58
N ASN H 58 34.53 -38.69 -46.32
CA ASN H 58 35.54 -37.84 -45.67
C ASN H 58 35.58 -38.16 -44.19
N TYR H 59 36.77 -38.29 -43.61
CA TYR H 59 36.90 -38.67 -42.21
C TYR H 59 37.66 -37.61 -41.48
N ASN H 60 37.28 -37.38 -40.23
CA ASN H 60 38.06 -36.52 -39.36
C ASN H 60 39.51 -36.97 -39.47
N PRO H 61 40.44 -36.03 -39.68
CA PRO H 61 41.87 -36.18 -39.46
C PRO H 61 42.24 -36.96 -38.20
N SER H 62 41.37 -36.95 -37.20
CA SER H 62 41.65 -37.56 -35.90
C SER H 62 41.83 -39.07 -35.98
N LEU H 63 41.13 -39.69 -36.91
CA LEU H 63 41.10 -41.12 -36.98
C LEU H 63 41.50 -41.59 -38.38
N LYS H 64 40.93 -40.96 -39.41
CA LYS H 64 41.26 -41.16 -40.84
C LYS H 64 42.04 -42.45 -41.15
N SER H 65 43.28 -42.49 -40.66
CA SER H 65 44.12 -43.65 -40.79
C SER H 65 43.58 -44.85 -40.00
N ARG H 66 42.41 -44.70 -39.38
CA ARG H 66 41.83 -45.77 -38.56
C ARG H 66 40.35 -45.99 -38.80
N VAL H 67 39.76 -45.18 -39.68
CA VAL H 67 38.30 -45.22 -39.87
C VAL H 67 37.89 -45.80 -41.22
N THR H 68 36.64 -46.25 -41.31
CA THR H 68 36.06 -46.67 -42.58
C THR H 68 34.54 -46.69 -42.47
N ILE H 69 33.89 -46.05 -43.44
CA ILE H 69 32.44 -46.08 -43.54
C ILE H 69 32.05 -46.83 -44.81
N SER H 70 31.18 -47.82 -44.67
CA SER H 70 30.77 -48.65 -45.79
C SER H 70 29.34 -48.30 -46.11
N VAL H 71 29.02 -48.26 -47.39
CA VAL H 71 27.62 -48.16 -47.80
C VAL H 71 27.07 -49.49 -48.33
N ASP H 72 25.78 -49.74 -48.12
CA ASP H 72 25.09 -50.86 -48.73
C ASP H 72 23.71 -50.36 -49.18
N THR H 73 23.59 -50.13 -50.49
CA THR H 73 22.40 -49.51 -51.08
C THR H 73 21.17 -50.41 -50.95
N SER H 74 21.34 -51.66 -51.35
CA SER H 74 20.29 -52.68 -51.27
C SER H 74 19.70 -52.82 -49.85
N LYS H 75 20.60 -52.90 -48.87
CA LYS H 75 20.24 -53.17 -47.46
C LYS H 75 19.67 -51.99 -46.63
N ASN H 76 19.54 -50.81 -47.24
CA ASN H 76 19.26 -49.56 -46.50
C ASN H 76 20.15 -49.45 -45.26
N GLN H 77 21.46 -49.59 -45.47
CA GLN H 77 22.42 -49.69 -44.38
C GLN H 77 23.77 -49.04 -44.67
N PHE H 78 24.28 -48.31 -43.69
CA PHE H 78 25.64 -47.76 -43.74
C PHE H 78 26.34 -48.18 -42.46
N SER H 79 27.67 -48.15 -42.44
CA SER H 79 28.37 -48.80 -41.34
C SER H 79 29.74 -48.24 -40.99
N LEU H 80 30.04 -48.17 -39.71
CA LEU H 80 31.36 -47.69 -39.25
C LEU H 80 32.23 -48.82 -38.73
N LYS H 81 33.48 -48.89 -39.19
CA LYS H 81 34.46 -49.76 -38.56
C LYS H 81 35.72 -49.01 -38.10
N LEU H 82 35.95 -49.01 -36.80
CA LEU H 82 37.10 -48.34 -36.22
C LEU H 82 38.13 -49.38 -35.76
N ARG H 83 39.31 -49.35 -36.40
CA ARG H 83 40.40 -50.29 -36.12
C ARG H 83 41.45 -49.71 -35.15
N SER H 84 42.29 -50.59 -34.57
CA SER H 84 43.33 -50.21 -33.59
C SER H 84 42.75 -49.58 -32.32
N VAL H 85 41.84 -50.29 -31.66
CA VAL H 85 41.04 -49.76 -30.54
C VAL H 85 41.79 -49.61 -29.23
N THR H 86 41.46 -48.56 -28.48
CA THR H 86 42.06 -48.36 -27.15
C THR H 86 41.04 -47.81 -26.15
N ALA H 87 41.49 -47.73 -24.89
CA ALA H 87 40.74 -47.12 -23.78
C ALA H 87 39.93 -45.92 -24.25
N ALA H 88 40.66 -44.90 -24.73
CA ALA H 88 40.06 -43.69 -25.28
C ALA H 88 38.81 -44.00 -26.09
N ASP H 89 38.98 -44.82 -27.12
CA ASP H 89 37.94 -45.10 -28.13
C ASP H 89 36.61 -45.62 -27.57
N THR H 90 36.58 -45.92 -26.27
CA THR H 90 35.32 -46.27 -25.61
C THR H 90 34.45 -45.03 -25.55
N ALA H 91 33.21 -45.14 -25.99
CA ALA H 91 32.32 -43.98 -26.07
C ALA H 91 30.94 -44.38 -26.54
N VAL H 92 29.98 -43.47 -26.48
CA VAL H 92 28.68 -43.73 -27.07
C VAL H 92 28.77 -43.35 -28.55
N TYR H 93 28.25 -44.21 -29.41
CA TYR H 93 28.47 -44.07 -30.84
C TYR H 93 27.13 -43.90 -31.53
N TYR H 94 26.93 -42.72 -32.10
CA TYR H 94 25.66 -42.37 -32.74
C TYR H 94 25.83 -42.35 -34.26
N CYS H 95 24.89 -42.98 -34.95
CA CYS H 95 24.83 -42.83 -36.40
C CYS H 95 23.84 -41.72 -36.69
N ALA H 96 24.19 -40.84 -37.61
CA ALA H 96 23.38 -39.65 -37.90
C ALA H 96 23.21 -39.32 -39.39
N ARG H 97 22.14 -38.62 -39.72
CA ARG H 97 21.92 -38.20 -41.08
C ARG H 97 22.27 -36.73 -41.24
N GLU H 98 23.06 -36.40 -42.27
CA GLU H 98 23.39 -35.00 -42.57
C GLU H 98 22.30 -34.40 -43.48
N ARG H 99 21.54 -33.44 -42.98
CA ARG H 99 20.44 -33.01 -43.81
C ARG H 99 20.58 -31.61 -44.33
N LEU H 100 20.82 -30.65 -43.44
CA LEU H 100 21.03 -29.29 -43.88
C LEU H 100 22.17 -28.81 -43.03
N GLY H 101 23.20 -29.65 -42.94
CA GLY H 101 24.39 -29.33 -42.19
C GLY H 101 24.48 -30.16 -40.93
N ILE H 102 24.85 -31.42 -41.10
CA ILE H 102 25.23 -32.34 -40.00
C ILE H 102 24.04 -32.91 -39.16
N GLY H 103 24.32 -33.48 -37.99
CA GLY H 103 23.27 -34.14 -37.23
C GLY H 103 21.89 -33.56 -37.42
N ASP H 104 21.16 -34.07 -38.41
CA ASP H 104 19.75 -33.77 -38.55
C ASP H 104 19.07 -34.74 -37.59
N TYR H 105 18.80 -35.95 -38.05
CA TYR H 105 18.35 -37.02 -37.15
C TYR H 105 19.51 -37.83 -36.66
N TRP H 106 19.55 -37.98 -35.35
CA TRP H 106 20.49 -38.85 -34.69
C TRP H 106 19.76 -40.16 -34.42
N GLY H 107 20.46 -41.16 -33.89
CA GLY H 107 19.85 -42.45 -33.61
C GLY H 107 20.07 -42.82 -32.16
N GLN H 108 19.25 -43.75 -31.66
CA GLN H 108 19.24 -44.14 -30.23
C GLN H 108 20.58 -44.03 -29.51
N GLY H 109 21.67 -44.41 -30.19
CA GLY H 109 23.00 -44.33 -29.61
C GLY H 109 23.40 -45.68 -29.03
N THR H 110 24.71 -45.97 -29.06
CA THR H 110 25.25 -47.23 -28.54
C THR H 110 26.54 -47.00 -27.74
N LEU H 111 26.58 -47.56 -26.53
CA LEU H 111 27.83 -47.61 -25.79
C LEU H 111 28.66 -48.75 -26.37
N VAL H 112 29.94 -48.50 -26.58
CA VAL H 112 30.87 -49.54 -27.00
C VAL H 112 32.06 -49.50 -26.05
N THR H 113 32.24 -50.57 -25.28
CA THR H 113 33.28 -50.61 -24.26
C THR H 113 34.55 -51.36 -24.72
N VAL H 114 35.71 -50.86 -24.28
CA VAL H 114 36.99 -51.41 -24.72
C VAL H 114 37.89 -51.77 -23.53
N SER H 115 37.70 -52.99 -23.02
CA SER H 115 38.54 -53.53 -21.94
C SER H 115 38.94 -54.98 -22.19
N SER H 116 40.08 -55.33 -21.61
CA SER H 116 40.63 -56.67 -21.72
C SER H 116 39.71 -57.69 -21.04
N ALA H 117 38.83 -57.22 -20.16
CA ALA H 117 37.89 -58.07 -19.43
C ALA H 117 36.90 -58.80 -20.34
N SER H 118 36.11 -59.68 -19.75
CA SER H 118 35.05 -60.39 -20.46
C SER H 118 33.67 -59.96 -19.98
N THR H 119 32.64 -60.35 -20.74
CA THR H 119 31.26 -60.09 -20.37
C THR H 119 30.91 -60.73 -19.02
N LYS H 120 29.75 -60.38 -18.51
CA LYS H 120 29.25 -60.90 -17.23
C LYS H 120 27.78 -60.50 -17.09
N GLY H 121 26.88 -61.47 -17.23
CA GLY H 121 25.46 -61.22 -17.04
C GLY H 121 25.12 -60.77 -15.63
N PRO H 122 24.04 -59.97 -15.49
CA PRO H 122 23.63 -59.45 -14.18
C PRO H 122 22.71 -60.37 -13.38
N SER H 123 22.87 -60.31 -12.06
CA SER H 123 21.92 -60.90 -11.13
C SER H 123 20.98 -59.81 -10.63
N VAL H 124 19.70 -60.17 -10.52
CA VAL H 124 18.67 -59.25 -10.03
C VAL H 124 17.97 -59.79 -8.77
N PHE H 125 17.83 -58.94 -7.74
CA PHE H 125 17.13 -59.32 -6.50
C PHE H 125 15.96 -58.39 -6.20
N PRO H 126 14.77 -58.96 -5.95
CA PRO H 126 13.60 -58.16 -5.57
C PRO H 126 13.84 -57.30 -4.33
N LEU H 127 13.60 -55.99 -4.48
CA LEU H 127 13.57 -55.05 -3.35
C LEU H 127 12.17 -55.01 -2.75
N ALA H 128 11.95 -55.88 -1.77
CA ALA H 128 10.67 -56.04 -1.10
C ALA H 128 10.05 -54.69 -0.74
N PRO H 129 8.79 -54.46 -1.16
CA PRO H 129 7.96 -53.26 -0.97
C PRO H 129 8.05 -52.55 0.40
N SER H 130 7.24 -51.52 0.57
CA SER H 130 7.25 -50.65 1.76
C SER H 130 7.49 -51.40 3.09
N SER H 131 6.86 -52.58 3.24
CA SER H 131 7.03 -53.47 4.42
C SER H 131 6.80 -52.79 5.78
N LYS H 132 7.83 -52.09 6.27
CA LYS H 132 7.80 -51.32 7.53
C LYS H 132 6.72 -50.20 7.57
N SER H 133 6.74 -49.30 6.58
CA SER H 133 5.90 -48.08 6.59
C SER H 133 4.76 -48.11 5.55
N THR H 134 3.97 -49.20 5.56
CA THR H 134 2.97 -49.47 4.51
C THR H 134 1.55 -48.94 4.82
N SER H 135 1.45 -48.01 5.77
CA SER H 135 0.15 -47.46 6.17
C SER H 135 -0.11 -46.06 5.60
N GLY H 136 0.93 -45.24 5.52
CA GLY H 136 0.82 -43.86 5.05
C GLY H 136 0.59 -43.70 3.56
N GLY H 137 -0.52 -44.27 3.07
CA GLY H 137 -1.03 -44.04 1.70
C GLY H 137 -0.13 -44.37 0.53
N THR H 138 1.03 -43.72 0.49
CA THR H 138 2.06 -43.92 -0.55
C THR H 138 2.93 -45.16 -0.22
N ALA H 139 3.63 -45.70 -1.23
CA ALA H 139 4.38 -46.96 -1.06
C ALA H 139 5.86 -46.91 -1.48
N ALA H 140 6.26 -47.74 -2.44
CA ALA H 140 7.63 -47.85 -2.99
C ALA H 140 8.09 -49.32 -3.16
N LEU H 141 8.33 -49.73 -4.42
CA LEU H 141 8.87 -51.08 -4.76
C LEU H 141 10.28 -51.00 -5.39
N GLY H 142 10.81 -52.10 -5.91
CA GLY H 142 12.11 -52.05 -6.61
C GLY H 142 12.73 -53.32 -7.15
N CYS H 143 13.80 -53.16 -7.93
CA CYS H 143 14.66 -54.26 -8.40
C CYS H 143 16.11 -53.81 -8.28
N LEU H 144 16.95 -54.67 -7.73
CA LEU H 144 18.38 -54.39 -7.66
C LEU H 144 19.14 -55.25 -8.65
N VAL H 145 19.70 -54.61 -9.65
CA VAL H 145 20.47 -55.30 -10.67
C VAL H 145 21.94 -55.19 -10.32
N LYS H 146 22.44 -56.24 -9.65
CA LYS H 146 23.79 -56.22 -9.12
C LYS H 146 24.75 -57.07 -9.95
N ASP H 147 26.02 -56.64 -9.93
CA ASP H 147 27.15 -57.36 -10.51
C ASP H 147 26.98 -57.72 -12.00
N TYR H 148 27.52 -56.85 -12.86
CA TYR H 148 27.53 -57.07 -14.32
C TYR H 148 28.59 -56.23 -15.03
N PHE H 149 28.89 -56.65 -16.26
CA PHE H 149 29.84 -55.98 -17.18
C PHE H 149 29.51 -56.43 -18.60
N PRO H 150 29.57 -55.49 -19.59
CA PRO H 150 29.71 -54.04 -19.48
C PRO H 150 28.35 -53.32 -19.51
N GLU H 151 28.37 -51.99 -19.46
CA GLU H 151 27.16 -51.22 -19.68
C GLU H 151 26.84 -51.17 -21.16
N PRO H 152 25.56 -50.96 -21.51
CA PRO H 152 24.42 -50.65 -20.64
C PRO H 152 23.50 -51.82 -20.32
N VAL H 153 22.83 -51.72 -19.18
CA VAL H 153 21.67 -52.57 -18.89
C VAL H 153 20.44 -51.67 -18.86
N THR H 154 19.27 -52.25 -19.10
CA THR H 154 18.03 -51.49 -19.14
C THR H 154 16.90 -52.27 -18.49
N VAL H 155 16.06 -51.56 -17.74
CA VAL H 155 14.94 -52.16 -17.04
C VAL H 155 13.63 -51.45 -17.38
N SER H 156 12.58 -52.23 -17.61
CA SER H 156 11.21 -51.71 -17.70
C SER H 156 10.37 -52.42 -16.66
N TRP H 157 9.10 -52.03 -16.55
CA TRP H 157 8.23 -52.56 -15.51
C TRP H 157 7.03 -53.29 -16.06
N ASN H 158 6.83 -54.52 -15.56
CA ASN H 158 5.85 -55.50 -16.09
C ASN H 158 5.35 -55.22 -17.49
N SER H 159 5.98 -55.88 -18.47
CA SER H 159 5.56 -55.78 -19.86
C SER H 159 5.61 -54.31 -20.32
N GLY H 160 6.53 -53.54 -19.73
CA GLY H 160 6.73 -52.11 -20.06
C GLY H 160 5.48 -51.24 -20.06
N ALA H 161 4.52 -51.57 -19.21
CA ALA H 161 3.25 -50.86 -19.16
C ALA H 161 3.23 -49.82 -18.04
N LEU H 162 3.97 -50.08 -16.97
CA LEU H 162 4.08 -49.13 -15.85
C LEU H 162 5.04 -48.02 -16.25
N THR H 163 4.54 -46.78 -16.24
CA THR H 163 5.24 -45.68 -16.85
C THR H 163 5.55 -44.54 -15.89
N SER H 164 4.52 -43.86 -15.41
CA SER H 164 4.74 -42.69 -14.55
C SER H 164 5.17 -43.15 -13.16
N GLY H 165 5.98 -42.31 -12.50
CA GLY H 165 6.51 -42.62 -11.18
C GLY H 165 7.33 -43.89 -11.14
N VAL H 166 8.48 -43.85 -11.81
CA VAL H 166 9.48 -44.94 -11.78
C VAL H 166 10.85 -44.36 -12.08
N HIS H 167 11.79 -44.56 -11.17
CA HIS H 167 13.14 -44.10 -11.40
C HIS H 167 14.09 -45.28 -11.51
N THR H 168 14.81 -45.34 -12.63
CA THR H 168 15.91 -46.27 -12.83
C THR H 168 17.19 -45.49 -12.72
N PHE H 169 17.95 -45.74 -11.67
CA PHE H 169 19.13 -44.94 -11.36
C PHE H 169 20.31 -45.20 -12.28
N PRO H 170 21.25 -44.23 -12.34
CA PRO H 170 22.58 -44.47 -12.88
C PRO H 170 23.22 -45.59 -12.11
N ALA H 171 24.08 -46.35 -12.78
CA ALA H 171 24.70 -47.50 -12.15
C ALA H 171 26.08 -47.17 -11.61
N VAL H 172 26.55 -47.97 -10.66
CA VAL H 172 27.81 -47.71 -9.96
C VAL H 172 28.81 -48.84 -10.20
N LEU H 173 30.08 -48.47 -10.35
CA LEU H 173 31.16 -49.44 -10.53
C LEU H 173 31.71 -49.83 -9.16
N GLN H 174 31.83 -51.13 -8.94
CA GLN H 174 32.28 -51.68 -7.67
C GLN H 174 33.76 -52.07 -7.73
N SER H 175 34.46 -51.98 -6.59
CA SER H 175 35.84 -52.50 -6.48
C SER H 175 35.99 -53.77 -7.33
N SER H 176 35.05 -54.69 -7.15
CA SER H 176 34.95 -55.93 -7.91
C SER H 176 34.65 -55.72 -9.39
N GLY H 177 35.29 -54.72 -10.00
CA GLY H 177 35.12 -54.36 -11.41
C GLY H 177 33.73 -54.37 -12.06
N LEU H 178 32.68 -54.64 -11.29
CA LEU H 178 31.34 -54.78 -11.88
C LEU H 178 30.37 -53.65 -11.54
N TYR H 179 29.30 -53.53 -12.33
CA TYR H 179 28.31 -52.47 -12.17
C TYR H 179 27.09 -52.96 -11.41
N SER H 180 26.46 -52.04 -10.69
CA SER H 180 25.23 -52.36 -9.97
C SER H 180 24.25 -51.21 -10.06
N LEU H 181 23.05 -51.55 -10.53
CA LEU H 181 22.00 -50.59 -10.82
C LEU H 181 20.78 -50.85 -9.95
N SER H 182 20.12 -49.76 -9.57
CA SER H 182 18.92 -49.81 -8.78
C SER H 182 17.71 -49.38 -9.62
N SER H 183 16.56 -50.01 -9.43
CA SER H 183 15.36 -49.57 -10.13
C SER H 183 14.12 -49.55 -9.25
N VAL H 184 13.95 -48.47 -8.50
CA VAL H 184 12.78 -48.27 -7.66
C VAL H 184 11.57 -47.85 -8.51
N VAL H 185 10.39 -47.74 -7.87
CA VAL H 185 9.14 -47.33 -8.53
C VAL H 185 8.08 -46.96 -7.49
N THR H 186 7.54 -45.75 -7.58
CA THR H 186 6.54 -45.24 -6.62
C THR H 186 5.08 -45.59 -6.99
N VAL H 187 4.36 -46.18 -6.04
CA VAL H 187 3.00 -46.66 -6.27
C VAL H 187 2.20 -46.52 -4.97
N PRO H 188 0.84 -46.44 -5.06
CA PRO H 188 0.05 -46.35 -3.83
C PRO H 188 -0.02 -47.66 -3.03
N SER H 189 -0.31 -47.51 -1.73
CA SER H 189 -0.37 -48.60 -0.75
C SER H 189 -1.45 -49.66 -1.04
N SER H 190 -2.50 -49.25 -1.77
CA SER H 190 -3.64 -50.11 -2.11
C SER H 190 -3.27 -51.32 -2.98
N SER H 191 -3.32 -51.14 -4.30
CA SER H 191 -3.17 -52.24 -5.28
C SER H 191 -1.92 -53.09 -5.06
N LEU H 192 -1.00 -52.58 -4.22
CA LEU H 192 0.17 -53.31 -3.73
C LEU H 192 -0.16 -54.75 -3.34
N GLY H 193 -1.40 -54.96 -2.90
CA GLY H 193 -1.96 -56.29 -2.71
C GLY H 193 -2.63 -56.76 -3.99
N THR H 194 -3.63 -56.01 -4.45
CA THR H 194 -4.49 -56.47 -5.55
C THR H 194 -3.87 -56.31 -6.95
N GLN H 195 -2.60 -56.70 -7.08
CA GLN H 195 -1.90 -56.67 -8.38
C GLN H 195 -0.46 -57.11 -8.29
N THR H 196 0.02 -57.75 -9.36
CA THR H 196 1.42 -58.08 -9.47
C THR H 196 2.19 -56.88 -10.03
N TYR H 197 3.48 -56.82 -9.71
CA TYR H 197 4.40 -55.83 -10.27
C TYR H 197 5.70 -56.55 -10.65
N ILE H 198 5.94 -56.64 -11.95
CA ILE H 198 7.10 -57.35 -12.50
C ILE H 198 8.06 -56.31 -13.09
N CYS H 199 9.35 -56.65 -13.22
CA CYS H 199 10.27 -55.73 -13.90
C CYS H 199 11.15 -56.42 -14.94
N ASN H 200 11.00 -56.01 -16.20
CA ASN H 200 11.73 -56.60 -17.32
C ASN H 200 13.11 -55.96 -17.46
N VAL H 201 14.14 -56.77 -17.25
CA VAL H 201 15.54 -56.33 -17.32
C VAL H 201 16.28 -57.11 -18.42
N ASN H 202 17.13 -56.43 -19.17
CA ASN H 202 17.99 -57.11 -20.14
C ASN H 202 19.40 -56.52 -20.27
N HIS H 203 20.35 -57.38 -20.60
CA HIS H 203 21.75 -57.00 -20.72
C HIS H 203 22.30 -57.64 -22.00
N LYS H 204 21.99 -57.03 -23.14
CA LYS H 204 22.36 -57.59 -24.44
C LYS H 204 23.88 -57.84 -24.66
N PRO H 205 24.77 -56.98 -24.12
CA PRO H 205 26.22 -57.19 -24.28
C PRO H 205 26.69 -58.60 -23.89
N SER H 206 26.09 -59.18 -22.86
CA SER H 206 26.31 -60.58 -22.50
C SER H 206 25.15 -61.47 -23.00
N ASN H 207 23.93 -61.05 -22.66
CA ASN H 207 22.69 -61.73 -23.07
C ASN H 207 21.91 -62.34 -21.91
N THR H 208 21.65 -61.53 -20.91
CA THR H 208 20.79 -61.93 -19.82
C THR H 208 19.42 -61.29 -20.04
N LYS H 209 18.37 -62.03 -19.73
CA LYS H 209 17.01 -61.52 -19.82
C LYS H 209 16.15 -62.14 -18.70
N VAL H 210 16.21 -61.52 -17.53
CA VAL H 210 15.45 -61.97 -16.35
C VAL H 210 14.21 -61.11 -16.12
N ASP H 211 13.12 -61.73 -15.67
CA ASP H 211 11.81 -61.06 -15.55
C ASP H 211 11.15 -61.27 -14.18
N LYS H 212 11.86 -60.88 -13.12
CA LYS H 212 11.41 -61.07 -11.73
C LYS H 212 10.22 -60.19 -11.30
N LYS H 213 9.50 -60.65 -10.27
CA LYS H 213 8.37 -59.92 -9.66
C LYS H 213 8.60 -59.67 -8.16
N VAL H 214 7.67 -58.96 -7.53
CA VAL H 214 7.80 -58.58 -6.11
C VAL H 214 6.52 -58.76 -5.27
N GLU H 215 6.68 -59.23 -4.04
CA GLU H 215 5.60 -59.32 -3.05
C GLU H 215 6.07 -58.74 -1.70
N PRO H 216 5.12 -58.34 -0.82
CA PRO H 216 5.51 -57.76 0.48
C PRO H 216 6.40 -58.69 1.32
N LYS H 217 6.96 -58.16 2.41
CA LYS H 217 7.92 -58.88 3.28
C LYS H 217 9.28 -59.05 2.61
N ASP I 1 41.61 -26.56 -36.68
CA ASP I 1 40.14 -26.65 -36.85
C ASP I 1 39.55 -25.44 -36.23
N ILE I 2 38.26 -25.26 -36.41
CA ILE I 2 37.59 -24.16 -35.76
C ILE I 2 37.26 -24.65 -34.35
N GLN I 3 37.53 -23.79 -33.37
CA GLN I 3 37.18 -24.08 -31.97
C GLN I 3 35.92 -23.31 -31.56
N LEU I 4 34.88 -24.07 -31.27
CA LEU I 4 33.62 -23.52 -30.84
C LEU I 4 33.56 -23.57 -29.35
N THR I 5 33.61 -22.38 -28.73
CA THR I 5 33.68 -22.33 -27.29
C THR I 5 32.47 -21.58 -26.62
N GLN I 6 31.68 -22.36 -25.88
CA GLN I 6 30.39 -21.94 -25.35
C GLN I 6 30.53 -21.25 -24.01
N SER I 7 29.59 -20.34 -23.73
CA SER I 7 29.56 -19.57 -22.50
C SER I 7 28.08 -19.34 -22.15
N PRO I 8 27.67 -19.54 -20.88
CA PRO I 8 28.40 -20.06 -19.74
C PRO I 8 28.77 -21.51 -19.95
N SER I 9 29.62 -22.02 -19.08
CA SER I 9 29.98 -23.42 -19.04
C SER I 9 28.76 -24.18 -18.56
N SER I 10 28.01 -23.56 -17.66
CA SER I 10 26.74 -24.11 -17.15
C SER I 10 25.88 -23.02 -16.54
N LEU I 11 24.58 -23.29 -16.39
CA LEU I 11 23.66 -22.29 -15.81
C LEU I 11 22.39 -22.86 -15.23
N SER I 12 21.84 -22.14 -14.26
CA SER I 12 20.62 -22.57 -13.57
C SER I 12 19.57 -21.47 -13.60
N ALA I 13 18.33 -21.83 -13.91
CA ALA I 13 17.26 -20.85 -14.18
C ALA I 13 15.90 -21.42 -13.86
N SER I 14 14.98 -20.56 -13.41
CA SER I 14 13.62 -21.01 -13.05
C SER I 14 12.69 -21.06 -14.24
N VAL I 15 11.70 -21.93 -14.18
CA VAL I 15 10.72 -22.01 -15.28
C VAL I 15 10.25 -20.60 -15.69
N GLY I 16 10.12 -20.37 -17.00
CA GLY I 16 9.54 -19.15 -17.47
C GLY I 16 10.50 -18.03 -17.81
N ASP I 17 11.65 -17.95 -17.12
CA ASP I 17 12.62 -16.90 -17.49
C ASP I 17 13.41 -17.22 -18.75
N ARG I 18 13.90 -16.18 -19.42
CA ARG I 18 14.54 -16.33 -20.73
C ARG I 18 15.98 -16.69 -20.56
N VAL I 19 16.44 -17.65 -21.37
CA VAL I 19 17.78 -18.24 -21.25
C VAL I 19 18.63 -18.01 -22.49
N THR I 20 19.83 -17.49 -22.26
CA THR I 20 20.72 -17.06 -23.33
C THR I 20 22.08 -17.73 -23.26
N ILE I 21 22.52 -18.26 -24.39
CA ILE I 21 23.74 -19.04 -24.46
C ILE I 21 24.60 -18.61 -25.66
N THR I 22 25.84 -18.24 -25.36
CA THR I 22 26.81 -17.82 -26.37
C THR I 22 27.61 -19.01 -26.92
N CYS I 23 27.99 -18.90 -28.20
CA CYS I 23 29.00 -19.76 -28.80
C CYS I 23 29.95 -18.92 -29.71
N ARG I 24 31.15 -18.62 -29.19
CA ARG I 24 32.17 -17.83 -29.90
C ARG I 24 33.15 -18.75 -30.60
N ALA I 25 33.41 -18.44 -31.87
CA ALA I 25 34.19 -19.28 -32.77
C ALA I 25 35.62 -18.81 -32.82
N SER I 26 36.55 -19.76 -32.94
CA SER I 26 37.96 -19.44 -33.05
C SER I 26 38.28 -18.55 -34.26
N GLN I 27 37.40 -18.59 -35.26
CA GLN I 27 37.46 -17.70 -36.43
C GLN I 27 36.12 -17.67 -37.17
N GLY I 28 35.92 -16.65 -38.02
CA GLY I 28 34.64 -16.41 -38.70
C GLY I 28 34.13 -17.71 -39.28
N ILE I 29 32.85 -17.99 -39.07
CA ILE I 29 32.22 -19.18 -39.66
C ILE I 29 30.92 -18.83 -40.35
N ARG I 30 30.70 -17.54 -40.55
CA ARG I 30 29.75 -17.04 -41.55
C ARG I 30 28.48 -17.89 -41.63
N ASN I 31 27.68 -17.92 -40.57
CA ASN I 31 26.32 -18.51 -40.62
C ASN I 31 26.15 -20.04 -40.75
N ASP I 32 27.25 -20.78 -40.86
CA ASP I 32 27.25 -22.25 -41.06
C ASP I 32 27.22 -23.06 -39.77
N LEU I 33 26.25 -22.77 -38.88
CA LEU I 33 26.28 -23.21 -37.45
C LEU I 33 24.99 -23.89 -37.04
N GLY I 34 25.04 -24.72 -36.00
CA GLY I 34 23.85 -25.46 -35.62
C GLY I 34 23.75 -25.52 -34.12
N TRP I 35 22.54 -25.69 -33.61
CA TRP I 35 22.35 -25.85 -32.15
C TRP I 35 21.67 -27.16 -31.81
N TYR I 36 22.23 -27.84 -30.82
CA TYR I 36 21.79 -29.20 -30.46
C TYR I 36 21.48 -29.32 -28.97
N GLN I 37 20.43 -30.08 -28.67
CA GLN I 37 19.95 -30.26 -27.31
C GLN I 37 19.94 -31.73 -26.93
N GLN I 38 20.67 -32.07 -25.88
CA GLN I 38 20.85 -33.45 -25.43
C GLN I 38 20.24 -33.68 -24.03
N LYS I 39 19.14 -34.42 -24.01
CA LYS I 39 18.52 -34.86 -22.75
C LYS I 39 19.14 -36.18 -22.24
N PRO I 40 19.24 -36.36 -20.90
CA PRO I 40 20.02 -37.35 -20.15
C PRO I 40 20.26 -38.68 -20.88
N GLY I 41 19.29 -39.59 -20.84
CA GLY I 41 19.47 -40.87 -21.51
C GLY I 41 18.84 -40.86 -22.88
N LYS I 42 19.34 -39.99 -23.76
CA LYS I 42 18.74 -39.84 -25.09
C LYS I 42 19.72 -39.33 -26.16
N ALA I 43 19.35 -39.49 -27.43
CA ALA I 43 20.17 -39.02 -28.55
C ALA I 43 19.74 -37.63 -29.00
N PRO I 44 20.71 -36.67 -28.99
CA PRO I 44 20.65 -35.25 -29.38
C PRO I 44 19.61 -34.90 -30.43
N LYS I 45 18.89 -33.82 -30.19
CA LYS I 45 18.01 -33.29 -31.20
C LYS I 45 18.62 -32.00 -31.69
N ARG I 46 18.41 -31.75 -32.98
CA ARG I 46 18.85 -30.54 -33.64
C ARG I 46 17.69 -29.56 -33.50
N LEU I 47 18.01 -28.34 -33.07
CA LEU I 47 17.01 -27.30 -32.90
C LEU I 47 17.18 -26.22 -33.94
N ILE I 48 18.42 -25.79 -34.18
CA ILE I 48 18.66 -24.69 -35.11
C ILE I 48 19.70 -25.07 -36.12
N TYR I 49 19.33 -25.05 -37.39
CA TYR I 49 20.30 -25.22 -38.42
C TYR I 49 20.55 -23.89 -39.10
N ALA I 50 21.67 -23.79 -39.82
CA ALA I 50 22.12 -22.54 -40.45
C ALA I 50 21.95 -21.33 -39.54
N ALA I 51 22.35 -21.52 -38.29
CA ALA I 51 22.52 -20.46 -37.28
C ALA I 51 21.25 -19.89 -36.68
N SER I 52 20.25 -19.65 -37.52
CA SER I 52 19.09 -18.87 -37.13
C SER I 52 17.78 -19.53 -37.52
N SER I 53 17.87 -20.41 -38.50
CA SER I 53 16.72 -21.10 -39.05
C SER I 53 16.31 -22.27 -38.15
N LEU I 54 14.99 -22.50 -38.00
CA LEU I 54 14.45 -23.38 -36.94
C LEU I 54 14.00 -24.74 -37.39
N GLN I 55 14.59 -25.78 -36.81
CA GLN I 55 14.28 -27.19 -37.13
C GLN I 55 12.80 -27.43 -36.97
N SER I 56 12.24 -28.31 -37.80
CA SER I 56 10.80 -28.54 -37.78
C SER I 56 10.42 -29.40 -36.60
N GLY I 57 9.25 -29.12 -36.03
CA GLY I 57 8.78 -29.85 -34.88
C GLY I 57 9.32 -29.36 -33.56
N VAL I 58 10.49 -28.73 -33.55
CA VAL I 58 10.98 -28.17 -32.28
C VAL I 58 10.25 -26.85 -31.98
N PRO I 59 9.70 -26.74 -30.76
CA PRO I 59 8.87 -25.60 -30.41
C PRO I 59 9.59 -24.28 -30.65
N SER I 60 8.81 -23.25 -30.93
CA SER I 60 9.28 -21.91 -31.28
C SER I 60 10.00 -21.11 -30.19
N ARG I 61 9.87 -21.53 -28.93
CA ARG I 61 10.55 -20.84 -27.83
C ARG I 61 12.07 -20.87 -28.05
N PHE I 62 12.57 -21.92 -28.70
CA PHE I 62 13.97 -22.02 -29.12
C PHE I 62 14.25 -21.20 -30.36
N SER I 63 15.35 -20.45 -30.32
CA SER I 63 15.77 -19.61 -31.44
C SER I 63 17.28 -19.33 -31.39
N GLY I 64 17.87 -19.10 -32.55
CA GLY I 64 19.29 -18.86 -32.65
C GLY I 64 19.59 -17.68 -33.54
N SER I 65 20.59 -16.89 -33.17
CA SER I 65 20.92 -15.67 -33.87
C SER I 65 22.42 -15.53 -33.92
N GLY I 66 22.89 -14.69 -34.84
CA GLY I 66 24.31 -14.40 -34.91
C GLY I 66 24.79 -14.70 -36.31
N SER I 67 26.02 -14.29 -36.60
CA SER I 67 26.66 -14.56 -37.88
C SER I 67 28.13 -14.36 -37.66
N GLY I 68 28.93 -15.05 -38.44
CA GLY I 68 30.38 -14.85 -38.41
C GLY I 68 31.10 -15.48 -37.25
N THR I 69 31.03 -14.85 -36.09
CA THR I 69 31.91 -15.21 -35.00
C THR I 69 31.22 -15.43 -33.65
N GLU I 70 30.10 -14.75 -33.43
CA GLU I 70 29.35 -14.95 -32.21
C GLU I 70 27.88 -15.29 -32.45
N PHE I 71 27.39 -16.25 -31.68
CA PHE I 71 26.08 -16.81 -31.93
C PHE I 71 25.34 -16.98 -30.63
N THR I 72 24.01 -17.07 -30.71
CA THR I 72 23.21 -17.21 -29.49
C THR I 72 22.00 -18.08 -29.64
N LEU I 73 21.89 -19.04 -28.73
CA LEU I 73 20.66 -19.82 -28.53
C LEU I 73 19.85 -19.20 -27.40
N THR I 74 18.57 -18.94 -27.65
CA THR I 74 17.77 -18.27 -26.66
C THR I 74 16.47 -18.97 -26.51
N ILE I 75 16.30 -19.58 -25.34
CA ILE I 75 15.07 -20.25 -24.94
C ILE I 75 14.24 -19.23 -24.19
N SER I 76 13.11 -18.81 -24.78
CA SER I 76 12.43 -17.58 -24.37
C SER I 76 11.64 -17.69 -23.07
N SER I 77 11.21 -18.91 -22.77
CA SER I 77 10.44 -19.21 -21.57
C SER I 77 10.75 -20.64 -21.23
N LEU I 78 11.70 -20.83 -20.32
CA LEU I 78 12.04 -22.17 -19.88
C LEU I 78 10.83 -23.05 -19.61
N GLN I 79 11.05 -24.35 -19.71
CA GLN I 79 10.05 -25.36 -19.44
C GLN I 79 10.78 -26.47 -18.71
N PRO I 80 10.09 -27.18 -17.79
CA PRO I 80 10.65 -28.31 -17.04
C PRO I 80 11.48 -29.30 -17.86
N GLU I 81 10.96 -29.75 -19.00
CA GLU I 81 11.67 -30.71 -19.83
C GLU I 81 12.87 -30.12 -20.57
N ASP I 82 12.92 -28.80 -20.65
CA ASP I 82 14.02 -28.10 -21.31
C ASP I 82 15.38 -28.28 -20.64
N PHE I 83 15.42 -29.08 -19.56
CA PHE I 83 16.66 -29.43 -18.88
C PHE I 83 17.45 -30.34 -19.77
N ALA I 84 18.64 -29.93 -20.13
CA ALA I 84 19.41 -30.71 -21.06
C ALA I 84 20.81 -30.17 -21.14
N THR I 85 21.56 -30.65 -22.12
CA THR I 85 22.85 -30.07 -22.39
C THR I 85 22.85 -29.59 -23.84
N TYR I 86 23.21 -28.33 -24.03
CA TYR I 86 23.03 -27.71 -25.32
C TYR I 86 24.36 -27.52 -26.04
N TYR I 87 24.41 -27.91 -27.31
CA TYR I 87 25.66 -27.98 -28.06
C TYR I 87 25.66 -27.12 -29.30
N CYS I 88 26.75 -26.39 -29.57
CA CYS I 88 26.88 -25.67 -30.85
C CYS I 88 27.87 -26.33 -31.80
N LEU I 89 27.41 -26.77 -32.95
CA LEU I 89 28.32 -27.32 -33.94
C LEU I 89 28.73 -26.27 -34.94
N GLN I 90 29.62 -26.63 -35.86
CA GLN I 90 29.99 -25.75 -36.96
C GLN I 90 30.54 -26.59 -38.09
N HIS I 91 30.06 -26.32 -39.30
CA HIS I 91 30.51 -27.04 -40.48
C HIS I 91 31.12 -26.10 -41.49
N ASN I 92 31.72 -25.03 -40.99
CA ASN I 92 32.30 -24.05 -41.89
C ASN I 92 33.57 -24.55 -42.53
N THR I 93 34.50 -25.05 -41.71
CA THR I 93 35.66 -25.76 -42.22
C THR I 93 35.71 -27.11 -41.60
N TYR I 94 35.47 -28.13 -42.41
CA TYR I 94 35.56 -29.53 -41.98
C TYR I 94 36.93 -29.80 -41.32
N PRO I 95 36.97 -30.70 -40.33
CA PRO I 95 35.84 -31.46 -39.82
C PRO I 95 34.98 -30.54 -38.97
N PRO I 96 33.67 -30.80 -38.93
CA PRO I 96 32.77 -30.14 -37.96
C PRO I 96 33.24 -30.32 -36.51
N THR I 97 33.29 -29.22 -35.77
CA THR I 97 33.67 -29.22 -34.36
C THR I 97 32.42 -28.92 -33.52
N PHE I 98 32.38 -29.37 -32.27
CA PHE I 98 31.33 -28.91 -31.36
C PHE I 98 31.90 -27.96 -30.32
N GLY I 99 31.02 -27.51 -29.45
CA GLY I 99 31.44 -26.75 -28.27
C GLY I 99 31.39 -27.72 -27.12
N GLN I 100 31.99 -27.34 -25.99
CA GLN I 100 32.01 -28.22 -24.82
C GLN I 100 30.61 -28.65 -24.43
N GLY I 101 29.66 -27.74 -24.66
CA GLY I 101 28.28 -27.88 -24.24
C GLY I 101 28.01 -27.08 -22.99
N THR I 102 26.85 -26.44 -22.94
CA THR I 102 26.39 -25.72 -21.75
C THR I 102 25.26 -26.49 -21.12
N LYS I 103 25.36 -26.63 -19.80
CA LYS I 103 24.39 -27.43 -19.06
C LYS I 103 23.36 -26.54 -18.35
N VAL I 104 22.07 -26.86 -18.50
CA VAL I 104 21.01 -26.07 -17.87
C VAL I 104 20.18 -26.87 -16.89
N GLU I 105 20.30 -26.51 -15.62
CA GLU I 105 19.42 -26.98 -14.55
C GLU I 105 18.22 -26.03 -14.37
N ILE I 106 17.06 -26.60 -14.05
CA ILE I 106 15.86 -25.82 -13.73
C ILE I 106 15.73 -25.51 -12.24
N LYS I 107 16.29 -24.36 -11.82
CA LYS I 107 16.04 -23.81 -10.49
C LYS I 107 14.54 -23.91 -10.17
N ARG I 108 14.24 -24.62 -9.10
CA ARG I 108 12.87 -24.97 -8.79
C ARG I 108 12.56 -24.51 -7.35
N THR I 109 11.44 -24.96 -6.83
CA THR I 109 10.99 -24.60 -5.49
C THR I 109 11.18 -25.75 -4.49
N VAL I 110 12.05 -25.49 -3.50
CA VAL I 110 12.50 -26.49 -2.49
C VAL I 110 11.47 -27.58 -2.14
N ALA I 111 11.93 -28.82 -2.11
CA ALA I 111 11.05 -29.96 -1.94
C ALA I 111 11.78 -31.16 -1.34
N ALA I 112 11.15 -31.78 -0.34
CA ALA I 112 11.80 -32.75 0.54
C ALA I 112 11.54 -34.22 0.17
N PRO I 113 12.57 -35.08 0.32
CA PRO I 113 12.52 -36.45 -0.20
C PRO I 113 11.63 -37.41 0.57
N SER I 114 10.79 -38.16 -0.13
CA SER I 114 10.11 -39.30 0.47
C SER I 114 11.18 -40.38 0.71
N VAL I 115 11.47 -40.65 1.98
CA VAL I 115 12.56 -41.56 2.36
C VAL I 115 12.06 -42.99 2.53
N PHE I 116 12.86 -43.92 2.01
CA PHE I 116 12.58 -45.36 2.08
C PHE I 116 13.88 -46.16 2.19
N ILE I 117 13.82 -47.28 2.88
CA ILE I 117 14.98 -48.14 3.07
C ILE I 117 14.58 -49.59 2.75
N PHE I 118 15.39 -50.26 1.94
CA PHE I 118 15.05 -51.59 1.41
C PHE I 118 16.05 -52.67 1.88
N PRO I 119 15.57 -53.61 2.72
CA PRO I 119 16.45 -54.60 3.37
C PRO I 119 16.91 -55.71 2.42
N PRO I 120 17.95 -56.48 2.79
CA PRO I 120 18.46 -57.50 1.87
C PRO I 120 17.45 -58.59 1.61
N SER I 121 17.38 -59.04 0.36
CA SER I 121 16.48 -60.10 -0.06
C SER I 121 16.82 -61.39 0.65
N ASP I 122 15.86 -62.32 0.65
CA ASP I 122 16.16 -63.66 1.09
C ASP I 122 16.79 -64.43 -0.05
N GLU I 123 16.27 -64.23 -1.26
CA GLU I 123 16.84 -64.86 -2.45
C GLU I 123 18.31 -64.45 -2.64
N GLN I 124 18.69 -63.30 -2.07
CA GLN I 124 20.04 -62.78 -2.21
C GLN I 124 21.01 -63.36 -1.17
N LEU I 125 20.55 -63.49 0.07
CA LEU I 125 21.41 -63.83 1.20
C LEU I 125 22.00 -65.24 1.15
N LYS I 126 21.61 -66.00 0.12
CA LYS I 126 22.05 -67.37 -0.04
C LYS I 126 23.25 -67.54 -0.99
N SER I 127 23.90 -66.44 -1.35
CA SER I 127 24.99 -66.50 -2.34
C SER I 127 26.35 -66.09 -1.79
N GLY I 128 26.40 -64.94 -1.12
CA GLY I 128 27.65 -64.39 -0.58
C GLY I 128 27.52 -63.08 0.17
N THR I 129 26.82 -62.11 -0.41
CA THR I 129 26.74 -60.77 0.16
C THR I 129 25.30 -60.25 0.27
N ALA I 130 25.11 -59.22 1.09
CA ALA I 130 23.79 -58.63 1.33
C ALA I 130 23.81 -57.11 1.18
N SER I 131 22.84 -56.57 0.44
CA SER I 131 22.82 -55.13 0.13
C SER I 131 21.58 -54.38 0.63
N VAL I 132 21.81 -53.42 1.52
CA VAL I 132 20.75 -52.53 2.00
C VAL I 132 20.70 -51.18 1.26
N VAL I 133 19.50 -50.85 0.80
CA VAL I 133 19.28 -49.75 -0.14
C VAL I 133 18.48 -48.66 0.52
N CYS I 134 18.88 -47.42 0.28
CA CYS I 134 18.12 -46.29 0.76
C CYS I 134 17.77 -45.33 -0.35
N LEU I 135 16.47 -45.16 -0.59
CA LEU I 135 15.96 -44.25 -1.60
C LEU I 135 15.59 -42.88 -1.02
N LEU I 136 15.92 -41.83 -1.76
CA LEU I 136 15.42 -40.49 -1.49
C LEU I 136 14.61 -40.04 -2.71
N ASN I 137 13.28 -40.13 -2.63
CA ASN I 137 12.44 -39.90 -3.81
C ASN I 137 11.99 -38.45 -3.98
N ASN I 138 12.38 -37.85 -5.11
CA ASN I 138 11.87 -36.55 -5.58
C ASN I 138 12.13 -35.37 -4.66
N PHE I 139 13.35 -34.86 -4.67
CA PHE I 139 13.68 -33.73 -3.80
C PHE I 139 14.39 -32.60 -4.53
N TYR I 140 14.27 -31.39 -3.99
CA TYR I 140 15.03 -30.24 -4.48
C TYR I 140 15.51 -29.45 -3.26
N PRO I 141 16.77 -28.97 -3.26
CA PRO I 141 17.79 -29.12 -4.29
C PRO I 141 18.46 -30.49 -4.23
N ARG I 142 19.66 -30.55 -4.81
CA ARG I 142 20.41 -31.80 -5.01
C ARG I 142 21.22 -32.19 -3.77
N GLU I 143 21.76 -31.17 -3.10
CA GLU I 143 22.63 -31.34 -1.94
C GLU I 143 21.95 -32.06 -0.77
N ALA I 144 22.34 -33.32 -0.55
CA ALA I 144 21.72 -34.20 0.45
C ALA I 144 22.69 -35.26 1.00
N LYS I 145 22.78 -35.35 2.33
CA LYS I 145 23.71 -36.29 2.98
C LYS I 145 22.95 -37.44 3.62
N VAL I 146 23.51 -38.64 3.52
CA VAL I 146 22.79 -39.85 3.89
C VAL I 146 23.74 -40.77 4.66
N GLN I 147 23.59 -40.83 5.98
CA GLN I 147 24.45 -41.72 6.77
C GLN I 147 23.73 -43.00 7.13
N TRP I 148 24.39 -44.12 6.83
CA TRP I 148 23.98 -45.41 7.34
C TRP I 148 24.54 -45.59 8.74
N LYS I 149 23.81 -46.33 9.58
CA LYS I 149 24.32 -46.76 10.87
C LYS I 149 23.77 -48.10 11.30
N VAL I 150 24.68 -49.06 11.48
CA VAL I 150 24.33 -50.42 11.90
C VAL I 150 24.44 -50.50 13.42
N ASP I 151 23.29 -50.75 14.07
CA ASP I 151 23.18 -50.70 15.54
C ASP I 151 23.85 -49.43 16.07
N ASN I 152 23.32 -48.30 15.59
CA ASN I 152 23.85 -46.97 15.88
C ASN I 152 25.37 -46.85 15.83
N ALA I 153 25.96 -47.38 14.76
CA ALA I 153 27.39 -47.18 14.48
C ALA I 153 27.56 -46.68 13.03
N LEU I 154 28.17 -45.49 12.89
CA LEU I 154 28.44 -44.83 11.59
C LEU I 154 29.08 -45.75 10.53
N GLN I 155 29.30 -45.25 9.31
CA GLN I 155 29.69 -46.13 8.18
C GLN I 155 30.91 -45.76 7.30
N SER I 156 31.41 -44.54 7.42
CA SER I 156 32.62 -44.09 6.69
C SER I 156 32.69 -44.38 5.17
N GLY I 157 33.03 -45.64 4.82
CA GLY I 157 33.23 -46.00 3.41
C GLY I 157 32.93 -47.44 2.99
N ASN I 158 31.70 -47.89 3.22
CA ASN I 158 31.27 -49.22 2.77
C ASN I 158 30.01 -49.18 1.90
N SER I 159 29.55 -47.96 1.61
CA SER I 159 28.39 -47.72 0.75
C SER I 159 28.76 -46.79 -0.41
N GLN I 160 27.87 -46.72 -1.40
CA GLN I 160 28.09 -45.93 -2.60
C GLN I 160 26.79 -45.26 -3.05
N GLU I 161 26.87 -44.03 -3.55
CA GLU I 161 25.68 -43.29 -3.95
C GLU I 161 25.57 -43.17 -5.47
N SER I 162 24.33 -43.13 -5.94
CA SER I 162 24.04 -42.77 -7.33
C SER I 162 22.77 -41.94 -7.36
N VAL I 163 22.88 -40.70 -7.84
CA VAL I 163 21.75 -39.78 -7.94
C VAL I 163 21.22 -39.69 -9.39
N THR I 164 19.91 -39.49 -9.56
CA THR I 164 19.30 -39.29 -10.88
C THR I 164 19.48 -37.87 -11.43
N GLU I 165 19.23 -37.70 -12.72
CA GLU I 165 19.24 -36.37 -13.31
C GLU I 165 17.84 -35.77 -13.28
N GLN I 166 17.80 -34.43 -13.14
CA GLN I 166 16.60 -33.67 -12.87
C GLN I 166 15.40 -34.11 -13.69
N ASP I 167 14.24 -34.14 -13.05
CA ASP I 167 13.02 -34.66 -13.66
C ASP I 167 12.47 -33.81 -14.80
N SER I 168 11.99 -34.47 -15.86
CA SER I 168 11.35 -33.77 -16.98
C SER I 168 10.01 -33.13 -16.64
N LYS I 169 9.35 -33.63 -15.60
CA LYS I 169 8.01 -33.16 -15.25
C LYS I 169 7.99 -32.31 -13.99
N ASP I 170 8.52 -32.83 -12.89
CA ASP I 170 8.48 -32.13 -11.59
C ASP I 170 9.83 -31.57 -11.13
N SER I 171 10.80 -31.57 -12.05
CA SER I 171 12.14 -31.00 -11.83
C SER I 171 12.90 -31.37 -10.52
N THR I 172 12.78 -32.62 -10.10
CA THR I 172 13.44 -33.07 -8.87
C THR I 172 14.38 -34.26 -9.03
N TYR I 173 15.30 -34.37 -8.08
CA TYR I 173 16.28 -35.43 -8.05
C TYR I 173 15.82 -36.55 -7.16
N SER I 174 16.45 -37.70 -7.34
CA SER I 174 16.26 -38.86 -6.50
C SER I 174 17.64 -39.46 -6.28
N LEU I 175 17.89 -39.98 -5.07
CA LEU I 175 19.21 -40.49 -4.69
C LEU I 175 19.11 -41.89 -4.11
N SER I 176 20.03 -42.76 -4.52
CA SER I 176 20.09 -44.14 -4.06
C SER I 176 21.50 -44.50 -3.63
N SER I 177 21.68 -44.71 -2.33
CA SER I 177 22.93 -45.23 -1.78
C SER I 177 22.80 -46.72 -1.58
N THR I 178 23.91 -47.44 -1.76
CA THR I 178 23.89 -48.88 -1.60
C THR I 178 24.97 -49.32 -0.64
N LEU I 179 24.51 -49.71 0.55
CA LEU I 179 25.35 -50.32 1.56
C LEU I 179 25.50 -51.81 1.28
N THR I 180 26.74 -52.19 0.98
CA THR I 180 27.10 -53.57 0.68
C THR I 180 27.96 -54.12 1.83
N LEU I 181 27.39 -55.08 2.57
CA LEU I 181 28.08 -55.79 3.65
C LEU I 181 27.89 -57.30 3.50
N SER I 182 28.94 -58.05 3.81
CA SER I 182 28.93 -59.52 3.65
C SER I 182 27.87 -60.20 4.53
N LYS I 183 27.38 -61.35 4.05
CA LYS I 183 26.30 -62.10 4.70
C LYS I 183 26.58 -62.31 6.18
N ALA I 184 27.71 -62.95 6.48
CA ALA I 184 28.14 -63.14 7.86
C ALA I 184 27.96 -61.87 8.71
N ASP I 185 28.42 -60.74 8.18
CA ASP I 185 28.39 -59.47 8.91
C ASP I 185 27.02 -58.78 8.93
N TYR I 186 26.14 -59.16 8.01
CA TYR I 186 24.74 -58.74 8.10
C TYR I 186 24.06 -59.57 9.19
N GLU I 187 24.55 -60.79 9.39
CA GLU I 187 24.06 -61.65 10.46
C GLU I 187 24.55 -61.22 11.84
N LYS I 188 25.71 -60.56 11.89
CA LYS I 188 26.30 -60.11 13.16
C LYS I 188 25.50 -59.01 13.92
N HIS I 189 24.61 -58.30 13.22
CA HIS I 189 23.90 -57.16 13.81
C HIS I 189 22.40 -57.24 13.54
N LYS I 190 21.62 -56.34 14.15
CA LYS I 190 20.15 -56.45 14.05
C LYS I 190 19.42 -55.19 13.53
N VAL I 191 19.69 -54.04 14.14
CA VAL I 191 19.01 -52.80 13.76
C VAL I 191 19.78 -52.00 12.69
N TYR I 192 19.14 -51.88 11.52
CA TYR I 192 19.74 -51.20 10.38
C TYR I 192 19.01 -49.91 10.06
N ALA I 193 19.77 -48.83 9.92
CA ALA I 193 19.19 -47.50 9.73
C ALA I 193 19.84 -46.71 8.59
N CYS I 194 19.01 -45.97 7.88
CA CYS I 194 19.44 -44.95 6.92
C CYS I 194 18.96 -43.59 7.42
N GLU I 195 19.89 -42.65 7.53
CA GLU I 195 19.62 -41.37 8.14
C GLU I 195 19.88 -40.22 7.16
N VAL I 196 18.79 -39.68 6.62
CA VAL I 196 18.83 -38.64 5.58
C VAL I 196 18.81 -37.25 6.20
N THR I 197 19.57 -36.32 5.62
CA THR I 197 19.47 -34.90 5.95
C THR I 197 19.36 -34.07 4.67
N HIS I 198 18.30 -33.26 4.58
CA HIS I 198 18.04 -32.42 3.42
C HIS I 198 17.58 -31.04 3.86
N GLN I 199 17.60 -30.07 2.94
CA GLN I 199 17.15 -28.72 3.25
C GLN I 199 15.64 -28.71 3.49
N GLY I 200 14.93 -29.53 2.72
CA GLY I 200 13.48 -29.68 2.82
C GLY I 200 12.99 -30.03 4.21
N LEU I 201 13.49 -31.13 4.76
CA LEU I 201 13.20 -31.52 6.14
C LEU I 201 13.98 -30.62 7.12
N SER I 202 13.33 -30.19 8.21
CA SER I 202 14.00 -29.38 9.23
C SER I 202 14.62 -30.27 10.32
N SER I 203 14.14 -31.50 10.43
CA SER I 203 14.75 -32.50 11.29
C SER I 203 15.01 -33.81 10.53
N PRO I 204 16.30 -34.20 10.43
CA PRO I 204 16.77 -35.45 9.88
C PRO I 204 15.84 -36.64 10.04
N VAL I 205 15.12 -36.98 8.98
CA VAL I 205 14.27 -38.16 8.94
C VAL I 205 15.14 -39.40 8.84
N THR I 206 14.90 -40.35 9.75
CA THR I 206 15.57 -41.65 9.73
C THR I 206 14.55 -42.71 9.38
N LYS I 207 14.88 -43.53 8.39
CA LYS I 207 14.10 -44.74 8.19
C LYS I 207 14.98 -45.91 8.58
N SER I 208 14.41 -46.86 9.33
CA SER I 208 15.14 -48.03 9.78
C SER I 208 14.27 -49.28 9.79
N PHE I 209 14.93 -50.44 9.78
CA PHE I 209 14.26 -51.72 9.87
C PHE I 209 14.99 -52.60 10.88
N ASN I 210 14.22 -53.41 11.60
CA ASN I 210 14.76 -54.47 12.43
C ASN I 210 14.65 -55.77 11.62
N ARG I 211 15.68 -56.61 11.74
CA ARG I 211 15.82 -57.81 10.90
C ARG I 211 14.75 -58.91 11.08
N GLY I 212 13.70 -58.59 11.86
CA GLY I 212 12.60 -59.51 12.11
C GLY I 212 11.63 -59.63 10.94
N GLU I 213 10.35 -59.81 11.26
CA GLU I 213 9.30 -60.07 10.25
C GLU I 213 9.75 -61.12 9.23
N CYS I 214 9.81 -62.37 9.71
CA CYS I 214 10.46 -63.46 8.99
C CYS I 214 9.67 -64.77 9.01
#